data_9NLL
# 
_entry.id   9NLL 
# 
_audit_conform.dict_name       mmcif_pdbx.dic 
_audit_conform.dict_version    5.404 
_audit_conform.dict_location   http://mmcif.pdb.org/dictionaries/ascii/mmcif_pdbx.dic 
# 
loop_
_database_2.database_id 
_database_2.database_code 
_database_2.pdbx_database_accession 
_database_2.pdbx_DOI 
PDB   9NLL         pdb_00009nll 10.2210/pdb9nll/pdb 
WWPDB D_1000293621 ?            ?                   
# 
_pdbx_audit_revision_history.ordinal             1 
_pdbx_audit_revision_history.data_content_type   'Structure model' 
_pdbx_audit_revision_history.major_revision      1 
_pdbx_audit_revision_history.minor_revision      0 
_pdbx_audit_revision_history.revision_date       2025-06-11 
_pdbx_audit_revision_history.part_number         ? 
# 
_pdbx_audit_revision_details.ordinal             1 
_pdbx_audit_revision_details.revision_ordinal    1 
_pdbx_audit_revision_details.data_content_type   'Structure model' 
_pdbx_audit_revision_details.provider            repository 
_pdbx_audit_revision_details.type                'Initial release' 
_pdbx_audit_revision_details.description         ? 
_pdbx_audit_revision_details.details             ? 
# 
_pdbx_database_status.status_code                     REL 
_pdbx_database_status.status_code_sf                  REL 
_pdbx_database_status.status_code_mr                  ? 
_pdbx_database_status.entry_id                        9NLL 
_pdbx_database_status.recvd_initial_deposition_date   2025-03-03 
_pdbx_database_status.SG_entry                        N 
_pdbx_database_status.deposit_site                    RCSB 
_pdbx_database_status.process_site                    RCSB 
_pdbx_database_status.status_code_cs                  ? 
_pdbx_database_status.status_code_nmr_data            ? 
_pdbx_database_status.methods_development_category    ? 
_pdbx_database_status.pdb_format_compatible           Y 
# 
_pdbx_contact_author.id                 4 
_pdbx_contact_author.email              rs17@nyu.edu 
_pdbx_contact_author.name_first         Ruojie 
_pdbx_contact_author.name_last          Sha 
_pdbx_contact_author.name_mi            ? 
_pdbx_contact_author.role               'principal investigator/group leader' 
_pdbx_contact_author.identifier_ORCID   0000-0002-0807-734X 
# 
loop_
_audit_author.name 
_audit_author.pdbx_ordinal 
_audit_author.identifier_ORCID 
'Horvath, A.'   1 0009-0008-5770-8014 
'Vecchioni, S.' 2 0000-0001-8243-650X 
'Woloszyn, K.'  3 0000-0003-1200-583X 
'Ohayon, Y.P.'  4 0000-0001-7500-4282 
'Sha, R.'       5 0000-0002-0807-734X 
# 
_citation.abstract                  ? 
_citation.abstract_id_CAS           ? 
_citation.book_id_ISBN              ? 
_citation.book_publisher            ? 
_citation.book_publisher_city       ? 
_citation.book_title                ? 
_citation.coordinate_linkage        ? 
_citation.country                   ? 
_citation.database_id_Medline       ? 
_citation.details                   ? 
_citation.id                        primary 
_citation.journal_abbrev            'To Be Published' 
_citation.journal_id_ASTM           ? 
_citation.journal_id_CSD            0353 
_citation.journal_id_ISSN           ? 
_citation.journal_full              ? 
_citation.journal_issue             ? 
_citation.journal_volume            ? 
_citation.language                  ? 
_citation.page_first                ? 
_citation.page_last                 ? 
_citation.title                     'Shifted tensegrity triangles' 
_citation.year                      ? 
_citation.database_id_CSD           ? 
_citation.pdbx_database_id_DOI      ? 
_citation.pdbx_database_id_PubMed   ? 
_citation.pdbx_database_id_patent   ? 
_citation.unpublished_flag          ? 
# 
loop_
_citation_author.citation_id 
_citation_author.name 
_citation_author.ordinal 
_citation_author.identifier_ORCID 
primary 'Horvath, A.'   1 0009-0008-5770-8014 
primary 'Vecchioni, S.' 2 0000-0001-8243-650X 
primary 'Woloszyn, K.'  3 0000-0003-1200-583X 
primary 'Ohayon, Y.P.'  4 0000-0001-7500-4282 
primary 'Sha, R.'       5 0000-0002-0807-734X 
# 
loop_
_entity.id 
_entity.type 
_entity.src_method 
_entity.pdbx_description 
_entity.formula_weight 
_entity.pdbx_number_of_molecules 
_entity.pdbx_ec 
_entity.pdbx_mutation 
_entity.pdbx_fragment 
_entity.details 
1 polymer syn 
;DNA (5'-D(*GP*TP*GP*CP*GP*TP*GP*TP*GP*AP*CP*TP*GP*T)-3')
;
4342.812 1 ? ? ? ? 
2 polymer syn 
;DNA (5'-D(AP*CP*GP*GP*AP*CP*AP*GP*T*CP*AP*CP*AP*CP*GP*CP*A)-3')
;
5190.390 1 ? ? ? ? 
3 polymer syn 
;DNA (5'-D(P*AP*CP*AP*CP*CP*GP*T)-3')
;
2082.400 1 ? ? ? ? 
4 polymer syn 
;DNA (5'-D(*CP*TP*GP*TP*A)-3')
;
1495.023 1 ? ? ? ? 
# 
loop_
_entity_poly.entity_id 
_entity_poly.type 
_entity_poly.nstd_linkage 
_entity_poly.nstd_monomer 
_entity_poly.pdbx_seq_one_letter_code 
_entity_poly.pdbx_seq_one_letter_code_can 
_entity_poly.pdbx_strand_id 
_entity_poly.pdbx_target_identifier 
1 polydeoxyribonucleotide no no '(DG)(DT)(DG)(DC)(DG)(DT)(DG)(DT)(DG)(DA)(DC)(DT)(DG)(DT)'             GTGCGTGTGACTGT    A ? 
2 polydeoxyribonucleotide no no '(DA)(DC)(DG)(DG)(DA)(DC)(DA)(DG)(DT)(DC)(DA)(DC)(DA)(DC)(DG)(DC)(DA)' ACGGACAGTCACACGCA B ? 
3 polydeoxyribonucleotide no no '(DA)(DC)(DA)(DC)(DC)(DG)(DT)'                                         ACACCGT           C ? 
4 polydeoxyribonucleotide no no '(DC)(DT)(DG)(DT)(DA)'                                                 CTGTA             F ? 
# 
loop_
_entity_poly_seq.entity_id 
_entity_poly_seq.num 
_entity_poly_seq.mon_id 
_entity_poly_seq.hetero 
1 1  DG n 
1 2  DT n 
1 3  DG n 
1 4  DC n 
1 5  DG n 
1 6  DT n 
1 7  DG n 
1 8  DT n 
1 9  DG n 
1 10 DA n 
1 11 DC n 
1 12 DT n 
1 13 DG n 
1 14 DT n 
2 1  DA n 
2 2  DC n 
2 3  DG n 
2 4  DG n 
2 5  DA n 
2 6  DC n 
2 7  DA n 
2 8  DG n 
2 9  DT n 
2 10 DC n 
2 11 DA n 
2 12 DC n 
2 13 DA n 
2 14 DC n 
2 15 DG n 
2 16 DC n 
2 17 DA n 
3 1  DA n 
3 2  DC n 
3 3  DA n 
3 4  DC n 
3 5  DC n 
3 6  DG n 
3 7  DT n 
4 1  DC n 
4 2  DT n 
4 3  DG n 
4 4  DT n 
4 5  DA n 
# 
loop_
_pdbx_entity_src_syn.entity_id 
_pdbx_entity_src_syn.pdbx_src_id 
_pdbx_entity_src_syn.pdbx_alt_source_flag 
_pdbx_entity_src_syn.pdbx_beg_seq_num 
_pdbx_entity_src_syn.pdbx_end_seq_num 
_pdbx_entity_src_syn.organism_scientific 
_pdbx_entity_src_syn.organism_common_name 
_pdbx_entity_src_syn.ncbi_taxonomy_id 
_pdbx_entity_src_syn.details 
1 1 sample 1 14 'synthetic construct' ? 32630 ? 
2 1 sample 1 17 'synthetic construct' ? 32630 ? 
3 1 sample 1 7  'synthetic construct' ? 32630 ? 
4 1 sample 1 5  'synthetic construct' ? 32630 ? 
# 
loop_
_chem_comp.id 
_chem_comp.type 
_chem_comp.mon_nstd_flag 
_chem_comp.name 
_chem_comp.pdbx_synonyms 
_chem_comp.formula 
_chem_comp.formula_weight 
DA 'DNA linking' y "2'-DEOXYADENOSINE-5'-MONOPHOSPHATE" ? 'C10 H14 N5 O6 P' 331.222 
DC 'DNA linking' y "2'-DEOXYCYTIDINE-5'-MONOPHOSPHATE"  ? 'C9 H14 N3 O7 P'  307.197 
DG 'DNA linking' y "2'-DEOXYGUANOSINE-5'-MONOPHOSPHATE" ? 'C10 H14 N5 O7 P' 347.221 
DT 'DNA linking' y "THYMIDINE-5'-MONOPHOSPHATE"         ? 'C10 H15 N2 O8 P' 322.208 
# 
loop_
_pdbx_poly_seq_scheme.asym_id 
_pdbx_poly_seq_scheme.entity_id 
_pdbx_poly_seq_scheme.seq_id 
_pdbx_poly_seq_scheme.mon_id 
_pdbx_poly_seq_scheme.ndb_seq_num 
_pdbx_poly_seq_scheme.pdb_seq_num 
_pdbx_poly_seq_scheme.auth_seq_num 
_pdbx_poly_seq_scheme.pdb_mon_id 
_pdbx_poly_seq_scheme.auth_mon_id 
_pdbx_poly_seq_scheme.pdb_strand_id 
_pdbx_poly_seq_scheme.pdb_ins_code 
_pdbx_poly_seq_scheme.hetero 
A 1 1  DG 1  1  1  DG DG A . n 
A 1 2  DT 2  2  2  DT DT A . n 
A 1 3  DG 3  3  3  DG DG A . n 
A 1 4  DC 4  4  4  DC DC A . n 
A 1 5  DG 5  5  5  DG DG A . n 
A 1 6  DT 6  6  6  DT DT A . n 
A 1 7  DG 7  7  7  DG DG A . n 
A 1 8  DT 8  8  8  DT DT A . n 
A 1 9  DG 9  9  9  DG DG A . n 
A 1 10 DA 10 10 10 DA DA A . n 
A 1 11 DC 11 11 11 DC DC A . n 
A 1 12 DT 12 12 12 DT DT A . n 
A 1 13 DG 13 13 13 DG DG A . n 
A 1 14 DT 14 14 14 DT DT A . n 
B 2 1  DA 1  6  6  DA DA B . n 
B 2 2  DC 2  7  7  DC DC B . n 
B 2 3  DG 3  8  8  DG DG B . n 
B 2 4  DG 4  9  9  DG DG B . n 
B 2 5  DA 5  10 10 DA DA B . n 
B 2 6  DC 6  11 11 DC DC B . n 
B 2 7  DA 7  12 12 DA DA B . n 
B 2 8  DG 8  13 13 DG DG B . n 
B 2 9  DT 9  14 14 DT DT B . n 
B 2 10 DC 10 15 15 DC DC B . n 
B 2 11 DA 11 16 16 DA DA B . n 
B 2 12 DC 12 17 17 DC DC B . n 
B 2 13 DA 13 18 18 DA DA B . n 
B 2 14 DC 14 19 19 DC DC B . n 
B 2 15 DG 15 20 20 DG DG B . n 
B 2 16 DC 16 21 21 DC DC B . n 
B 2 17 DA 17 22 22 DA DA B . n 
C 3 1  DA 1  19 19 DA DA C . n 
C 3 2  DC 2  20 20 DC DC C . n 
C 3 3  DA 3  21 21 DA DA C . n 
C 3 4  DC 4  22 22 DC DC C . n 
C 3 5  DC 5  23 23 DC DC C . n 
C 3 6  DG 6  24 24 DG DG C . n 
C 3 7  DT 7  25 25 DT DT C . n 
D 4 1  DC 1  2  2  DC DC F . n 
D 4 2  DT 2  3  3  DT DT F . n 
D 4 3  DG 3  4  4  DG DG F . n 
D 4 4  DT 4  5  5  DT DT F . n 
D 4 5  DA 5  6  ?  ?  ?  F . n 
# 
loop_
_software.citation_id 
_software.classification 
_software.compiler_name 
_software.compiler_version 
_software.contact_author 
_software.contact_author_email 
_software.date 
_software.description 
_software.dependencies 
_software.hardware 
_software.language 
_software.location 
_software.mods 
_software.name 
_software.os 
_software.os_version 
_software.type 
_software.version 
_software.pdbx_ordinal 
? refinement       ? ? ? ? ? ? ? ? ? ? ? PHENIX    ? ? ? 1.20.1_4487 1 
? 'data reduction' ? ? ? ? ? ? ? ? ? ? ? autoPROC  ? ? ? .           2 
? 'data scaling'   ? ? ? ? ? ? ? ? ? ? ? STARANISO ? ? ? .           3 
? phasing          ? ? ? ? ? ? ? ? ? ? ? PHASER    ? ? ? .           4 
# 
_cell.angle_alpha                  90.000 
_cell.angle_alpha_esd              ? 
_cell.angle_beta                   90.000 
_cell.angle_beta_esd               ? 
_cell.angle_gamma                  120.000 
_cell.angle_gamma_esd              ? 
_cell.entry_id                     9NLL 
_cell.details                      ? 
_cell.formula_units_Z              ? 
_cell.length_a                     112.826 
_cell.length_a_esd                 ? 
_cell.length_b                     112.826 
_cell.length_b_esd                 ? 
_cell.length_c                     67.542 
_cell.length_c_esd                 ? 
_cell.volume                       744599.827 
_cell.volume_esd                   ? 
_cell.Z_PDB                        9 
_cell.reciprocal_angle_alpha       ? 
_cell.reciprocal_angle_beta        ? 
_cell.reciprocal_angle_gamma       ? 
_cell.reciprocal_angle_alpha_esd   ? 
_cell.reciprocal_angle_beta_esd    ? 
_cell.reciprocal_angle_gamma_esd   ? 
_cell.reciprocal_length_a          ? 
_cell.reciprocal_length_b          ? 
_cell.reciprocal_length_c          ? 
_cell.reciprocal_length_a_esd      ? 
_cell.reciprocal_length_b_esd      ? 
_cell.reciprocal_length_c_esd      ? 
_cell.pdbx_unique_axis             ? 
_cell.pdbx_esd_method              ? 
# 
_symmetry.entry_id                         9NLL 
_symmetry.cell_setting                     ? 
_symmetry.Int_Tables_number                146 
_symmetry.space_group_name_Hall            'R 3' 
_symmetry.space_group_name_H-M             'H 3' 
_symmetry.pdbx_full_space_group_name_H-M   ? 
# 
_exptl.absorpt_coefficient_mu     ? 
_exptl.absorpt_correction_T_max   ? 
_exptl.absorpt_correction_T_min   ? 
_exptl.absorpt_correction_type    ? 
_exptl.absorpt_process_details    ? 
_exptl.entry_id                   9NLL 
_exptl.crystals_number            1 
_exptl.details                    ? 
_exptl.method                     'X-RAY DIFFRACTION' 
_exptl.method_details             ? 
# 
_exptl_crystal.colour                       ? 
_exptl_crystal.density_diffrn               ? 
_exptl_crystal.density_Matthews             6.46 
_exptl_crystal.density_method               ? 
_exptl_crystal.density_percent_sol          80.97 
_exptl_crystal.description                  ? 
_exptl_crystal.F_000                        ? 
_exptl_crystal.id                           1 
_exptl_crystal.preparation                  ? 
_exptl_crystal.size_max                     ? 
_exptl_crystal.size_mid                     ? 
_exptl_crystal.size_min                     ? 
_exptl_crystal.size_rad                     ? 
_exptl_crystal.colour_lustre                ? 
_exptl_crystal.colour_modifier              ? 
_exptl_crystal.colour_primary               ? 
_exptl_crystal.density_meas                 ? 
_exptl_crystal.density_meas_esd             ? 
_exptl_crystal.density_meas_gt              ? 
_exptl_crystal.density_meas_lt              ? 
_exptl_crystal.density_meas_temp            ? 
_exptl_crystal.density_meas_temp_esd        ? 
_exptl_crystal.density_meas_temp_gt         ? 
_exptl_crystal.density_meas_temp_lt         ? 
_exptl_crystal.pdbx_crystal_image_url       ? 
_exptl_crystal.pdbx_crystal_image_format    ? 
_exptl_crystal.pdbx_mosaicity               ? 
_exptl_crystal.pdbx_mosaicity_esd           ? 
_exptl_crystal.pdbx_mosaic_method           ? 
_exptl_crystal.pdbx_mosaic_block_size       ? 
_exptl_crystal.pdbx_mosaic_block_size_esd   ? 
# 
_exptl_crystal_grow.apparatus       ? 
_exptl_crystal_grow.atmosphere      ? 
_exptl_crystal_grow.crystal_id      1 
_exptl_crystal_grow.details         ? 
_exptl_crystal_grow.method          'VAPOR DIFFUSION, HANGING DROP' 
_exptl_crystal_grow.method_ref      ? 
_exptl_crystal_grow.pH              ? 
_exptl_crystal_grow.pressure        ? 
_exptl_crystal_grow.pressure_esd    ? 
_exptl_crystal_grow.seeding         ? 
_exptl_crystal_grow.seeding_ref     ? 
_exptl_crystal_grow.temp_details    '338-293 at 0.4/hr' 
_exptl_crystal_grow.temp_esd        ? 
_exptl_crystal_grow.time            ? 
_exptl_crystal_grow.pdbx_details    '100 mM MOPS, 1.25 M magnesium sulfate' 
_exptl_crystal_grow.pdbx_pH_range   ? 
_exptl_crystal_grow.temp            293 
# 
_diffrn.ambient_environment              ? 
_diffrn.ambient_temp                     100 
_diffrn.ambient_temp_details             ? 
_diffrn.ambient_temp_esd                 ? 
_diffrn.crystal_id                       1 
_diffrn.crystal_support                  ? 
_diffrn.crystal_treatment                ? 
_diffrn.details                          ? 
_diffrn.id                               1 
_diffrn.ambient_pressure                 ? 
_diffrn.ambient_pressure_esd             ? 
_diffrn.ambient_pressure_gt              ? 
_diffrn.ambient_pressure_lt              ? 
_diffrn.ambient_temp_gt                  ? 
_diffrn.ambient_temp_lt                  ? 
_diffrn.pdbx_serial_crystal_experiment   N 
# 
_diffrn_detector.details                      ? 
_diffrn_detector.detector                     PIXEL 
_diffrn_detector.diffrn_id                    1 
_diffrn_detector.type                         'DECTRIS EIGER X 9M' 
_diffrn_detector.area_resol_mean              ? 
_diffrn_detector.dtime                        ? 
_diffrn_detector.pdbx_frames_total            ? 
_diffrn_detector.pdbx_collection_time_total   ? 
_diffrn_detector.pdbx_collection_date         2023-03-19 
_diffrn_detector.pdbx_frequency               ? 
_diffrn_detector.id                           ? 
_diffrn_detector.number_of_axes               ? 
# 
_diffrn_radiation.collimation                      ? 
_diffrn_radiation.diffrn_id                        1 
_diffrn_radiation.filter_edge                      ? 
_diffrn_radiation.inhomogeneity                    ? 
_diffrn_radiation.monochromator                    ? 
_diffrn_radiation.polarisn_norm                    ? 
_diffrn_radiation.polarisn_ratio                   ? 
_diffrn_radiation.probe                            ? 
_diffrn_radiation.type                             ? 
_diffrn_radiation.xray_symbol                      ? 
_diffrn_radiation.wavelength_id                    1 
_diffrn_radiation.pdbx_monochromatic_or_laue_m_l   M 
_diffrn_radiation.pdbx_wavelength_list             ? 
_diffrn_radiation.pdbx_wavelength                  ? 
_diffrn_radiation.pdbx_diffrn_protocol             'SINGLE WAVELENGTH' 
_diffrn_radiation.pdbx_analyzer                    ? 
_diffrn_radiation.pdbx_scattering_type             x-ray 
# 
_diffrn_radiation_wavelength.id           1 
_diffrn_radiation_wavelength.wavelength   0.991870 
_diffrn_radiation_wavelength.wt           1.0 
# 
_diffrn_source.current                     ? 
_diffrn_source.details                     ? 
_diffrn_source.diffrn_id                   1 
_diffrn_source.power                       ? 
_diffrn_source.size                        ? 
_diffrn_source.source                      SYNCHROTRON 
_diffrn_source.target                      ? 
_diffrn_source.type                        'APS BEAMLINE 17-ID' 
_diffrn_source.voltage                     ? 
_diffrn_source.take-off_angle              ? 
_diffrn_source.pdbx_wavelength_list        0.991870 
_diffrn_source.pdbx_wavelength             ? 
_diffrn_source.pdbx_synchrotron_beamline   17-ID 
_diffrn_source.pdbx_synchrotron_site       APS 
# 
_reflns.B_iso_Wilson_estimate                          491.27 
_reflns.entry_id                                       9NLL 
_reflns.data_reduction_details                         ? 
_reflns.data_reduction_method                          ? 
_reflns.d_resolution_high                              6.603 
_reflns.d_resolution_low                               56.413 
_reflns.details                                        ? 
_reflns.limit_h_max                                    ? 
_reflns.limit_h_min                                    ? 
_reflns.limit_k_max                                    ? 
_reflns.limit_k_min                                    ? 
_reflns.limit_l_max                                    ? 
_reflns.limit_l_min                                    ? 
_reflns.number_all                                     ? 
_reflns.number_obs                                     540 
_reflns.observed_criterion                             ? 
_reflns.observed_criterion_F_max                       ? 
_reflns.observed_criterion_F_min                       ? 
_reflns.observed_criterion_I_max                       ? 
_reflns.observed_criterion_I_min                       ? 
_reflns.observed_criterion_sigma_F                     ? 
_reflns.observed_criterion_sigma_I                     ? 
_reflns.percent_possible_obs                           90.8 
_reflns.R_free_details                                 ? 
_reflns.Rmerge_F_all                                   ? 
_reflns.Rmerge_F_obs                                   ? 
_reflns.Friedel_coverage                               ? 
_reflns.number_gt                                      ? 
_reflns.threshold_expression                           ? 
_reflns.pdbx_redundancy                                8.2 
_reflns.pdbx_netI_over_av_sigmaI                       ? 
_reflns.pdbx_netI_over_sigmaI                          7.0 
_reflns.pdbx_res_netI_over_av_sigmaI_2                 ? 
_reflns.pdbx_res_netI_over_sigmaI_2                    ? 
_reflns.pdbx_chi_squared                               ? 
_reflns.pdbx_scaling_rejects                           ? 
_reflns.pdbx_d_res_high_opt                            ? 
_reflns.pdbx_d_res_low_opt                             ? 
_reflns.pdbx_d_res_opt_method                          ? 
_reflns.phase_calculation_details                      ? 
_reflns.pdbx_Rrim_I_all                                ? 
_reflns.pdbx_Rpim_I_all                                ? 
_reflns.pdbx_d_opt                                     ? 
_reflns.pdbx_number_measured_all                       ? 
_reflns.pdbx_diffrn_id                                 1 
_reflns.pdbx_ordinal                                   1 
_reflns.pdbx_CC_half                                   0.996 
_reflns.pdbx_CC_star                                   ? 
_reflns.pdbx_R_split                                   ? 
_reflns.pdbx_Rmerge_I_obs                              ? 
_reflns.pdbx_Rmerge_I_all                              ? 
_reflns.pdbx_Rsym_value                                ? 
_reflns.pdbx_CC_split_method                           ? 
_reflns.pdbx_aniso_diffraction_limit_axis_1_ortho[1]   ? 
_reflns.pdbx_aniso_diffraction_limit_axis_1_ortho[2]   ? 
_reflns.pdbx_aniso_diffraction_limit_axis_1_ortho[3]   ? 
_reflns.pdbx_aniso_diffraction_limit_axis_2_ortho[1]   ? 
_reflns.pdbx_aniso_diffraction_limit_axis_2_ortho[2]   ? 
_reflns.pdbx_aniso_diffraction_limit_axis_2_ortho[3]   ? 
_reflns.pdbx_aniso_diffraction_limit_axis_3_ortho[1]   ? 
_reflns.pdbx_aniso_diffraction_limit_axis_3_ortho[2]   ? 
_reflns.pdbx_aniso_diffraction_limit_axis_3_ortho[3]   ? 
_reflns.pdbx_aniso_diffraction_limit_1                 ? 
_reflns.pdbx_aniso_diffraction_limit_2                 ? 
_reflns.pdbx_aniso_diffraction_limit_3                 ? 
_reflns.pdbx_aniso_B_tensor_eigenvector_1_ortho[1]     ? 
_reflns.pdbx_aniso_B_tensor_eigenvector_1_ortho[2]     ? 
_reflns.pdbx_aniso_B_tensor_eigenvector_1_ortho[3]     ? 
_reflns.pdbx_aniso_B_tensor_eigenvector_2_ortho[1]     ? 
_reflns.pdbx_aniso_B_tensor_eigenvector_2_ortho[2]     ? 
_reflns.pdbx_aniso_B_tensor_eigenvector_2_ortho[3]     ? 
_reflns.pdbx_aniso_B_tensor_eigenvector_3_ortho[1]     ? 
_reflns.pdbx_aniso_B_tensor_eigenvector_3_ortho[2]     ? 
_reflns.pdbx_aniso_B_tensor_eigenvector_3_ortho[3]     ? 
_reflns.pdbx_aniso_B_tensor_eigenvalue_1               ? 
_reflns.pdbx_aniso_B_tensor_eigenvalue_2               ? 
_reflns.pdbx_aniso_B_tensor_eigenvalue_3               ? 
_reflns.pdbx_orthogonalization_convention              ? 
_reflns.pdbx_percent_possible_ellipsoidal              ? 
_reflns.pdbx_percent_possible_spherical                ? 
_reflns.pdbx_percent_possible_ellipsoidal_anomalous    ? 
_reflns.pdbx_percent_possible_spherical_anomalous      ? 
_reflns.pdbx_redundancy_anomalous                      ? 
_reflns.pdbx_CC_half_anomalous                         ? 
_reflns.pdbx_absDiff_over_sigma_anomalous              ? 
_reflns.pdbx_percent_possible_anomalous                ? 
_reflns.pdbx_observed_signal_threshold                 ? 
_reflns.pdbx_signal_type                               ? 
_reflns.pdbx_signal_details                            ? 
_reflns.pdbx_signal_software_id                        ? 
# 
loop_
_reflns_shell.d_res_high 
_reflns_shell.d_res_low 
_reflns_shell.meanI_over_sigI_all 
_reflns_shell.meanI_over_sigI_obs 
_reflns_shell.number_measured_all 
_reflns_shell.number_measured_obs 
_reflns_shell.number_possible 
_reflns_shell.number_unique_all 
_reflns_shell.number_unique_obs 
_reflns_shell.percent_possible_obs 
_reflns_shell.Rmerge_F_all 
_reflns_shell.Rmerge_F_obs 
_reflns_shell.meanI_over_sigI_gt 
_reflns_shell.meanI_over_uI_all 
_reflns_shell.meanI_over_uI_gt 
_reflns_shell.number_measured_gt 
_reflns_shell.number_unique_gt 
_reflns_shell.percent_possible_gt 
_reflns_shell.Rmerge_F_gt 
_reflns_shell.Rmerge_I_gt 
_reflns_shell.pdbx_redundancy 
_reflns_shell.pdbx_chi_squared 
_reflns_shell.pdbx_netI_over_sigmaI_all 
_reflns_shell.pdbx_netI_over_sigmaI_obs 
_reflns_shell.pdbx_Rrim_I_all 
_reflns_shell.pdbx_Rpim_I_all 
_reflns_shell.pdbx_rejects 
_reflns_shell.pdbx_ordinal 
_reflns_shell.pdbx_diffrn_id 
_reflns_shell.pdbx_CC_half 
_reflns_shell.pdbx_CC_star 
_reflns_shell.pdbx_R_split 
_reflns_shell.percent_possible_all 
_reflns_shell.Rmerge_I_all 
_reflns_shell.Rmerge_I_obs 
_reflns_shell.pdbx_Rsym_value 
_reflns_shell.pdbx_percent_possible_ellipsoidal 
_reflns_shell.pdbx_percent_possible_spherical 
_reflns_shell.pdbx_percent_possible_ellipsoidal_anomalous 
_reflns_shell.pdbx_percent_possible_spherical_anomalous 
_reflns_shell.pdbx_redundancy_anomalous 
_reflns_shell.pdbx_CC_half_anomalous 
_reflns_shell.pdbx_absDiff_over_sigma_anomalous 
_reflns_shell.pdbx_percent_possible_anomalous 
6.603 7.823  ? ? ? ? ? ? 182 ? ? ? ? ? ? ? ? ? ? ? ? ? ? ? ? ? ? 1 1 0.185 ? ? ? ? ? ? ? ? ? ? ? ? ? ? 
9.802 56.413 ? ? ? ? ? ? 178 ? ? ? ? ? ? ? ? ? ? ? ? ? ? ? ? ? ? 2 1 .995  ? ? ? ? ? ? ? ? ? ? ? ? ? ? 
# 
_refine.aniso_B[1][1]                            ? 
_refine.aniso_B[1][2]                            ? 
_refine.aniso_B[1][3]                            ? 
_refine.aniso_B[2][2]                            ? 
_refine.aniso_B[2][3]                            ? 
_refine.aniso_B[3][3]                            ? 
_refine.B_iso_max                                ? 
_refine.B_iso_mean                               647.96 
_refine.B_iso_min                                ? 
_refine.correlation_coeff_Fo_to_Fc               ? 
_refine.correlation_coeff_Fo_to_Fc_free          ? 
_refine.details                                  ? 
_refine.diff_density_max                         ? 
_refine.diff_density_max_esd                     ? 
_refine.diff_density_min                         ? 
_refine.diff_density_min_esd                     ? 
_refine.diff_density_rms                         ? 
_refine.diff_density_rms_esd                     ? 
_refine.entry_id                                 9NLL 
_refine.pdbx_refine_id                           'X-RAY DIFFRACTION' 
_refine.ls_abs_structure_details                 ? 
_refine.ls_abs_structure_Flack                   ? 
_refine.ls_abs_structure_Flack_esd               ? 
_refine.ls_abs_structure_Rogers                  ? 
_refine.ls_abs_structure_Rogers_esd              ? 
_refine.ls_d_res_high                            6.73 
_refine.ls_d_res_low                             32.57 
_refine.ls_extinction_coef                       ? 
_refine.ls_extinction_coef_esd                   ? 
_refine.ls_extinction_expression                 ? 
_refine.ls_extinction_method                     ? 
_refine.ls_goodness_of_fit_all                   ? 
_refine.ls_goodness_of_fit_all_esd               ? 
_refine.ls_goodness_of_fit_obs                   ? 
_refine.ls_goodness_of_fit_obs_esd               ? 
_refine.ls_hydrogen_treatment                    ? 
_refine.ls_matrix_type                           ? 
_refine.ls_number_constraints                    ? 
_refine.ls_number_parameters                     ? 
_refine.ls_number_reflns_all                     ? 
_refine.ls_number_reflns_obs                     497 
_refine.ls_number_reflns_R_free                  14 
_refine.ls_number_reflns_R_work                  483 
_refine.ls_number_restraints                     ? 
_refine.ls_percent_reflns_obs                    86.74 
_refine.ls_percent_reflns_R_free                 2.82 
_refine.ls_R_factor_all                          ? 
_refine.ls_R_factor_obs                          0.1108 
_refine.ls_R_factor_R_free                       0.2316 
_refine.ls_R_factor_R_free_error                 ? 
_refine.ls_R_factor_R_free_error_details         ? 
_refine.ls_R_factor_R_work                       0.1079 
_refine.ls_R_Fsqd_factor_obs                     ? 
_refine.ls_R_I_factor_obs                        ? 
_refine.ls_redundancy_reflns_all                 ? 
_refine.ls_redundancy_reflns_obs                 ? 
_refine.ls_restrained_S_all                      ? 
_refine.ls_restrained_S_obs                      ? 
_refine.ls_shift_over_esd_max                    ? 
_refine.ls_shift_over_esd_mean                   ? 
_refine.ls_structure_factor_coef                 ? 
_refine.ls_weighting_details                     ? 
_refine.ls_weighting_scheme                      ? 
_refine.ls_wR_factor_all                         ? 
_refine.ls_wR_factor_obs                         ? 
_refine.ls_wR_factor_R_free                      ? 
_refine.ls_wR_factor_R_work                      ? 
_refine.occupancy_max                            ? 
_refine.occupancy_min                            ? 
_refine.solvent_model_details                    'FLAT BULK SOLVENT MODEL' 
_refine.solvent_model_param_bsol                 ? 
_refine.solvent_model_param_ksol                 ? 
_refine.correlation_coeff_I_to_Fcsqd_work        ? 
_refine.correlation_coeff_I_to_Fcsqd_free        ? 
_refine.pdbx_R_complete                          ? 
_refine.ls_R_factor_gt                           ? 
_refine.ls_goodness_of_fit_gt                    ? 
_refine.ls_goodness_of_fit_ref                   ? 
_refine.ls_shift_over_su_max                     ? 
_refine.ls_shift_over_su_max_lt                  ? 
_refine.ls_shift_over_su_mean                    ? 
_refine.ls_shift_over_su_mean_lt                 ? 
_refine.pdbx_ls_sigma_I                          ? 
_refine.pdbx_ls_sigma_F                          1.96 
_refine.pdbx_ls_sigma_Fsqd                       ? 
_refine.pdbx_data_cutoff_high_absF               ? 
_refine.pdbx_data_cutoff_high_rms_absF           ? 
_refine.pdbx_data_cutoff_low_absF                ? 
_refine.pdbx_isotropic_thermal_model             ? 
_refine.pdbx_ls_cross_valid_method               'FREE R-VALUE' 
_refine.pdbx_method_to_determine_struct          'MOLECULAR REPLACEMENT' 
_refine.pdbx_starting_model                      ? 
_refine.pdbx_stereochemistry_target_values       'GeoStd + Monomer Library + CDL v1.2' 
_refine.pdbx_R_Free_selection_details            ? 
_refine.pdbx_stereochem_target_val_spec_case     ? 
_refine.pdbx_overall_ESU_R                       ? 
_refine.pdbx_overall_ESU_R_Free                  ? 
_refine.pdbx_solvent_vdw_probe_radii             1.1000 
_refine.pdbx_solvent_ion_probe_radii             ? 
_refine.pdbx_solvent_shrinkage_radii             0.9000 
_refine.pdbx_real_space_R                        ? 
_refine.pdbx_density_correlation                 ? 
_refine.pdbx_pd_number_of_powder_patterns        ? 
_refine.pdbx_pd_number_of_points                 ? 
_refine.pdbx_pd_meas_number_of_points            ? 
_refine.pdbx_pd_proc_ls_prof_R_factor            ? 
_refine.pdbx_pd_proc_ls_prof_wR_factor           ? 
_refine.pdbx_pd_Marquardt_correlation_coeff      ? 
_refine.pdbx_pd_Fsqrd_R_factor                   ? 
_refine.pdbx_pd_ls_matrix_band_width             ? 
_refine.pdbx_overall_phase_error                 17.4506 
_refine.pdbx_overall_SU_R_free_Cruickshank_DPI   ? 
_refine.pdbx_overall_SU_R_free_Blow_DPI          ? 
_refine.pdbx_overall_SU_R_Blow_DPI               ? 
_refine.pdbx_TLS_residual_ADP_flag               ? 
_refine.pdbx_diffrn_id                           1 
_refine.overall_SU_B                             ? 
_refine.overall_SU_ML                            0.0000 
_refine.overall_SU_R_Cruickshank_DPI             ? 
_refine.overall_SU_R_free                        ? 
_refine.overall_FOM_free_R_set                   ? 
_refine.overall_FOM_work_R_set                   ? 
_refine.pdbx_average_fsc_overall                 ? 
_refine.pdbx_average_fsc_work                    ? 
_refine.pdbx_average_fsc_free                    ? 
# 
_refine_hist.pdbx_refine_id                   'X-RAY DIFFRACTION' 
_refine_hist.cycle_id                         LAST 
_refine_hist.details                          ? 
_refine_hist.d_res_high                       6.73 
_refine_hist.d_res_low                        32.57 
_refine_hist.number_atoms_solvent             0 
_refine_hist.number_atoms_total               855 
_refine_hist.number_reflns_all                ? 
_refine_hist.number_reflns_obs                ? 
_refine_hist.number_reflns_R_free             ? 
_refine_hist.number_reflns_R_work             ? 
_refine_hist.R_factor_all                     ? 
_refine_hist.R_factor_obs                     ? 
_refine_hist.R_factor_R_free                  ? 
_refine_hist.R_factor_R_work                  ? 
_refine_hist.pdbx_number_residues_total       ? 
_refine_hist.pdbx_B_iso_mean_ligand           ? 
_refine_hist.pdbx_B_iso_mean_solvent          ? 
_refine_hist.pdbx_number_atoms_protein        0 
_refine_hist.pdbx_number_atoms_nucleic_acid   855 
_refine_hist.pdbx_number_atoms_ligand         0 
_refine_hist.pdbx_number_atoms_lipid          ? 
_refine_hist.pdbx_number_atoms_carb           ? 
_refine_hist.pdbx_pseudo_atom_details         ? 
# 
loop_
_refine_ls_restr.pdbx_refine_id 
_refine_ls_restr.criterion 
_refine_ls_restr.dev_ideal 
_refine_ls_restr.dev_ideal_target 
_refine_ls_restr.number 
_refine_ls_restr.rejects 
_refine_ls_restr.type 
_refine_ls_restr.weight 
_refine_ls_restr.pdbx_restraint_function 
'X-RAY DIFFRACTION' ? 0.0049  ? 956  ? f_bond_d           ? ? 
'X-RAY DIFFRACTION' ? 0.7080  ? 1467 ? f_angle_d          ? ? 
'X-RAY DIFFRACTION' ? 0.0325  ? 166  ? f_chiral_restr     ? ? 
'X-RAY DIFFRACTION' ? 0.0034  ? 42   ? f_plane_restr      ? ? 
'X-RAY DIFFRACTION' ? 35.7481 ? 406  ? f_dihedral_angle_d ? ? 
# 
_refine_ls_shell.pdbx_refine_id                      'X-RAY DIFFRACTION' 
_refine_ls_shell.d_res_high                          6.73 
_refine_ls_shell.d_res_low                           32.57 
_refine_ls_shell.number_reflns_all                   ? 
_refine_ls_shell.number_reflns_obs                   ? 
_refine_ls_shell.number_reflns_R_free                14 
_refine_ls_shell.number_reflns_R_work                483 
_refine_ls_shell.percent_reflns_obs                  86.74 
_refine_ls_shell.percent_reflns_R_free               ? 
_refine_ls_shell.R_factor_all                        ? 
_refine_ls_shell.R_factor_obs                        ? 
_refine_ls_shell.R_factor_R_free_error               ? 
_refine_ls_shell.R_factor_R_work                     0.1079 
_refine_ls_shell.redundancy_reflns_all               ? 
_refine_ls_shell.redundancy_reflns_obs               ? 
_refine_ls_shell.wR_factor_all                       ? 
_refine_ls_shell.wR_factor_obs                       ? 
_refine_ls_shell.wR_factor_R_free                    ? 
_refine_ls_shell.wR_factor_R_work                    ? 
_refine_ls_shell.pdbx_R_complete                     ? 
_refine_ls_shell.correlation_coeff_Fo_to_Fc          ? 
_refine_ls_shell.correlation_coeff_Fo_to_Fc_free     ? 
_refine_ls_shell.correlation_coeff_I_to_Fcsqd_work   ? 
_refine_ls_shell.correlation_coeff_I_to_Fcsqd_free   ? 
_refine_ls_shell.pdbx_total_number_of_bins_used      ? 
_refine_ls_shell.pdbx_phase_error                    ? 
_refine_ls_shell.pdbx_fsc_work                       ? 
_refine_ls_shell.pdbx_fsc_free                       ? 
_refine_ls_shell.R_factor_R_free                     0.2316 
# 
_struct.entry_id                     9NLL 
_struct.title                        
;[0,7,13-->14] Shifted tensegrity triangle with an (arm,center,arm) distribution of (0,7,13) base pairs and 1 nt sticky ends containing a semi-junction that becomes left-handed
;
_struct.pdbx_model_details           ? 
_struct.pdbx_formula_weight          ? 
_struct.pdbx_formula_weight_method   ? 
_struct.pdbx_model_type_details      ? 
_struct.pdbx_CASP_flag               N 
# 
_struct_keywords.entry_id        9NLL 
_struct_keywords.text            'tensegrity triangle, DNA' 
_struct_keywords.pdbx_keywords   DNA 
# 
loop_
_struct_asym.id 
_struct_asym.pdbx_blank_PDB_chainid_flag 
_struct_asym.pdbx_modified 
_struct_asym.entity_id 
_struct_asym.details 
A N N 1 ? 
B N N 2 ? 
C N N 3 ? 
D N N 4 ? 
# 
loop_
_struct_ref.id 
_struct_ref.db_name 
_struct_ref.db_code 
_struct_ref.pdbx_db_accession 
_struct_ref.pdbx_db_isoform 
_struct_ref.entity_id 
_struct_ref.pdbx_seq_one_letter_code 
_struct_ref.pdbx_align_begin 
1 PDB 9NLL 9NLL ? 1 ? 1 
2 PDB 9NLL 9NLL ? 2 ? 1 
3 PDB 9NLL 9NLL ? 3 ? 1 
4 PDB 9NLL 9NLL ? 4 ? 1 
# 
loop_
_struct_ref_seq.align_id 
_struct_ref_seq.ref_id 
_struct_ref_seq.pdbx_PDB_id_code 
_struct_ref_seq.pdbx_strand_id 
_struct_ref_seq.seq_align_beg 
_struct_ref_seq.pdbx_seq_align_beg_ins_code 
_struct_ref_seq.seq_align_end 
_struct_ref_seq.pdbx_seq_align_end_ins_code 
_struct_ref_seq.pdbx_db_accession 
_struct_ref_seq.db_align_beg 
_struct_ref_seq.pdbx_db_align_beg_ins_code 
_struct_ref_seq.db_align_end 
_struct_ref_seq.pdbx_db_align_end_ins_code 
_struct_ref_seq.pdbx_auth_seq_align_beg 
_struct_ref_seq.pdbx_auth_seq_align_end 
1 1 9NLL A 1 ? 14 ? 9NLL 1  ? 14 ? 1  14 
2 2 9NLL B 1 ? 17 ? 9NLL 6  ? 22 ? 6  22 
3 3 9NLL C 1 ? 7  ? 9NLL 19 ? 25 ? 19 25 
4 4 9NLL F 1 ? 5  ? 9NLL 2  ? 6  ? 2  6  
# 
_pdbx_struct_assembly.id                   1 
_pdbx_struct_assembly.details              author_defined_assembly 
_pdbx_struct_assembly.method_details       ? 
_pdbx_struct_assembly.oligomeric_details   dodecameric 
_pdbx_struct_assembly.oligomeric_count     12 
# 
loop_
_pdbx_struct_assembly_gen.assembly_id 
_pdbx_struct_assembly_gen.oper_expression 
_pdbx_struct_assembly_gen.asym_id_list 
1 1 A,B,C,D 
1 2 A,B,C,D 
1 3 A,B,C,D 
# 
_pdbx_struct_assembly_auth_evidence.id                     1 
_pdbx_struct_assembly_auth_evidence.assembly_id            1 
_pdbx_struct_assembly_auth_evidence.experimental_support   'native gel electrophoresis' 
_pdbx_struct_assembly_auth_evidence.details                ? 
# 
loop_
_pdbx_struct_oper_list.id 
_pdbx_struct_oper_list.type 
_pdbx_struct_oper_list.name 
_pdbx_struct_oper_list.symmetry_operation 
_pdbx_struct_oper_list.matrix[1][1] 
_pdbx_struct_oper_list.matrix[1][2] 
_pdbx_struct_oper_list.matrix[1][3] 
_pdbx_struct_oper_list.vector[1] 
_pdbx_struct_oper_list.matrix[2][1] 
_pdbx_struct_oper_list.matrix[2][2] 
_pdbx_struct_oper_list.matrix[2][3] 
_pdbx_struct_oper_list.vector[2] 
_pdbx_struct_oper_list.matrix[3][1] 
_pdbx_struct_oper_list.matrix[3][2] 
_pdbx_struct_oper_list.matrix[3][3] 
_pdbx_struct_oper_list.vector[3] 
1 'identity operation'         1_555 x,y,z     1.0000000000 0.0000000000 0.0000000000 0.0000000000   0.0000000000 1.0000000000  0.0000000000  0.0000000000   0.0000000000 0.0000000000  1.0000000000  0.0000000000  
2 'crystal symmetry operation' 2_555 -y,x-y,z  0.3526181753 0.9254751003 0.1384061456 1.8867673270   0.1076446375 -0.1870415083 0.9764364322  -28.6201520163 0.9295552993 -0.3294105537 -0.1655766670 24.6737930862 
3 'crystal symmetry operation' 3_555 -x+y,-x,z 0.3526181753 0.1076446375 0.9295552993 -20.5201576807 0.9254751003 -0.1870415083 -0.3294105537 1.0284952609   0.1384061456 0.9764364322  -0.1655766670 31.7700233537 
# 
loop_
_struct_conn.id 
_struct_conn.conn_type_id 
_struct_conn.pdbx_leaving_atom_flag 
_struct_conn.pdbx_PDB_id 
_struct_conn.ptnr1_label_asym_id 
_struct_conn.ptnr1_label_comp_id 
_struct_conn.ptnr1_label_seq_id 
_struct_conn.ptnr1_label_atom_id 
_struct_conn.pdbx_ptnr1_label_alt_id 
_struct_conn.pdbx_ptnr1_PDB_ins_code 
_struct_conn.pdbx_ptnr1_standard_comp_id 
_struct_conn.ptnr1_symmetry 
_struct_conn.ptnr2_label_asym_id 
_struct_conn.ptnr2_label_comp_id 
_struct_conn.ptnr2_label_seq_id 
_struct_conn.ptnr2_label_atom_id 
_struct_conn.pdbx_ptnr2_label_alt_id 
_struct_conn.pdbx_ptnr2_PDB_ins_code 
_struct_conn.ptnr1_auth_asym_id 
_struct_conn.ptnr1_auth_comp_id 
_struct_conn.ptnr1_auth_seq_id 
_struct_conn.ptnr2_auth_asym_id 
_struct_conn.ptnr2_auth_comp_id 
_struct_conn.ptnr2_auth_seq_id 
_struct_conn.ptnr2_symmetry 
_struct_conn.pdbx_ptnr3_label_atom_id 
_struct_conn.pdbx_ptnr3_label_seq_id 
_struct_conn.pdbx_ptnr3_label_comp_id 
_struct_conn.pdbx_ptnr3_label_asym_id 
_struct_conn.pdbx_ptnr3_label_alt_id 
_struct_conn.pdbx_ptnr3_PDB_ins_code 
_struct_conn.details 
_struct_conn.pdbx_dist_value 
_struct_conn.pdbx_value_order 
_struct_conn.pdbx_role 
hydrog1  hydrog ? ? A DT 2  N3 ? ? ? 1_555 B DA 17 N1 ? ? A DT 2  B DA 22 1_555 ? ? ? ? ? ? WATSON-CRICK ? ? ? 
hydrog2  hydrog ? ? A DT 2  O4 ? ? ? 1_555 B DA 17 N6 ? ? A DT 2  B DA 22 1_555 ? ? ? ? ? ? WATSON-CRICK ? ? ? 
hydrog3  hydrog ? ? A DG 3  N1 ? ? ? 1_555 B DC 16 N3 ? ? A DG 3  B DC 21 1_555 ? ? ? ? ? ? WATSON-CRICK ? ? ? 
hydrog4  hydrog ? ? A DG 3  N2 ? ? ? 1_555 B DC 16 O2 ? ? A DG 3  B DC 21 1_555 ? ? ? ? ? ? WATSON-CRICK ? ? ? 
hydrog5  hydrog ? ? A DG 3  O6 ? ? ? 1_555 B DC 16 N4 ? ? A DG 3  B DC 21 1_555 ? ? ? ? ? ? WATSON-CRICK ? ? ? 
hydrog6  hydrog ? ? A DC 4  N3 ? ? ? 1_555 B DG 15 N1 ? ? A DC 4  B DG 20 1_555 ? ? ? ? ? ? WATSON-CRICK ? ? ? 
hydrog7  hydrog ? ? A DC 4  N4 ? ? ? 1_555 B DG 15 O6 ? ? A DC 4  B DG 20 1_555 ? ? ? ? ? ? WATSON-CRICK ? ? ? 
hydrog8  hydrog ? ? A DC 4  O2 ? ? ? 1_555 B DG 15 N2 ? ? A DC 4  B DG 20 1_555 ? ? ? ? ? ? WATSON-CRICK ? ? ? 
hydrog9  hydrog ? ? A DG 5  N1 ? ? ? 1_555 B DC 14 N3 ? ? A DG 5  B DC 19 1_555 ? ? ? ? ? ? WATSON-CRICK ? ? ? 
hydrog10 hydrog ? ? A DG 5  N2 ? ? ? 1_555 B DC 14 O2 ? ? A DG 5  B DC 19 1_555 ? ? ? ? ? ? WATSON-CRICK ? ? ? 
hydrog11 hydrog ? ? A DG 5  O6 ? ? ? 1_555 B DC 14 N4 ? ? A DG 5  B DC 19 1_555 ? ? ? ? ? ? WATSON-CRICK ? ? ? 
hydrog12 hydrog ? ? A DT 6  N3 ? ? ? 1_555 B DA 13 N1 ? ? A DT 6  B DA 18 1_555 ? ? ? ? ? ? WATSON-CRICK ? ? ? 
hydrog13 hydrog ? ? A DT 6  O4 ? ? ? 1_555 B DA 13 N6 ? ? A DT 6  B DA 18 1_555 ? ? ? ? ? ? WATSON-CRICK ? ? ? 
hydrog14 hydrog ? ? A DG 7  N1 ? ? ? 1_555 B DC 12 N3 ? ? A DG 7  B DC 17 1_555 ? ? ? ? ? ? WATSON-CRICK ? ? ? 
hydrog15 hydrog ? ? A DG 7  N2 ? ? ? 1_555 B DC 12 O2 ? ? A DG 7  B DC 17 1_555 ? ? ? ? ? ? WATSON-CRICK ? ? ? 
hydrog16 hydrog ? ? A DG 7  O6 ? ? ? 1_555 B DC 12 N4 ? ? A DG 7  B DC 17 1_555 ? ? ? ? ? ? WATSON-CRICK ? ? ? 
hydrog17 hydrog ? ? A DT 8  N3 ? ? ? 1_555 B DA 11 N1 ? ? A DT 8  B DA 16 1_555 ? ? ? ? ? ? WATSON-CRICK ? ? ? 
hydrog18 hydrog ? ? A DT 8  O4 ? ? ? 1_555 B DA 11 N6 ? ? A DT 8  B DA 16 1_555 ? ? ? ? ? ? WATSON-CRICK ? ? ? 
hydrog19 hydrog ? ? A DG 9  N1 ? ? ? 1_555 B DC 10 N3 ? ? A DG 9  B DC 15 1_555 ? ? ? ? ? ? WATSON-CRICK ? ? ? 
hydrog20 hydrog ? ? A DG 9  N2 ? ? ? 1_555 B DC 10 O2 ? ? A DG 9  B DC 15 1_555 ? ? ? ? ? ? WATSON-CRICK ? ? ? 
hydrog21 hydrog ? ? A DG 9  O6 ? ? ? 1_555 B DC 10 N4 ? ? A DG 9  B DC 15 1_555 ? ? ? ? ? ? WATSON-CRICK ? ? ? 
hydrog22 hydrog ? ? A DA 10 N1 ? ? ? 1_555 B DT 9  N3 ? ? A DA 10 B DT 14 1_555 ? ? ? ? ? ? WATSON-CRICK ? ? ? 
hydrog23 hydrog ? ? A DA 10 N6 ? ? ? 1_555 B DT 9  O4 ? ? A DA 10 B DT 14 1_555 ? ? ? ? ? ? WATSON-CRICK ? ? ? 
hydrog24 hydrog ? ? A DC 11 N3 ? ? ? 1_555 B DG 8  N1 ? ? A DC 11 B DG 13 1_555 ? ? ? ? ? ? WATSON-CRICK ? ? ? 
hydrog25 hydrog ? ? A DC 11 N4 ? ? ? 1_555 B DG 8  O6 ? ? A DC 11 B DG 13 1_555 ? ? ? ? ? ? WATSON-CRICK ? ? ? 
hydrog26 hydrog ? ? A DC 11 O2 ? ? ? 1_555 B DG 8  N2 ? ? A DC 11 B DG 13 1_555 ? ? ? ? ? ? WATSON-CRICK ? ? ? 
hydrog27 hydrog ? ? A DT 12 N3 ? ? ? 1_555 B DA 7  N1 ? ? A DT 12 B DA 12 1_555 ? ? ? ? ? ? WATSON-CRICK ? ? ? 
hydrog28 hydrog ? ? A DT 12 O4 ? ? ? 1_555 B DA 7  N6 ? ? A DT 12 B DA 12 1_555 ? ? ? ? ? ? WATSON-CRICK ? ? ? 
hydrog29 hydrog ? ? A DG 13 N1 ? ? ? 1_555 B DC 6  N3 ? ? A DG 13 B DC 11 1_555 ? ? ? ? ? ? WATSON-CRICK ? ? ? 
hydrog30 hydrog ? ? A DG 13 N2 ? ? ? 1_555 B DC 6  O2 ? ? A DG 13 B DC 11 1_555 ? ? ? ? ? ? WATSON-CRICK ? ? ? 
hydrog31 hydrog ? ? A DG 13 O6 ? ? ? 1_555 B DC 6  N4 ? ? A DG 13 B DC 11 1_555 ? ? ? ? ? ? WATSON-CRICK ? ? ? 
hydrog32 hydrog ? ? A DT 14 N3 ? ? ? 1_555 B DA 5  N1 ? ? A DT 14 B DA 10 1_555 ? ? ? ? ? ? WATSON-CRICK ? ? ? 
hydrog33 hydrog ? ? A DT 14 O4 ? ? ? 1_555 B DA 5  N6 ? ? A DT 14 B DA 10 1_555 ? ? ? ? ? ? WATSON-CRICK ? ? ? 
hydrog34 hydrog ? ? B DA 1  N1 ? ? ? 1_555 C DT 7  N3 ? ? B DA 6  C DT 25 1_555 ? ? ? ? ? ? WATSON-CRICK ? ? ? 
hydrog35 hydrog ? ? B DA 1  N6 ? ? ? 1_555 C DT 7  O4 ? ? B DA 6  C DT 25 1_555 ? ? ? ? ? ? WATSON-CRICK ? ? ? 
hydrog36 hydrog ? ? B DC 2  N3 ? ? ? 1_555 C DG 6  N1 ? ? B DC 7  C DG 24 1_555 ? ? ? ? ? ? WATSON-CRICK ? ? ? 
hydrog37 hydrog ? ? B DC 2  N4 ? ? ? 1_555 C DG 6  O6 ? ? B DC 7  C DG 24 1_555 ? ? ? ? ? ? WATSON-CRICK ? ? ? 
hydrog38 hydrog ? ? B DC 2  O2 ? ? ? 1_555 C DG 6  N2 ? ? B DC 7  C DG 24 1_555 ? ? ? ? ? ? WATSON-CRICK ? ? ? 
hydrog39 hydrog ? ? B DG 3  N1 ? ? ? 1_555 C DC 5  N3 ? ? B DG 8  C DC 23 1_555 ? ? ? ? ? ? WATSON-CRICK ? ? ? 
hydrog40 hydrog ? ? B DG 3  N2 ? ? ? 1_555 C DC 5  O2 ? ? B DG 8  C DC 23 1_555 ? ? ? ? ? ? WATSON-CRICK ? ? ? 
hydrog41 hydrog ? ? B DG 3  O6 ? ? ? 1_555 C DC 5  N4 ? ? B DG 8  C DC 23 1_555 ? ? ? ? ? ? WATSON-CRICK ? ? ? 
hydrog42 hydrog ? ? B DG 4  N1 ? ? ? 1_555 C DC 4  N3 ? ? B DG 9  C DC 22 1_555 ? ? ? ? ? ? WATSON-CRICK ? ? ? 
hydrog43 hydrog ? ? B DG 4  N2 ? ? ? 1_555 C DC 4  O2 ? ? B DG 9  C DC 22 1_555 ? ? ? ? ? ? WATSON-CRICK ? ? ? 
hydrog44 hydrog ? ? B DG 4  O6 ? ? ? 1_555 C DC 4  N4 ? ? B DG 9  C DC 22 1_555 ? ? ? ? ? ? WATSON-CRICK ? ? ? 
hydrog45 hydrog ? ? C DA 1  N1 ? ? ? 1_555 D DT 4  N3 ? ? C DA 19 F DT 5  1_555 ? ? ? ? ? ? WATSON-CRICK ? ? ? 
hydrog46 hydrog ? ? C DA 1  N6 ? ? ? 1_555 D DT 4  O4 ? ? C DA 19 F DT 5  1_555 ? ? ? ? ? ? WATSON-CRICK ? ? ? 
hydrog47 hydrog ? ? C DC 2  N3 ? ? ? 1_555 D DG 3  N1 ? ? C DC 20 F DG 4  1_555 ? ? ? ? ? ? WATSON-CRICK ? ? ? 
hydrog48 hydrog ? ? C DC 2  N4 ? ? ? 1_555 D DG 3  O6 ? ? C DC 20 F DG 4  1_555 ? ? ? ? ? ? WATSON-CRICK ? ? ? 
hydrog49 hydrog ? ? C DC 2  O2 ? ? ? 1_555 D DG 3  N2 ? ? C DC 20 F DG 4  1_555 ? ? ? ? ? ? WATSON-CRICK ? ? ? 
hydrog50 hydrog ? ? C DA 3  N1 ? ? ? 1_555 D DT 2  N3 ? ? C DA 21 F DT 3  1_555 ? ? ? ? ? ? WATSON-CRICK ? ? ? 
hydrog51 hydrog ? ? C DA 3  N6 ? ? ? 1_555 D DT 2  O4 ? ? C DA 21 F DT 3  1_555 ? ? ? ? ? ? WATSON-CRICK ? ? ? 
# 
_struct_conn_type.id          hydrog 
_struct_conn_type.criteria    ? 
_struct_conn_type.reference   ? 
# 
_pdbx_entry_details.entry_id                   9NLL 
_pdbx_entry_details.compound_details           ? 
_pdbx_entry_details.source_details             ? 
_pdbx_entry_details.nonpolymer_details         ? 
_pdbx_entry_details.sequence_details           ? 
_pdbx_entry_details.has_ligand_of_interest     ? 
_pdbx_entry_details.has_protein_modification   N 
# 
loop_
_pdbx_validate_rmsd_angle.id 
_pdbx_validate_rmsd_angle.PDB_model_num 
_pdbx_validate_rmsd_angle.auth_atom_id_1 
_pdbx_validate_rmsd_angle.auth_asym_id_1 
_pdbx_validate_rmsd_angle.auth_comp_id_1 
_pdbx_validate_rmsd_angle.auth_seq_id_1 
_pdbx_validate_rmsd_angle.PDB_ins_code_1 
_pdbx_validate_rmsd_angle.label_alt_id_1 
_pdbx_validate_rmsd_angle.auth_atom_id_2 
_pdbx_validate_rmsd_angle.auth_asym_id_2 
_pdbx_validate_rmsd_angle.auth_comp_id_2 
_pdbx_validate_rmsd_angle.auth_seq_id_2 
_pdbx_validate_rmsd_angle.PDB_ins_code_2 
_pdbx_validate_rmsd_angle.label_alt_id_2 
_pdbx_validate_rmsd_angle.auth_atom_id_3 
_pdbx_validate_rmsd_angle.auth_asym_id_3 
_pdbx_validate_rmsd_angle.auth_comp_id_3 
_pdbx_validate_rmsd_angle.auth_seq_id_3 
_pdbx_validate_rmsd_angle.PDB_ins_code_3 
_pdbx_validate_rmsd_angle.label_alt_id_3 
_pdbx_validate_rmsd_angle.angle_value 
_pdbx_validate_rmsd_angle.angle_target_value 
_pdbx_validate_rmsd_angle.angle_deviation 
_pdbx_validate_rmsd_angle.angle_standard_deviation 
_pdbx_validate_rmsd_angle.linker_flag 
1 1 "O4'" B DG 9  ? ? "C1'" B DG 9  ? ? N9    B DG 9  ? ? 110.25 108.30 1.95  0.30 N 
2 1 "C3'" B DA 12 ? ? "C2'" B DA 12 ? ? "C1'" B DA 12 ? ? 97.31  102.40 -5.09 0.80 N 
3 1 "O4'" B DA 12 ? ? "C1'" B DA 12 ? ? N9    B DA 12 ? ? 111.00 108.30 2.70  0.30 N 
# 
loop_
_space_group_symop.id 
_space_group_symop.operation_xyz 
1 x,y,z                 
2 -y,x-y,z              
3 -x+y,-x,z             
4 x+1/3,y+2/3,z+2/3     
5 -y+1/3,x-y+2/3,z+2/3  
6 -x+y+1/3,-x+2/3,z+2/3 
7 x+2/3,y+1/3,z+1/3     
8 -y+2/3,x-y+1/3,z+1/3  
9 -x+y+2/3,-x+1/3,z+1/3 
# 
loop_
_pdbx_refine_tls.id 
_pdbx_refine_tls.pdbx_refine_id 
_pdbx_refine_tls.details 
_pdbx_refine_tls.method 
_pdbx_refine_tls.origin_x 
_pdbx_refine_tls.origin_y 
_pdbx_refine_tls.origin_z 
_pdbx_refine_tls.T[1][1] 
_pdbx_refine_tls.T[1][1]_esd 
_pdbx_refine_tls.T[1][2] 
_pdbx_refine_tls.T[1][2]_esd 
_pdbx_refine_tls.T[1][3] 
_pdbx_refine_tls.T[1][3]_esd 
_pdbx_refine_tls.T[2][2] 
_pdbx_refine_tls.T[2][2]_esd 
_pdbx_refine_tls.T[2][3] 
_pdbx_refine_tls.T[2][3]_esd 
_pdbx_refine_tls.T[3][3] 
_pdbx_refine_tls.T[3][3]_esd 
_pdbx_refine_tls.L[1][1] 
_pdbx_refine_tls.L[1][1]_esd 
_pdbx_refine_tls.L[1][2] 
_pdbx_refine_tls.L[1][2]_esd 
_pdbx_refine_tls.L[1][3] 
_pdbx_refine_tls.L[1][3]_esd 
_pdbx_refine_tls.L[2][2] 
_pdbx_refine_tls.L[2][2]_esd 
_pdbx_refine_tls.L[2][3] 
_pdbx_refine_tls.L[2][3]_esd 
_pdbx_refine_tls.L[3][3] 
_pdbx_refine_tls.L[3][3]_esd 
_pdbx_refine_tls.S[1][1] 
_pdbx_refine_tls.S[1][1]_esd 
_pdbx_refine_tls.S[1][2] 
_pdbx_refine_tls.S[1][2]_esd 
_pdbx_refine_tls.S[1][3] 
_pdbx_refine_tls.S[1][3]_esd 
_pdbx_refine_tls.S[2][1] 
_pdbx_refine_tls.S[2][1]_esd 
_pdbx_refine_tls.S[2][2] 
_pdbx_refine_tls.S[2][2]_esd 
_pdbx_refine_tls.S[2][3] 
_pdbx_refine_tls.S[2][3]_esd 
_pdbx_refine_tls.S[3][1] 
_pdbx_refine_tls.S[3][1]_esd 
_pdbx_refine_tls.S[3][2] 
_pdbx_refine_tls.S[3][2]_esd 
_pdbx_refine_tls.S[3][3] 
_pdbx_refine_tls.S[3][3]_esd 
1 'X-RAY DIFFRACTION' ? refined -10.5243116174 17.3929351006  -4.89270684521 6.07639973615 ? -0.19955801200 ? 0.520635702862  ? 4.20087386664 ? 0.790651118862  ? 6.73374351609  ? 2.00018762468  ? -0.64797348666  ? -2.352707079977 ? 0.386325623528  ? 0.738980549771  ? 2.954282641147 ? -9.64299841522 ? -1.57987871962  ? -10.09915479300 ? 3.20251141334   ? -6.3110151456   ? 9.19076832978   ? -8.72556137371 ? 0.95238449394  ? 5.23834348181  ? 
2 'X-RAY DIFFRACTION' ? refined -2.1618878384  21.541451429   7.3899884412   12.4024906309 ? -4.50960058903 ? -2.902761015512 ? 6.34849098528 ? 4.0306319219    ? 9.04973108905  ? 8.66155509442  ? -3.31578365923  ? 6.68026459029   ? 2.93323610485   ? -5.63749012444  ? 11.07350489521 ? 0.78732182473  ? 7.72144587986   ? -11.07460266456 ? 4.80383466686   ? 11.57523367151  ? -3.34586660528  ? 1.1112514903   ? -0.19112157235 ? 3.29964118197  ? 
3 'X-RAY DIFFRACTION' ? refined 5.1401330310   -9.10057138972 2.5912995989   8.42172967306 ? 0.22752991840  ? 1.280151670633  ? 3.76666588894 ? -0.30203346918  ? 8.66705198577  ? 1.478170974342 ? 1.25040353289   ? 0.79703428212   ? 3.000824423381  ? 3.86262635612   ? 1.40298479341  ? 6.6036237775   ? 0.92619531113   ? 5.543525739065  ? -13.67538179113 ? -4.3998998035   ? -1.6660091185   ? 2.49332641685  ? 4.74675192891  ? 1.33553381493  ? 
4 'X-RAY DIFFRACTION' ? refined -14.4312925947 6.6819097274   -9.5849188534  3.0153971795  ? 1.44693703069  ? -0.4913488405   ? 4.02157874853 ? -0.128971219613 ? 7.39633412521  ? 2.04486835256  ? -1.16898957565  ? 5.31692571879   ? 0.66800485119   ? -2.77109990951  ? 13.42120421431 ? 1.06202964547  ? -3.162211695039 ? -10.229270969   ? 3.00221019912   ? -0.804644032178 ? -4.395282402165 ? 8.9502102156   ? 3.87542862984  ? 3.410313438067 ? 
5 'X-RAY DIFFRACTION' ? refined 6.8523227148   -9.00221751484 1.45454327590  6.8400660954  ? 1.5890483181   ? -2.593506001748 ? 5.95803275374 ? 2.08933056078   ? 10.30812484107 ? 0.155604451845 ? -0.601582222505 ? -0.659729703574 ? -0.165112855058 ? -0.281768638252 ? 0.33275275430  ? 0.451165668612 ? -0.998230566332 ? -3.119104488679 ? -0.21397589443  ? -1.113309666660 ? 1.070617948816  ? 0.77384067829  ? 0.665752443452 ? -2.37404665292 ? 
# 
loop_
_pdbx_refine_tls_group.id 
_pdbx_refine_tls_group.pdbx_refine_id 
_pdbx_refine_tls_group.refine_tls_id 
_pdbx_refine_tls_group.beg_label_asym_id 
_pdbx_refine_tls_group.beg_label_seq_id 
_pdbx_refine_tls_group.beg_auth_asym_id 
_pdbx_refine_tls_group.beg_auth_seq_id 
_pdbx_refine_tls_group.beg_PDB_ins_code 
_pdbx_refine_tls_group.end_label_asym_id 
_pdbx_refine_tls_group.end_label_seq_id 
_pdbx_refine_tls_group.end_auth_asym_id 
_pdbx_refine_tls_group.end_auth_seq_id 
_pdbx_refine_tls_group.end_PDB_ins_code 
_pdbx_refine_tls_group.selection 
_pdbx_refine_tls_group.selection_details 
1 'X-RAY DIFFRACTION' 1 C ? C 19 ? C ? C 25 ? ? 
;chain 'C' and (resid 19 through 25 )
;
2 'X-RAY DIFFRACTION' 2 D ? F 2  ? D ? F 5  ? ? 
;chain 'F' and (resid 2 through 5 )
;
3 'X-RAY DIFFRACTION' 3 A ? A 1  ? A ? A 14 ? ? 
;chain 'A' and (resid 1 through 14 )
;
4 'X-RAY DIFFRACTION' 4 B ? B 6  ? B ? B 10 ? ? 
;chain 'B' and (resid 6 through 10 )
;
5 'X-RAY DIFFRACTION' 5 B ? B 11 ? B ? B 22 ? ? 
;chain 'B' and (resid 11 through 22 )
;
# 
_pdbx_unobs_or_zero_occ_residues.id               1 
_pdbx_unobs_or_zero_occ_residues.PDB_model_num    1 
_pdbx_unobs_or_zero_occ_residues.polymer_flag     Y 
_pdbx_unobs_or_zero_occ_residues.occupancy_flag   1 
_pdbx_unobs_or_zero_occ_residues.auth_asym_id     F 
_pdbx_unobs_or_zero_occ_residues.auth_comp_id     DA 
_pdbx_unobs_or_zero_occ_residues.auth_seq_id      6 
_pdbx_unobs_or_zero_occ_residues.PDB_ins_code     ? 
_pdbx_unobs_or_zero_occ_residues.label_asym_id    D 
_pdbx_unobs_or_zero_occ_residues.label_comp_id    DA 
_pdbx_unobs_or_zero_occ_residues.label_seq_id     5 
# 
loop_
_chem_comp_atom.comp_id 
_chem_comp_atom.atom_id 
_chem_comp_atom.type_symbol 
_chem_comp_atom.pdbx_aromatic_flag 
_chem_comp_atom.pdbx_stereo_config 
_chem_comp_atom.pdbx_ordinal 
DA OP3    O N N 1   
DA P      P N N 2   
DA OP1    O N N 3   
DA OP2    O N N 4   
DA "O5'"  O N N 5   
DA "C5'"  C N N 6   
DA "C4'"  C N R 7   
DA "O4'"  O N N 8   
DA "C3'"  C N S 9   
DA "O3'"  O N N 10  
DA "C2'"  C N N 11  
DA "C1'"  C N R 12  
DA N9     N Y N 13  
DA C8     C Y N 14  
DA N7     N Y N 15  
DA C5     C Y N 16  
DA C6     C Y N 17  
DA N6     N N N 18  
DA N1     N Y N 19  
DA C2     C Y N 20  
DA N3     N Y N 21  
DA C4     C Y N 22  
DA HOP3   H N N 23  
DA HOP2   H N N 24  
DA "H5'"  H N N 25  
DA "H5''" H N N 26  
DA "H4'"  H N N 27  
DA "H3'"  H N N 28  
DA "HO3'" H N N 29  
DA "H2'"  H N N 30  
DA "H2''" H N N 31  
DA "H1'"  H N N 32  
DA H8     H N N 33  
DA H61    H N N 34  
DA H62    H N N 35  
DA H2     H N N 36  
DC OP3    O N N 37  
DC P      P N N 38  
DC OP1    O N N 39  
DC OP2    O N N 40  
DC "O5'"  O N N 41  
DC "C5'"  C N N 42  
DC "C4'"  C N R 43  
DC "O4'"  O N N 44  
DC "C3'"  C N S 45  
DC "O3'"  O N N 46  
DC "C2'"  C N N 47  
DC "C1'"  C N R 48  
DC N1     N N N 49  
DC C2     C N N 50  
DC O2     O N N 51  
DC N3     N N N 52  
DC C4     C N N 53  
DC N4     N N N 54  
DC C5     C N N 55  
DC C6     C N N 56  
DC HOP3   H N N 57  
DC HOP2   H N N 58  
DC "H5'"  H N N 59  
DC "H5''" H N N 60  
DC "H4'"  H N N 61  
DC "H3'"  H N N 62  
DC "HO3'" H N N 63  
DC "H2'"  H N N 64  
DC "H2''" H N N 65  
DC "H1'"  H N N 66  
DC H41    H N N 67  
DC H42    H N N 68  
DC H5     H N N 69  
DC H6     H N N 70  
DG OP3    O N N 71  
DG P      P N N 72  
DG OP1    O N N 73  
DG OP2    O N N 74  
DG "O5'"  O N N 75  
DG "C5'"  C N N 76  
DG "C4'"  C N R 77  
DG "O4'"  O N N 78  
DG "C3'"  C N S 79  
DG "O3'"  O N N 80  
DG "C2'"  C N N 81  
DG "C1'"  C N R 82  
DG N9     N Y N 83  
DG C8     C Y N 84  
DG N7     N Y N 85  
DG C5     C Y N 86  
DG C6     C N N 87  
DG O6     O N N 88  
DG N1     N N N 89  
DG C2     C N N 90  
DG N2     N N N 91  
DG N3     N N N 92  
DG C4     C Y N 93  
DG HOP3   H N N 94  
DG HOP2   H N N 95  
DG "H5'"  H N N 96  
DG "H5''" H N N 97  
DG "H4'"  H N N 98  
DG "H3'"  H N N 99  
DG "HO3'" H N N 100 
DG "H2'"  H N N 101 
DG "H2''" H N N 102 
DG "H1'"  H N N 103 
DG H8     H N N 104 
DG H1     H N N 105 
DG H21    H N N 106 
DG H22    H N N 107 
DT OP3    O N N 108 
DT P      P N N 109 
DT OP1    O N N 110 
DT OP2    O N N 111 
DT "O5'"  O N N 112 
DT "C5'"  C N N 113 
DT "C4'"  C N R 114 
DT "O4'"  O N N 115 
DT "C3'"  C N S 116 
DT "O3'"  O N N 117 
DT "C2'"  C N N 118 
DT "C1'"  C N R 119 
DT N1     N N N 120 
DT C2     C N N 121 
DT O2     O N N 122 
DT N3     N N N 123 
DT C4     C N N 124 
DT O4     O N N 125 
DT C5     C N N 126 
DT C7     C N N 127 
DT C6     C N N 128 
DT HOP3   H N N 129 
DT HOP2   H N N 130 
DT "H5'"  H N N 131 
DT "H5''" H N N 132 
DT "H4'"  H N N 133 
DT "H3'"  H N N 134 
DT "HO3'" H N N 135 
DT "H2'"  H N N 136 
DT "H2''" H N N 137 
DT "H1'"  H N N 138 
DT H3     H N N 139 
DT H71    H N N 140 
DT H72    H N N 141 
DT H73    H N N 142 
DT H6     H N N 143 
# 
loop_
_chem_comp_bond.comp_id 
_chem_comp_bond.atom_id_1 
_chem_comp_bond.atom_id_2 
_chem_comp_bond.value_order 
_chem_comp_bond.pdbx_aromatic_flag 
_chem_comp_bond.pdbx_stereo_config 
_chem_comp_bond.pdbx_ordinal 
DA OP3   P      sing N N 1   
DA OP3   HOP3   sing N N 2   
DA P     OP1    doub N N 3   
DA P     OP2    sing N N 4   
DA P     "O5'"  sing N N 5   
DA OP2   HOP2   sing N N 6   
DA "O5'" "C5'"  sing N N 7   
DA "C5'" "C4'"  sing N N 8   
DA "C5'" "H5'"  sing N N 9   
DA "C5'" "H5''" sing N N 10  
DA "C4'" "O4'"  sing N N 11  
DA "C4'" "C3'"  sing N N 12  
DA "C4'" "H4'"  sing N N 13  
DA "O4'" "C1'"  sing N N 14  
DA "C3'" "O3'"  sing N N 15  
DA "C3'" "C2'"  sing N N 16  
DA "C3'" "H3'"  sing N N 17  
DA "O3'" "HO3'" sing N N 18  
DA "C2'" "C1'"  sing N N 19  
DA "C2'" "H2'"  sing N N 20  
DA "C2'" "H2''" sing N N 21  
DA "C1'" N9     sing N N 22  
DA "C1'" "H1'"  sing N N 23  
DA N9    C8     sing Y N 24  
DA N9    C4     sing Y N 25  
DA C8    N7     doub Y N 26  
DA C8    H8     sing N N 27  
DA N7    C5     sing Y N 28  
DA C5    C6     sing Y N 29  
DA C5    C4     doub Y N 30  
DA C6    N6     sing N N 31  
DA C6    N1     doub Y N 32  
DA N6    H61    sing N N 33  
DA N6    H62    sing N N 34  
DA N1    C2     sing Y N 35  
DA C2    N3     doub Y N 36  
DA C2    H2     sing N N 37  
DA N3    C4     sing Y N 38  
DC OP3   P      sing N N 39  
DC OP3   HOP3   sing N N 40  
DC P     OP1    doub N N 41  
DC P     OP2    sing N N 42  
DC P     "O5'"  sing N N 43  
DC OP2   HOP2   sing N N 44  
DC "O5'" "C5'"  sing N N 45  
DC "C5'" "C4'"  sing N N 46  
DC "C5'" "H5'"  sing N N 47  
DC "C5'" "H5''" sing N N 48  
DC "C4'" "O4'"  sing N N 49  
DC "C4'" "C3'"  sing N N 50  
DC "C4'" "H4'"  sing N N 51  
DC "O4'" "C1'"  sing N N 52  
DC "C3'" "O3'"  sing N N 53  
DC "C3'" "C2'"  sing N N 54  
DC "C3'" "H3'"  sing N N 55  
DC "O3'" "HO3'" sing N N 56  
DC "C2'" "C1'"  sing N N 57  
DC "C2'" "H2'"  sing N N 58  
DC "C2'" "H2''" sing N N 59  
DC "C1'" N1     sing N N 60  
DC "C1'" "H1'"  sing N N 61  
DC N1    C2     sing N N 62  
DC N1    C6     sing N N 63  
DC C2    O2     doub N N 64  
DC C2    N3     sing N N 65  
DC N3    C4     doub N N 66  
DC C4    N4     sing N N 67  
DC C4    C5     sing N N 68  
DC N4    H41    sing N N 69  
DC N4    H42    sing N N 70  
DC C5    C6     doub N N 71  
DC C5    H5     sing N N 72  
DC C6    H6     sing N N 73  
DG OP3   P      sing N N 74  
DG OP3   HOP3   sing N N 75  
DG P     OP1    doub N N 76  
DG P     OP2    sing N N 77  
DG P     "O5'"  sing N N 78  
DG OP2   HOP2   sing N N 79  
DG "O5'" "C5'"  sing N N 80  
DG "C5'" "C4'"  sing N N 81  
DG "C5'" "H5'"  sing N N 82  
DG "C5'" "H5''" sing N N 83  
DG "C4'" "O4'"  sing N N 84  
DG "C4'" "C3'"  sing N N 85  
DG "C4'" "H4'"  sing N N 86  
DG "O4'" "C1'"  sing N N 87  
DG "C3'" "O3'"  sing N N 88  
DG "C3'" "C2'"  sing N N 89  
DG "C3'" "H3'"  sing N N 90  
DG "O3'" "HO3'" sing N N 91  
DG "C2'" "C1'"  sing N N 92  
DG "C2'" "H2'"  sing N N 93  
DG "C2'" "H2''" sing N N 94  
DG "C1'" N9     sing N N 95  
DG "C1'" "H1'"  sing N N 96  
DG N9    C8     sing Y N 97  
DG N9    C4     sing Y N 98  
DG C8    N7     doub Y N 99  
DG C8    H8     sing N N 100 
DG N7    C5     sing Y N 101 
DG C5    C6     sing N N 102 
DG C5    C4     doub Y N 103 
DG C6    O6     doub N N 104 
DG C6    N1     sing N N 105 
DG N1    C2     sing N N 106 
DG N1    H1     sing N N 107 
DG C2    N2     sing N N 108 
DG C2    N3     doub N N 109 
DG N2    H21    sing N N 110 
DG N2    H22    sing N N 111 
DG N3    C4     sing N N 112 
DT OP3   P      sing N N 113 
DT OP3   HOP3   sing N N 114 
DT P     OP1    doub N N 115 
DT P     OP2    sing N N 116 
DT P     "O5'"  sing N N 117 
DT OP2   HOP2   sing N N 118 
DT "O5'" "C5'"  sing N N 119 
DT "C5'" "C4'"  sing N N 120 
DT "C5'" "H5'"  sing N N 121 
DT "C5'" "H5''" sing N N 122 
DT "C4'" "O4'"  sing N N 123 
DT "C4'" "C3'"  sing N N 124 
DT "C4'" "H4'"  sing N N 125 
DT "O4'" "C1'"  sing N N 126 
DT "C3'" "O3'"  sing N N 127 
DT "C3'" "C2'"  sing N N 128 
DT "C3'" "H3'"  sing N N 129 
DT "O3'" "HO3'" sing N N 130 
DT "C2'" "C1'"  sing N N 131 
DT "C2'" "H2'"  sing N N 132 
DT "C2'" "H2''" sing N N 133 
DT "C1'" N1     sing N N 134 
DT "C1'" "H1'"  sing N N 135 
DT N1    C2     sing N N 136 
DT N1    C6     sing N N 137 
DT C2    O2     doub N N 138 
DT C2    N3     sing N N 139 
DT N3    C4     sing N N 140 
DT N3    H3     sing N N 141 
DT C4    O4     doub N N 142 
DT C4    C5     sing N N 143 
DT C5    C7     sing N N 144 
DT C5    C6     doub N N 145 
DT C7    H71    sing N N 146 
DT C7    H72    sing N N 147 
DT C7    H73    sing N N 148 
DT C6    H6     sing N N 149 
# 
loop_
_ndb_struct_conf_na.entry_id 
_ndb_struct_conf_na.feature 
9NLL 'double helix'         
9NLL 'b-form double helix'  
9NLL 'mismatched base pair' 
# 
loop_
_ndb_struct_na_base_pair.model_number 
_ndb_struct_na_base_pair.i_label_asym_id 
_ndb_struct_na_base_pair.i_label_comp_id 
_ndb_struct_na_base_pair.i_label_seq_id 
_ndb_struct_na_base_pair.i_symmetry 
_ndb_struct_na_base_pair.j_label_asym_id 
_ndb_struct_na_base_pair.j_label_comp_id 
_ndb_struct_na_base_pair.j_label_seq_id 
_ndb_struct_na_base_pair.j_symmetry 
_ndb_struct_na_base_pair.shear 
_ndb_struct_na_base_pair.stretch 
_ndb_struct_na_base_pair.stagger 
_ndb_struct_na_base_pair.buckle 
_ndb_struct_na_base_pair.propeller 
_ndb_struct_na_base_pair.opening 
_ndb_struct_na_base_pair.pair_number 
_ndb_struct_na_base_pair.pair_name 
_ndb_struct_na_base_pair.i_auth_asym_id 
_ndb_struct_na_base_pair.i_auth_seq_id 
_ndb_struct_na_base_pair.i_PDB_ins_code 
_ndb_struct_na_base_pair.j_auth_asym_id 
_ndb_struct_na_base_pair.j_auth_seq_id 
_ndb_struct_na_base_pair.j_PDB_ins_code 
_ndb_struct_na_base_pair.hbond_type_28 
_ndb_struct_na_base_pair.hbond_type_12 
1 A DT 2  1_555 B DA 17 1_555 -0.126 -0.069 0.074  -2.369 -1.604 -3.515 1  A_DT2:DA22_B  A 2  ? B 22 ? 20 1 
1 A DG 3  1_555 B DC 16 1_555 -0.180 -0.121 0.140  1.455  0.280  -0.779 2  A_DG3:DC21_B  A 3  ? B 21 ? 19 1 
1 A DC 4  1_555 B DG 15 1_555 0.179  -0.164 -0.107 -1.371 2.527  0.762  3  A_DC4:DG20_B  A 4  ? B 20 ? 19 1 
1 A DG 5  1_555 B DC 14 1_555 -0.200 -0.141 0.007  -2.671 -1.507 -2.053 4  A_DG5:DC19_B  A 5  ? B 19 ? 19 1 
1 A DT 6  1_555 B DA 13 1_555 -0.132 -0.094 -0.014 0.630  2.743  -4.328 5  A_DT6:DA18_B  A 6  ? B 18 ? 20 1 
1 A DG 7  1_555 B DC 12 1_555 -0.221 -0.217 0.420  4.888  -0.255 -1.065 6  A_DG7:DC17_B  A 7  ? B 17 ? 19 1 
1 A DT 8  1_555 B DA 11 1_555 -0.038 -0.166 0.249  2.424  -3.620 -2.252 7  A_DT8:DA16_B  A 8  ? B 16 ? 20 1 
1 A DG 9  1_555 B DC 10 1_555 -0.091 -0.116 0.245  0.604  -1.129 -2.893 8  A_DG9:DC15_B  A 9  ? B 15 ? 19 1 
1 A DA 10 1_555 B DT 9  1_555 0.140  -0.152 0.023  -0.126 -2.070 -0.217 9  A_DA10:DT14_B A 10 ? B 14 ? 20 1 
1 A DC 11 1_555 B DG 8  1_555 0.207  -0.143 0.074  1.099  -2.821 0.319  10 A_DC11:DG13_B A 11 ? B 13 ? 19 1 
1 A DT 12 1_555 B DA 7  1_555 -0.255 -0.051 -0.009 -2.701 -3.986 -4.215 11 A_DT12:DA12_B A 12 ? B 12 ? 20 1 
1 A DG 13 1_555 B DC 6  1_555 -0.169 -0.148 -0.369 -2.537 -4.971 -0.811 12 A_DG13:DC11_B A 13 ? B 11 ? 19 1 
1 A DT 14 1_555 B DA 5  1_555 -0.076 -0.156 -0.139 -1.578 -4.593 3.806  13 A_DT14:DA10_B A 14 ? B 10 ? 20 1 
1 C DC 4  1_555 B DG 4  1_555 0.207  -0.107 0.068  0.735  0.801  1.366  14 C_DC22:DG9_B  C 22 ? B 9  ? 19 1 
1 C DC 5  1_555 B DG 3  1_555 0.150  -0.107 0.158  0.235  -0.028 -2.955 15 C_DC23:DG8_B  C 23 ? B 8  ? 19 1 
1 C DG 6  1_555 B DC 2  1_555 -0.239 -0.118 0.420  -2.710 2.065  2.084  16 C_DG24:DC7_B  C 24 ? B 7  ? 19 1 
1 C DT 7  1_555 B DA 1  1_555 -0.167 -0.165 0.213  0.330  -4.277 0.848  17 C_DT25:DA6_B  C 25 ? B 6  ? 20 1 
1 C DA 1  1_555 D DT 4  1_555 0.086  -0.116 0.242  -0.238 -6.935 -3.193 18 C_DA19:DT5_F  C 19 ? F 5  ? 20 1 
1 C DC 2  1_555 D DG 3  1_555 0.155  -0.118 0.233  -2.823 -6.001 -1.399 19 C_DC20:DG4_F  C 20 ? F 4  ? 19 1 
1 C DA 3  1_555 D DT 2  1_555 0.149  -0.102 0.014  -0.858 -0.244 -2.448 20 C_DA21:DT3_F  C 21 ? F 3  ? 20 1 
# 
loop_
_ndb_struct_na_base_pair_step.model_number 
_ndb_struct_na_base_pair_step.i_label_asym_id_1 
_ndb_struct_na_base_pair_step.i_label_comp_id_1 
_ndb_struct_na_base_pair_step.i_label_seq_id_1 
_ndb_struct_na_base_pair_step.i_symmetry_1 
_ndb_struct_na_base_pair_step.j_label_asym_id_1 
_ndb_struct_na_base_pair_step.j_label_comp_id_1 
_ndb_struct_na_base_pair_step.j_label_seq_id_1 
_ndb_struct_na_base_pair_step.j_symmetry_1 
_ndb_struct_na_base_pair_step.i_label_asym_id_2 
_ndb_struct_na_base_pair_step.i_label_comp_id_2 
_ndb_struct_na_base_pair_step.i_label_seq_id_2 
_ndb_struct_na_base_pair_step.i_symmetry_2 
_ndb_struct_na_base_pair_step.j_label_asym_id_2 
_ndb_struct_na_base_pair_step.j_label_comp_id_2 
_ndb_struct_na_base_pair_step.j_label_seq_id_2 
_ndb_struct_na_base_pair_step.j_symmetry_2 
_ndb_struct_na_base_pair_step.shift 
_ndb_struct_na_base_pair_step.slide 
_ndb_struct_na_base_pair_step.rise 
_ndb_struct_na_base_pair_step.tilt 
_ndb_struct_na_base_pair_step.roll 
_ndb_struct_na_base_pair_step.twist 
_ndb_struct_na_base_pair_step.x_displacement 
_ndb_struct_na_base_pair_step.y_displacement 
_ndb_struct_na_base_pair_step.helical_rise 
_ndb_struct_na_base_pair_step.inclination 
_ndb_struct_na_base_pair_step.tip 
_ndb_struct_na_base_pair_step.helical_twist 
_ndb_struct_na_base_pair_step.step_number 
_ndb_struct_na_base_pair_step.step_name 
_ndb_struct_na_base_pair_step.i_auth_asym_id_1 
_ndb_struct_na_base_pair_step.i_auth_seq_id_1 
_ndb_struct_na_base_pair_step.i_PDB_ins_code_1 
_ndb_struct_na_base_pair_step.j_auth_asym_id_1 
_ndb_struct_na_base_pair_step.j_auth_seq_id_1 
_ndb_struct_na_base_pair_step.j_PDB_ins_code_1 
_ndb_struct_na_base_pair_step.i_auth_asym_id_2 
_ndb_struct_na_base_pair_step.i_auth_seq_id_2 
_ndb_struct_na_base_pair_step.i_PDB_ins_code_2 
_ndb_struct_na_base_pair_step.j_auth_asym_id_2 
_ndb_struct_na_base_pair_step.j_auth_seq_id_2 
_ndb_struct_na_base_pair_step.j_PDB_ins_code_2 
1 A DT 2  1_555 B DA 17 1_555 A DG 3  1_555 B DC 16 1_555 -0.697 -0.652 2.995 1.452  2.812  33.998 -1.512 1.395  2.902 4.795  
-2.477 34.141 1  AA_DT2DG3:DC21DA22_BB   A 2  ? B 22 ? A 3  ? B 21 ? 
1 A DG 3  1_555 B DC 16 1_555 A DC 4  1_555 B DG 15 1_555 -0.350 -0.814 3.354 1.838  0.237  31.326 -1.551 1.000  3.323 0.439  
-3.400 31.379 2  AA_DG3DC4:DG20DC21_BB   A 3  ? B 21 ? A 4  ? B 20 ? 
1 A DC 4  1_555 B DG 15 1_555 A DG 5  1_555 B DC 14 1_555 0.334  -0.303 2.962 0.387  7.368  38.123 -1.263 -0.461 2.859 11.153 
-0.586 38.805 3  AA_DC4DG5:DC19DG20_BB   A 4  ? B 20 ? A 5  ? B 19 ? 
1 A DG 5  1_555 B DC 14 1_555 A DT 6  1_555 B DA 13 1_555 -0.459 -0.665 3.328 1.576  0.997  26.385 -1.722 1.426  3.269 2.182  
-3.448 26.450 4  AA_DG5DT6:DA18DC19_BB   A 5  ? B 19 ? A 6  ? B 18 ? 
1 A DT 6  1_555 B DA 13 1_555 A DG 7  1_555 B DC 12 1_555 1.438  -0.035 2.906 -0.678 4.191  36.848 -0.551 -2.341 2.859 6.603  
1.069  37.084 5  AA_DT6DG7:DC17DA18_BB   A 6  ? B 18 ? A 7  ? B 17 ? 
1 A DG 7  1_555 B DC 12 1_555 A DT 8  1_555 B DA 11 1_555 -0.235 -0.386 3.554 4.459  3.236  34.625 -1.164 1.112  3.449 5.394  
-7.433 35.047 6  AA_DG7DT8:DA16DC17_BB   A 7  ? B 17 ? A 8  ? B 16 ? 
1 A DT 8  1_555 B DA 11 1_555 A DG 9  1_555 B DC 10 1_555 -0.002 -0.627 3.092 -0.555 3.189  32.493 -1.634 -0.086 3.018 5.681  
0.989  32.650 7  AA_DT8DG9:DC15DA16_BB   A 8  ? B 16 ? A 9  ? B 15 ? 
1 A DG 9  1_555 B DC 10 1_555 A DA 10 1_555 B DT 9  1_555 -0.028 -0.221 3.382 -1.739 3.064  37.535 -0.751 -0.189 3.352 4.749  
2.696  37.694 8  AA_DG9DA10:DT14DC15_BB  A 9  ? B 15 ? A 10 ? B 14 ? 
1 A DA 10 1_555 B DT 9  1_555 A DC 11 1_555 B DG 8  1_555 -0.261 -0.904 3.142 -1.535 1.970  34.630 -1.802 0.214  3.095 3.305  
2.574  34.717 9  AA_DA10DC11:DG13DT14_BB A 10 ? B 14 ? A 11 ? B 13 ? 
1 A DC 11 1_555 B DG 8  1_555 A DT 12 1_555 B DA 7  1_555 -0.081 -0.519 3.250 3.782  0.870  34.564 -1.000 0.708  3.209 1.458  
-6.340 34.774 10 AA_DC11DT12:DA12DG13_BB A 11 ? B 13 ? A 12 ? B 12 ? 
1 A DT 12 1_555 B DA 7  1_555 A DG 13 1_555 B DC 6  1_555 -0.603 0.404  3.597 1.118  -3.606 31.406 1.467  1.331  3.507 -6.632 
-2.055 31.627 11 AA_DT12DG13:DC11DA12_BB A 12 ? B 12 ? A 13 ? B 11 ? 
1 A DG 13 1_555 B DC 6  1_555 A DT 14 1_555 B DA 5  1_555 0.538  -0.959 3.288 -2.964 -1.586 39.372 -1.232 -1.147 3.275 -2.349 
4.390  39.510 12 AA_DG13DT14:DA10DC11_BB A 13 ? B 11 ? A 14 ? B 10 ? 
1 A DT 14 1_555 B DA 5  1_555 C DC 4  1_555 B DG 4  1_555 0.858  0.279  3.537 4.621  5.902  41.914 -0.272 -0.668 3.613 8.172  
-6.399 42.550 13 AC_DT14DC22:DG9DA10_BB  A 14 ? B 10 ? C 22 ? B 9  ? 
1 C DC 4  1_555 B DG 4  1_555 C DC 5  1_555 B DG 3  1_555 -1.477 -0.433 3.153 -1.963 0.520  33.226 -0.840 2.258  3.225 0.908  
3.430  33.287 14 CC_DC22DC23:DG8DG9_BB   C 22 ? B 9  ? C 23 ? B 8  ? 
1 C DC 5  1_555 B DG 3  1_555 C DG 6  1_555 B DC 2  1_555 1.115  -0.412 3.037 -0.242 1.782  32.767 -1.012 -2.012 3.003 3.156  
0.428  32.815 15 CC_DC23DG24:DC7DG8_BB   C 23 ? B 8  ? C 24 ? B 7  ? 
1 C DG 6  1_555 B DC 2  1_555 C DT 7  1_555 B DA 1  1_555 -0.455 -1.178 3.825 -6.411 11.585 34.938 -3.576 -0.247 3.313 18.494 
10.235 37.289 16 CC_DG24DT25:DA6DC7_BB   C 24 ? B 7  ? C 25 ? B 6  ? 
1 C DA 1  1_555 D DT 4  1_555 C DC 2  1_555 D DG 3  1_555 -0.932 0.248  3.335 -1.594 -3.617 31.422 1.138  1.407  3.328 -6.645 
2.929  31.664 17 CC_DA19DC20:DG4DT5_FF   C 19 ? F 5  ? C 20 ? F 4  ? 
1 C DC 2  1_555 D DG 3  1_555 C DA 3  1_555 D DT 2  1_555 -0.027 -0.855 3.230 -0.212 -0.729 26.239 -1.687 0.003  3.253 -1.605 
0.466  26.249 18 CC_DC20DA21:DT3DG4_FF   C 20 ? F 4  ? C 21 ? F 3  ? 
# 
loop_
_pdbx_audit_support.funding_organization 
_pdbx_audit_support.country 
_pdbx_audit_support.grant_number 
_pdbx_audit_support.ordinal 
'Office of Naval Research (ONR)'                   'United States' N000141912596 1 
'Department of Energy (DOE, United States)'        'United States' DE-SC0007991  2 
'National Science Foundation (NSF, United States)' 'United States' CCF-2106790   3 
'National Science Foundation (NSF, United States)' 'United States' GCR-2317843   4 
# 
_pdbx_initial_refinement_model.id               1 
_pdbx_initial_refinement_model.entity_id_list   ? 
_pdbx_initial_refinement_model.type             'experimental model' 
_pdbx_initial_refinement_model.source_name      PDB 
_pdbx_initial_refinement_model.accession_code   8D93 
_pdbx_initial_refinement_model.details          'tensegrity triangle' 
# 
_space_group.name_H-M_alt     'R 3 :H' 
_space_group.name_Hall        'R 3' 
_space_group.IT_number        146 
_space_group.crystal_system   trigonal 
_space_group.id               1 
# 
_atom_sites.entry_id                    9NLL 
_atom_sites.Cartn_transf_matrix[1][1]   ? 
_atom_sites.Cartn_transf_matrix[1][2]   ? 
_atom_sites.Cartn_transf_matrix[1][3]   ? 
_atom_sites.Cartn_transf_matrix[2][1]   ? 
_atom_sites.Cartn_transf_matrix[2][2]   ? 
_atom_sites.Cartn_transf_matrix[2][3]   ? 
_atom_sites.Cartn_transf_matrix[3][1]   ? 
_atom_sites.Cartn_transf_matrix[3][2]   ? 
_atom_sites.Cartn_transf_matrix[3][3]   ? 
_atom_sites.Cartn_transf_vector[1]      ? 
_atom_sites.Cartn_transf_vector[2]      ? 
_atom_sites.Cartn_transf_vector[3]      ? 
_atom_sites.Cartn_transform_axes        ? 
_atom_sites.fract_transf_matrix[1][1]   0.00661766 
_atom_sites.fract_transf_matrix[1][2]   -0.00398150 
_atom_sites.fract_transf_matrix[1][3]   -0.00671495 
_atom_sites.fract_transf_matrix[2][1]   0.00433694 
_atom_sites.fract_transf_matrix[2][2]   -0.00908110 
_atom_sites.fract_transf_matrix[2][3]   0.00185995 
_atom_sites.fract_transf_matrix[3][1]   -0.01116270 
_atom_sites.fract_transf_matrix[3][2]   -0.00676294 
_atom_sites.fract_transf_matrix[3][3]   -0.00699102 
_atom_sites.fract_transf_vector[1]      0.130824 
_atom_sites.fract_transf_vector[2]      -0.091578 
_atom_sites.fract_transf_vector[3]      -0.045923 
_atom_sites.solution_primary            ? 
_atom_sites.solution_secondary          ? 
_atom_sites.solution_hydrogens          ? 
_atom_sites.special_details             ? 
# 
loop_
_atom_type.symbol 
_atom_type.scat_dispersion_real 
_atom_type.scat_dispersion_imag 
_atom_type.scat_Cromer_Mann_a1 
_atom_type.scat_Cromer_Mann_a2 
_atom_type.scat_Cromer_Mann_a3 
_atom_type.scat_Cromer_Mann_a4 
_atom_type.scat_Cromer_Mann_b1 
_atom_type.scat_Cromer_Mann_b2 
_atom_type.scat_Cromer_Mann_b3 
_atom_type.scat_Cromer_Mann_b4 
_atom_type.scat_Cromer_Mann_c 
_atom_type.scat_source 
_atom_type.scat_dispersion_source 
C ? ? 5.96793  ? ? ? 14.89577 ? ? ? 0.0 
;1-Gaussian fit: Grosse-Kunstleve RW, Sauter NK, Adams PD: Newsletter of the IUCr Commission on Crystallographic Computing 2004, 3, 22-31.
;
? 
N ? ? 6.96715  ? ? ? 11.43723 ? ? ? 0.0 
;1-Gaussian fit: Grosse-Kunstleve RW, Sauter NK, Adams PD: Newsletter of the IUCr Commission on Crystallographic Computing 2004, 3, 22-31.
;
? 
O ? ? 7.96527  ? ? ? 9.05267  ? ? ? 0.0 
;1-Gaussian fit: Grosse-Kunstleve RW, Sauter NK, Adams PD: Newsletter of the IUCr Commission on Crystallographic Computing 2004, 3, 22-31.
;
? 
P ? ? 14.90797 ? ? ? 11.91318 ? ? ? 0.0 
;1-Gaussian fit: Grosse-Kunstleve RW, Sauter NK, Adams PD: Newsletter of the IUCr Commission on Crystallographic Computing 2004, 3, 22-31.
;
? 
# 
loop_
_atom_site.group_PDB 
_atom_site.id 
_atom_site.type_symbol 
_atom_site.label_atom_id 
_atom_site.label_alt_id 
_atom_site.label_comp_id 
_atom_site.label_asym_id 
_atom_site.label_entity_id 
_atom_site.label_seq_id 
_atom_site.pdbx_PDB_ins_code 
_atom_site.Cartn_x 
_atom_site.Cartn_y 
_atom_site.Cartn_z 
_atom_site.occupancy 
_atom_site.B_iso_or_equiv 
_atom_site.pdbx_formal_charge 
_atom_site.auth_seq_id 
_atom_site.auth_comp_id 
_atom_site.auth_asym_id 
_atom_site.auth_atom_id 
_atom_site.pdbx_PDB_model_num 
ATOM 1   O "O5'" . DG A 1 1  ? 11.13995  -27.93311 9.92329   1.000 558.95146 ? 1  DG A "O5'" 1 
ATOM 2   C "C5'" . DG A 1 1  ? 10.35897  -28.12723 11.09224  1.000 547.38308 ? 1  DG A "C5'" 1 
ATOM 3   C "C4'" . DG A 1 1  ? 10.94486  -27.36232 12.26539  1.000 558.79262 ? 1  DG A "C4'" 1 
ATOM 4   O "O4'" . DG A 1 1  ? 12.33489  -27.74897 12.44471  1.000 582.43380 ? 1  DG A "O4'" 1 
ATOM 5   C "C3'" . DG A 1 1  ? 10.97026  -25.84741 12.09831  1.000 566.07506 ? 1  DG A "C3'" 1 
ATOM 6   O "O3'" . DG A 1 1  ? 9.74758   -25.26402 12.57293  1.000 565.42220 ? 1  DG A "O3'" 1 
ATOM 7   C "C2'" . DG A 1 1  ? 12.15404  -25.45571 12.97159  1.000 566.89903 ? 1  DG A "C2'" 1 
ATOM 8   C "C1'" . DG A 1 1  ? 13.12558  -26.59856 12.69530  1.000 594.50998 ? 1  DG A "C1'" 1 
ATOM 9   N N9    . DG A 1 1  ? 13.99786  -26.36907 11.53974  1.000 617.12030 ? 1  DG A N9    1 
ATOM 10  C C8    . DG A 1 1  ? 13.98885  -27.04989 10.34597  1.000 628.18525 ? 1  DG A C8    1 
ATOM 11  N N7    . DG A 1 1  ? 14.88425  -26.62995 9.49583   1.000 661.01513 ? 1  DG A N7    1 
ATOM 12  C C5    . DG A 1 1  ? 15.53260  -25.60445 10.16744  1.000 657.51699 ? 1  DG A C5    1 
ATOM 13  C C6    . DG A 1 1  ? 16.59502  -24.77367 9.74644   1.000 669.97511 ? 1  DG A C6    1 
ATOM 14  O O6    . DG A 1 1  ? 17.19491  -24.78289 8.66087   1.000 692.90334 ? 1  DG A O6    1 
ATOM 15  N N1    . DG A 1 1  ? 16.95122  -23.85933 10.73410  1.000 644.54132 ? 1  DG A N1    1 
ATOM 16  C C2    . DG A 1 1  ? 16.35660  -23.75958 11.97219  1.000 617.13425 ? 1  DG A C2    1 
ATOM 17  N N2    . DG A 1 1  ? 16.84340  -22.81194 12.78863  1.000 595.05162 ? 1  DG A N2    1 
ATOM 18  N N3    . DG A 1 1  ? 15.35854  -24.53188 12.38004  1.000 614.47408 ? 1  DG A N3    1 
ATOM 19  C C4    . DG A 1 1  ? 14.99919  -25.42919 11.42982  1.000 628.31174 ? 1  DG A C4    1 
ATOM 20  P P     . DT A 1 2  ? 9.28990   -23.80490 12.06512  1.000 558.34069 ? 2  DT A P     1 
ATOM 21  O OP1   . DT A 1 2  ? 7.90389   -23.56962 12.52800  1.000 521.52971 ? 2  DT A OP1   1 
ATOM 22  O OP2   . DT A 1 2  ? 9.58738   -23.71914 10.61849  1.000 584.64660 ? 2  DT A OP2   1 
ATOM 23  O "O5'" . DT A 1 2  ? 10.27810  -22.79294 12.82494  1.000 561.53991 ? 2  DT A "O5'" 1 
ATOM 24  C "C5'" . DT A 1 2  ? 10.10725  -22.52087 14.22141  1.000 567.07227 ? 2  DT A "C5'" 1 
ATOM 25  C "C4'" . DT A 1 2  ? 11.32693  -21.80895 14.80024  1.000 563.07399 ? 2  DT A "C4'" 1 
ATOM 26  O "O4'" . DT A 1 2  ? 12.50829  -22.15378 14.03122  1.000 581.61843 ? 2  DT A "O4'" 1 
ATOM 27  C "C3'" . DT A 1 2  ? 11.26876  -20.28068 14.79518  1.000 580.90798 ? 2  DT A "C3'" 1 
ATOM 28  O "O3'" . DT A 1 2  ? 11.98127  -19.77476 15.92867  1.000 549.04538 ? 2  DT A "O3'" 1 
ATOM 29  C "C2'" . DT A 1 2  ? 11.97791  -19.92983 13.48823  1.000 630.57490 ? 2  DT A "C2'" 1 
ATOM 30  C "C1'" . DT A 1 2  ? 13.07544  -20.98187 13.46789  1.000 621.70518 ? 2  DT A "C1'" 1 
ATOM 31  N N1    . DT A 1 2  ? 13.60200  -21.32579 12.09832  1.000 654.37375 ? 2  DT A N1    1 
ATOM 32  C C2    . DT A 1 2  ? 14.71550  -20.67081 11.60854  1.000 662.95220 ? 2  DT A C2    1 
ATOM 33  O O2    . DT A 1 2  ? 15.29138  -19.78764 12.21948  1.000 645.07937 ? 2  DT A O2    1 
ATOM 34  N N3    . DT A 1 2  ? 15.12238  -21.08412 10.36086  1.000 684.98843 ? 2  DT A N3    1 
ATOM 35  C C4    . DT A 1 2  ? 14.55217  -22.06965 9.57689   1.000 695.62371 ? 2  DT A C4    1 
ATOM 36  O O4    . DT A 1 2  ? 14.98884  -22.36900 8.47166   1.000 711.43000 ? 2  DT A O4    1 
ATOM 37  C C5    . DT A 1 2  ? 13.39928  -22.72032 10.15144  1.000 682.05219 ? 2  DT A C5    1 
ATOM 38  C C7    . DT A 1 2  ? 12.69603  -23.80413 9.38880   1.000 673.63029 ? 2  DT A C7    1 
ATOM 39  C C6    . DT A 1 2  ? 12.98898  -22.32641 11.37005  1.000 663.23439 ? 2  DT A C6    1 
ATOM 40  P P     . DG A 1 3  ? 11.51793  -18.41836 16.65768  1.000 507.95263 ? 3  DG A P     1 
ATOM 41  O OP1   . DG A 1 3  ? 11.74718  -18.59187 18.11242  1.000 452.39047 ? 3  DG A OP1   1 
ATOM 42  O OP2   . DG A 1 3  ? 10.16903  -18.08570 16.15105  1.000 501.56489 ? 3  DG A OP2   1 
ATOM 43  O "O5'" . DG A 1 3  ? 12.54270  -17.31691 16.10698  1.000 561.06033 ? 3  DG A "O5'" 1 
ATOM 44  C "C5'" . DG A 1 3  ? 12.06546  -16.20784 15.34173  1.000 563.00820 ? 3  DG A "C5'" 1 
ATOM 45  C "C4'" . DG A 1 3  ? 13.22236  -15.34023 14.87226  1.000 577.81663 ? 3  DG A "C4'" 1 
ATOM 46  O "O4'" . DG A 1 3  ? 14.00877  -16.07851 13.90095  1.000 612.00954 ? 3  DG A "O4'" 1 
ATOM 47  C "C3'" . DG A 1 3  ? 12.82280  -14.03083 14.19079  1.000 604.79907 ? 3  DG A "C3'" 1 
ATOM 48  O "O3'" . DG A 1 3  ? 13.73738  -12.98342 14.55130  1.000 576.86114 ? 3  DG A "O3'" 1 
ATOM 49  C "C2'" . DG A 1 3  ? 12.90962  -14.37748 12.70804  1.000 665.53981 ? 3  DG A "C2'" 1 
ATOM 50  C "C1'" . DG A 1 3  ? 14.05880  -15.37601 12.67735  1.000 652.96537 ? 3  DG A "C1'" 1 
ATOM 51  N N9    . DG A 1 3  ? 13.94123  -16.34245 11.58561  1.000 687.84987 ? 3  DG A N9    1 
ATOM 52  C C8    . DG A 1 3  ? 12.97496  -17.30777 11.43890  1.000 692.90902 ? 3  DG A C8    1 
ATOM 53  N N7    . DG A 1 3  ? 13.11321  -18.02452 10.35707  1.000 714.73968 ? 3  DG A N7    1 
ATOM 54  C C5    . DG A 1 3  ? 14.24245  -17.49725 9.74323   1.000 724.81901 ? 3  DG A C5    1 
ATOM 55  C C6    . DG A 1 3  ? 14.87851  -17.86854 8.53613   1.000 740.18891 ? 3  DG A C6    1 
ATOM 56  O O6    . DG A 1 3  ? 14.55792  -18.76681 7.74789   1.000 746.78522 ? 3  DG A O6    1 
ATOM 57  N N1    . DG A 1 3  ? 15.99574  -17.07630 8.27353   1.000 739.78305 ? 3  DG A N1    1 
ATOM 58  C C2    . DG A 1 3  ? 16.43994  -16.05357 9.08083   1.000 722.44229 ? 3  DG A C2    1 
ATOM 59  N N2    . DG A 1 3  ? 17.53775  -15.39743 8.66854   1.000 717.74807 ? 3  DG A N2    1 
ATOM 60  N N3    . DG A 1 3  ? 15.85203  -15.69647 10.21574  1.000 704.85435 ? 3  DG A N3    1 
ATOM 61  C C4    . DG A 1 3  ? 14.76512  -16.45985 10.48486  1.000 709.07957 ? 3  DG A C4    1 
ATOM 62  P P     . DC A 1 4  ? 13.38317  -11.44126 14.25104  1.000 592.84410 ? 4  DC A P     1 
ATOM 63  O OP1   . DC A 1 4  ? 13.12764  -10.77606 15.54890  1.000 528.86103 ? 4  DC A OP1   1 
ATOM 64  O OP2   . DC A 1 4  ? 12.36629  -11.38603 13.17779  1.000 641.67220 ? 4  DC A OP2   1 
ATOM 65  O "O5'" . DC A 1 4  ? 14.73807  -10.85928 13.63573  1.000 611.25344 ? 4  DC A "O5'" 1 
ATOM 66  C "C5'" . DC A 1 4  ? 15.61653  -11.72469 12.93359  1.000 648.78914 ? 4  DC A "C5'" 1 
ATOM 67  C "C4'" . DC A 1 4  ? 16.10449  -11.09356 11.63870  1.000 677.11831 ? 4  DC A "C4'" 1 
ATOM 68  O "O4'" . DC A 1 4  ? 16.06836  -12.09001 10.58103  1.000 710.81885 ? 4  DC A "O4'" 1 
ATOM 69  C "C3'" . DC A 1 4  ? 15.28112  -9.91213  11.11736  1.000 703.54616 ? 4  DC A "C3'" 1 
ATOM 70  O "O3'" . DC A 1 4  ? 16.14290  -8.99584  10.45227  1.000 706.14578 ? 4  DC A "O3'" 1 
ATOM 71  C "C2'" . DC A 1 4  ? 14.33779  -10.58789 10.13180  1.000 753.88254 ? 4  DC A "C2'" 1 
ATOM 72  C "C1'" . DC A 1 4  ? 15.26749  -11.61956 9.51670   1.000 760.67064 ? 4  DC A "C1'" 1 
ATOM 73  N N1    . DC A 1 4  ? 14.55744  -12.78041 8.90007   1.000 785.69853 ? 4  DC A N1    1 
ATOM 74  C C2    . DC A 1 4  ? 15.02190  -13.31362 7.69266   1.000 809.99529 ? 4  DC A C2    1 
ATOM 75  O O2    . DC A 1 4  ? 16.01051  -12.80451 7.15577   1.000 811.95421 ? 4  DC A O2    1 
ATOM 76  N N3    . DC A 1 4  ? 14.36561  -14.36678 7.14377   1.000 823.57939 ? 4  DC A N3    1 
ATOM 77  C C4    . DC A 1 4  ? 13.29751  -14.88068 7.75495   1.000 813.63789 ? 4  DC A C4    1 
ATOM 78  N N4    . DC A 1 4  ? 12.68122  -15.92186 7.17990   1.000 813.77925 ? 4  DC A N4    1 
ATOM 79  C C5    . DC A 1 4  ? 12.81077  -14.35006 8.98514   1.000 792.55957 ? 4  DC A C5    1 
ATOM 80  C C6    . DC A 1 4  ? 13.46409  -13.31040 9.51568   1.000 778.39161 ? 4  DC A C6    1 
ATOM 81  P P     . DG A 1 5  ? 15.62404  -7.54003  10.00976  1.000 690.36250 ? 5  DG A P     1 
ATOM 82  O OP1   . DG A 1 5  ? 16.58809  -6.56778  10.57272  1.000 655.02410 ? 5  DG A OP1   1 
ATOM 83  O OP2   . DG A 1 5  ? 14.18316  -7.42246  10.33296  1.000 682.34691 ? 5  DG A OP2   1 
ATOM 84  O "O5'" . DG A 1 5  ? 15.80352  -7.54340  8.41821   1.000 749.21615 ? 5  DG A "O5'" 1 
ATOM 85  C "C5'" . DG A 1 5  ? 17.11561  -7.49609  7.85800   1.000 747.14012 ? 5  DG A "C5'" 1 
ATOM 86  C "C4'" . DG A 1 5  ? 17.12126  -7.99254  6.42135   1.000 787.09772 ? 5  DG A "C4'" 1 
ATOM 87  O "O4'" . DG A 1 5  ? 16.50792  -9.29830  6.35564   1.000 803.07596 ? 5  DG A "O4'" 1 
ATOM 88  C "C3'" . DG A 1 5  ? 16.36785  -7.10783  5.42776   1.000 825.60878 ? 5  DG A "C3'" 1 
ATOM 89  O "O3'" . DG A 1 5  ? 17.24693  -6.67478  4.40836   1.000 829.95949 ? 5  DG A "O3'" 1 
ATOM 90  C "C2'" . DG A 1 5  ? 15.25386  -8.00494  4.86995   1.000 867.50196 ? 5  DG A "C2'" 1 
ATOM 91  C "C1'" . DG A 1 5  ? 15.75629  -9.40563  5.17351   1.000 852.45732 ? 5  DG A "C1'" 1 
ATOM 92  N N9    . DG A 1 5  ? 14.68692  -10.36279 5.42162   1.000 858.92977 ? 5  DG A N9    1 
ATOM 93  C C8    . DG A 1 5  ? 13.87043  -10.40900 6.52384   1.000 837.80987 ? 5  DG A C8    1 
ATOM 94  N N7    . DG A 1 5  ? 13.00775  -11.38150 6.49007   1.000 842.68313 ? 5  DG A N7    1 
ATOM 95  C C5    . DG A 1 5  ? 13.27119  -12.02785 5.28965   1.000 864.41297 ? 5  DG A C5    1 
ATOM 96  C C6    . DG A 1 5  ? 12.65164  -13.15823 4.71714   1.000 857.87986 ? 5  DG A C6    1 
ATOM 97  O O6    . DG A 1 5  ? 11.71872  -13.82682 5.17755   1.000 834.18065 ? 5  DG A O6    1 
ATOM 98  N N1    . DG A 1 5  ? 13.21680  -13.49229 3.48920   1.000 870.87456 ? 5  DG A N1    1 
ATOM 99  C C2    . DG A 1 5  ? 14.25454  -12.81558 2.88946   1.000 895.03459 ? 5  DG A C2    1 
ATOM 100 N N2    . DG A 1 5  ? 14.66803  -13.28597 1.70299   1.000 910.41338 ? 5  DG A N2    1 
ATOM 101 N N3    . DG A 1 5  ? 14.84809  -11.75088 3.42098   1.000 893.64448 ? 5  DG A N3    1 
ATOM 102 C C4    . DG A 1 5  ? 14.30475  -11.41594 4.61907   1.000 877.48783 ? 5  DG A C4    1 
ATOM 103 P P     . DT A 1 6  ? 16.95039  -5.31412  3.61139   1.000 815.41006 ? 6  DT A P     1 
ATOM 104 O OP1   . DT A 1 6  ? 17.98418  -4.33516  4.01563   1.000 783.94603 ? 6  DT A OP1   1 
ATOM 105 O OP2   . DT A 1 6  ? 15.51936  -4.97732  3.79012   1.000 834.11555 ? 6  DT A OP2   1 
ATOM 106 O "O5'" . DT A 1 6  ? 17.17264  -5.72132  2.08128   1.000 850.26919 ? 6  DT A "O5'" 1 
ATOM 107 C "C5'" . DT A 1 6  ? 17.30833  -7.09499  1.73233   1.000 851.46712 ? 6  DT A "C5'" 1 
ATOM 108 C "C4'" . DT A 1 6  ? 16.29481  -7.48834  0.67414   1.000 888.99818 ? 6  DT A "C4'" 1 
ATOM 109 O "O4'" . DT A 1 6  ? 15.43997  -8.53573  1.18097   1.000 898.32181 ? 6  DT A "O4'" 1 
ATOM 110 C "C3'" . DT A 1 6  ? 15.36143  -6.36284  0.22678   1.000 914.36652 ? 6  DT A "C3'" 1 
ATOM 111 O "O3'" . DT A 1 6  ? 15.71228  -5.94049  -1.08836  1.000 920.53202 ? 6  DT A "O3'" 1 
ATOM 112 C "C2'" . DT A 1 6  ? 13.95421  -6.98305  0.27574   1.000 935.44678 ? 6  DT A "C2'" 1 
ATOM 113 C "C1'" . DT A 1 6  ? 14.21623  -8.47043  0.50276   1.000 927.33084 ? 6  DT A "C1'" 1 
ATOM 114 N N1    . DT A 1 6  ? 13.16091  -9.15309  1.33959   1.000 931.44411 ? 6  DT A N1    1 
ATOM 115 C C2    . DT A 1 6  ? 12.55744  -10.30590 0.87378   1.000 906.73374 ? 6  DT A C2    1 
ATOM 116 O O2    . DT A 1 6  ? 12.83338  -10.82024 -0.19583  1.000 896.20962 ? 6  DT A O2    1 
ATOM 117 N N3    . DT A 1 6  ? 11.61285  -10.83892 1.71892   1.000 877.83984 ? 6  DT A N3    1 
ATOM 118 C C4    . DT A 1 6  ? 11.21939  -10.34401 2.95118   1.000 871.88666 ? 6  DT A C4    1 
ATOM 119 O O4    . DT A 1 6  ? 10.36407  -10.88861 3.63986   1.000 843.82851 ? 6  DT A O4    1 
ATOM 120 C C5    . DT A 1 6  ? 11.88654  -9.13899  3.37347   1.000 895.82684 ? 6  DT A C5    1 
ATOM 121 C C7    . DT A 1 6  ? 11.53923  -8.51300  4.69177   1.000 873.33418 ? 6  DT A C7    1 
ATOM 122 C C6    . DT A 1 6  ? 12.81026  -8.60702  2.55782   1.000 926.57820 ? 6  DT A C6    1 
ATOM 123 P P     . DG A 1 7  ? 14.80287  -4.88037  -1.88435  1.000 960.58286 ? 7  DG A P     1 
ATOM 124 O OP1   . DG A 1 7  ? 15.69922  -4.18669  -2.83586  1.000 956.11557 ? 7  DG A OP1   1 
ATOM 125 O OP2   . DG A 1 7  ? 14.02506  -4.08518  -0.90663  1.000 969.29698 ? 7  DG A OP2   1 
ATOM 126 O "O5'" . DG A 1 7  ? 13.80190  -5.80627  -2.71872  1.000 957.00831 ? 7  DG A "O5'" 1 
ATOM 127 C "C5'" . DG A 1 7  ? 14.32965  -6.86917  -3.49988  1.000 945.52781 ? 7  DG A "C5'" 1 
ATOM 128 C "C4'" . DG A 1 7  ? 13.27537  -7.92214  -3.78164  1.000 931.54182 ? 7  DG A "C4'" 1 
ATOM 129 O "O4'" . DG A 1 7  ? 12.70777  -8.39433  -2.53710  1.000 926.52018 ? 7  DG A "O4'" 1 
ATOM 130 C "C3'" . DG A 1 7  ? 12.09792  -7.45398  -4.64095  1.000 923.48315 ? 7  DG A "C3'" 1 
ATOM 131 O "O3'" . DG A 1 7  ? 11.91148  -8.35716  -5.71344  1.000 905.29849 ? 7  DG A "O3'" 1 
ATOM 132 C "C2'" . DG A 1 7  ? 10.91030  -7.47940  -3.67653  1.000 912.55233 ? 7  DG A "C2'" 1 
ATOM 133 C "C1'" . DG A 1 7  ? 11.32702  -8.56760  -2.70756  1.000 908.64529 ? 7  DG A "C1'" 1 
ATOM 134 N N9    . DG A 1 7  ? 10.69409  -8.46942  -1.40004  1.000 912.04292 ? 7  DG A N9    1 
ATOM 135 C C8    . DG A 1 7  ? 10.91423  -7.51005  -0.44576  1.000 937.76489 ? 7  DG A C8    1 
ATOM 136 N N7    . DG A 1 7  ? 10.21864  -7.68454  0.63821   1.000 922.86843 ? 7  DG A N7    1 
ATOM 137 C C5    . DG A 1 7  ? 9.48302   -8.83015  0.38371   1.000 888.69176 ? 7  DG A C5    1 
ATOM 138 C C6    . DG A 1 7  ? 8.54787   -9.49856  1.19440   1.000 851.00215 ? 7  DG A C6    1 
ATOM 139 O O6    . DG A 1 7  ? 8.17580   -9.19430  2.33488   1.000 836.14267 ? 7  DG A O6    1 
ATOM 140 N N1    . DG A 1 7  ? 8.02872   -10.62217 0.55974   1.000 815.53916 ? 7  DG A N1    1 
ATOM 141 C C2    . DG A 1 7  ? 8.37591   -11.04545 -0.70354  1.000 822.58448 ? 7  DG A C2    1 
ATOM 142 N N2    . DG A 1 7  ? 7.77103   -12.15280 -1.15107  1.000 786.96380 ? 7  DG A N2    1 
ATOM 143 N N3    . DG A 1 7  ? 9.25532   -10.42292 -1.47473  1.000 857.80490 ? 7  DG A N3    1 
ATOM 144 C C4    . DG A 1 7  ? 9.76629   -9.32728  -0.86694  1.000 886.71925 ? 7  DG A C4    1 
ATOM 145 P P     . DT A 1 8  ? 11.43280  -7.82604  -7.15047  1.000 948.65735 ? 8  DT A P     1 
ATOM 146 O OP1   . DT A 1 8  ? 12.21509  -8.56938  -8.16362  1.000 940.86226 ? 8  DT A OP1   1 
ATOM 147 O OP2   . DT A 1 8  ? 11.46197  -6.34581  -7.12836  1.000 973.28511 ? 8  DT A OP2   1 
ATOM 148 O "O5'" . DT A 1 8  ? 9.91333   -8.31459  -7.24228  1.000 918.75681 ? 8  DT A "O5'" 1 
ATOM 149 C "C5'" . DT A 1 8  ? 9.63070   -9.70981  -7.25039  1.000 893.06872 ? 8  DT A "C5'" 1 
ATOM 150 C "C4'" . DT A 1 8  ? 8.18199   -9.98711  -6.88643  1.000 859.02996 ? 8  DT A "C4'" 1 
ATOM 151 O "O4'" . DT A 1 8  ? 7.98565   -9.81292  -5.46592  1.000 865.52140 ? 8  DT A "O4'" 1 
ATOM 152 C "C3'" . DT A 1 8  ? 7.14736   -9.09447  -7.57908  1.000 837.13872 ? 8  DT A "C3'" 1 
ATOM 153 O "O3'" . DT A 1 8  ? 6.29808   -9.89819  -8.38386  1.000 803.00294 ? 8  DT A "O3'" 1 
ATOM 154 C "C2'" . DT A 1 8  ? 6.38005   -8.43076  -6.42375  1.000 818.99968 ? 8  DT A "C2'" 1 
ATOM 155 C "C1'" . DT A 1 8  ? 6.68228   -9.34675  -5.24789  1.000 831.97333 ? 8  DT A "C1'" 1 
ATOM 156 N N1    . DT A 1 8  ? 6.64979   -8.65258  -3.93170  1.000 847.92666 ? 8  DT A N1    1 
ATOM 157 C C2    . DT A 1 8  ? 5.86978   -9.16086  -2.91873  1.000 819.89955 ? 8  DT A C2    1 
ATOM 158 O O2    . DT A 1 8  ? 5.18783   -10.16303 -3.03890  1.000 780.60072 ? 8  DT A O2    1 
ATOM 159 N N3    . DT A 1 8  ? 5.91336   -8.44707  -1.75217  1.000 829.21881 ? 8  DT A N3    1 
ATOM 160 C C4    . DT A 1 8  ? 6.64649   -7.29976  -1.50237  1.000 870.55935 ? 8  DT A C4    1 
ATOM 161 O O4    . DT A 1 8  ? 6.62290   -6.72731  -0.42022  1.000 869.67650 ? 8  DT A O4    1 
ATOM 162 C C5    . DT A 1 8  ? 7.44173   -6.82235  -2.60484  1.000 908.96270 ? 8  DT A C5    1 
ATOM 163 C C7    . DT A 1 8  ? 8.27407   -5.58485  -2.44928  1.000 945.32169 ? 8  DT A C7    1 
ATOM 164 C C6    . DT A 1 8  ? 7.40563   -7.51280  -3.75261  1.000 888.15445 ? 8  DT A C6    1 
ATOM 165 P P     . DG A 1 9  ? 5.11177   -9.24148  -9.24604  1.000 893.46720 ? 9  DG A P     1 
ATOM 166 O OP1   . DG A 1 9  ? 5.10672   -9.93562  -10.55116 1.000 877.34043 ? 9  DG A OP1   1 
ATOM 167 O OP2   . DG A 1 9  ? 5.23495   -7.76773  -9.20851  1.000 909.96062 ? 9  DG A OP2   1 
ATOM 168 O "O5'" . DG A 1 9  ? 3.79605   -9.66740  -8.44670  1.000 852.49015 ? 9  DG A "O5'" 1 
ATOM 169 C "C5'" . DG A 1 9  ? 3.57719   -11.03995 -8.14816  1.000 835.20270 ? 9  DG A "C5'" 1 
ATOM 170 C "C4'" . DG A 1 9  ? 2.54653   -11.20568 -7.04727  1.000 801.31812 ? 9  DG A "C4'" 1 
ATOM 171 O "O4'" . DG A 1 9  ? 3.02575   -10.58840 -5.81915  1.000 824.79174 ? 9  DG A "O4'" 1 
ATOM 172 C "C3'" . DG A 1 9  ? 1.18308   -10.57066 -7.33466  1.000 760.92786 ? 9  DG A "C3'" 1 
ATOM 173 O "O3'" . DG A 1 9  ? 0.15003   -11.45860 -6.94142  1.000 718.77076 ? 9  DG A "O3'" 1 
ATOM 174 C "C2'" . DG A 1 9  ? 1.20104   -9.32183  -6.46065  1.000 771.22138 ? 9  DG A "C2'" 1 
ATOM 175 C "C1'" . DG A 1 9  ? 1.97694   -9.83299  -5.26286  1.000 797.44439 ? 9  DG A "C1'" 1 
ATOM 176 N N9    . DG A 1 9  ? 2.53780   -8.77852  -4.42011  1.000 824.18395 ? 9  DG A N9    1 
ATOM 177 C C8    . DG A 1 9  ? 3.49142   -7.85580  -4.77373  1.000 875.07003 ? 9  DG A C8    1 
ATOM 178 N N7    . DG A 1 9  ? 3.80194   -7.03381  -3.81051  1.000 894.64345 ? 9  DG A N7    1 
ATOM 179 C C5    . DG A 1 9  ? 3.00205   -7.43578  -2.74738  1.000 845.80711 ? 9  DG A C5    1 
ATOM 180 C C6    . DG A 1 9  ? 2.90273   -6.91493  -1.43563  1.000 833.44109 ? 9  DG A C6    1 
ATOM 181 O O6    . DG A 1 9  ? 3.52258   -5.96453  -0.94511  1.000 862.92131 ? 9  DG A O6    1 
ATOM 182 N N1    . DG A 1 9  ? 1.96901   -7.61160  -0.66805  1.000 781.79968 ? 9  DG A N1    1 
ATOM 183 C C2    . DG A 1 9  ? 1.22539   -8.68001  -1.11359  1.000 745.27376 ? 9  DG A C2    1 
ATOM 184 N N2    . DG A 1 9  ? 0.37254   -9.22879  -0.22905  1.000 701.59055 ? 9  DG A N2    1 
ATOM 185 N N3    . DG A 1 9  ? 1.31057   -9.17903  -2.34550  1.000 752.62686 ? 9  DG A N3    1 
ATOM 186 C C4    . DG A 1 9  ? 2.21722   -8.50845  -3.10408  1.000 803.15325 ? 9  DG A C4    1 
ATOM 187 P P     . DA A 1 10 ? -1.17291  -11.60771 -7.83800  1.000 731.81660 ? 10 DA A P     1 
ATOM 188 O OP1   . DA A 1 10 ? -1.25914  -13.02635 -8.25075  1.000 710.36881 ? 10 DA A OP1   1 
ATOM 189 O OP2   . DA A 1 10 ? -1.13918  -10.54489 -8.86845  1.000 742.18175 ? 10 DA A OP2   1 
ATOM 190 O "O5'" . DA A 1 10 ? -2.36097  -11.28273 -6.81571  1.000 702.24010 ? 10 DA A "O5'" 1 
ATOM 191 C "C5'" . DA A 1 10 ? -2.50565  -12.05817 -5.63075  1.000 694.74947 ? 10 DA A "C5'" 1 
ATOM 192 C "C4'" . DA A 1 10 ? -3.10135  -11.23187 -4.50420  1.000 684.31112 ? 10 DA A "C4'" 1 
ATOM 193 O "O4'" . DA A 1 10 ? -2.11202  -10.31589 -3.98893  1.000 706.67036 ? 10 DA A "O4'" 1 
ATOM 194 C "C3'" . DA A 1 10 ? -4.31800  -10.38298 -4.88611  1.000 671.01933 ? 10 DA A "C3'" 1 
ATOM 195 O "O3'" . DA A 1 10 ? -5.42561  -10.77068 -4.09135  1.000 651.70590 ? 10 DA A "O3'" 1 
ATOM 196 C "C2'" . DA A 1 10 ? -3.88371  -8.93715  -4.59432  1.000 681.21393 ? 10 DA A "C2'" 1 
ATOM 197 C "C1'" . DA A 1 10 ? -2.75221  -9.13032  -3.59811  1.000 686.57037 ? 10 DA A "C1'" 1 
ATOM 198 N N9    . DA A 1 10 ? -1.76081  -8.06054  -3.61551  1.000 723.20416 ? 10 DA A N9    1 
ATOM 199 C C8    . DA A 1 10 ? -0.93088  -7.73264  -4.64613  1.000 766.54264 ? 10 DA A C8    1 
ATOM 200 N N7    . DA A 1 10 ? -0.12191  -6.73666  -4.38170  1.000 794.38565 ? 10 DA A N7    1 
ATOM 201 C C5    . DA A 1 10 ? -0.44301  -6.38621  -3.08384  1.000 765.59392 ? 10 DA A C5    1 
ATOM 202 C C6    . DA A 1 10 ? 0.05517   -5.39559  -2.22127  1.000 771.92522 ? 10 DA A C6    1 
ATOM 203 N N6    . DA A 1 10 ? 1.02484   -4.54613  -2.56458  1.000 812.16563 ? 10 DA A N6    1 
ATOM 204 N N1    . DA A 1 10 ? -0.48287  -5.31081  -0.98893  1.000 734.72857 ? 10 DA A N1    1 
ATOM 205 C C2    . DA A 1 10 ? -1.45310  -6.16464  -0.64969  1.000 696.46990 ? 10 DA A C2    1 
ATOM 206 N N3    . DA A 1 10 ? -2.00468  -7.13616  -1.37375  1.000 687.15451 ? 10 DA A N3    1 
ATOM 207 C C4    . DA A 1 10 ? -1.44623  -7.19758  -2.59136  1.000 722.41476 ? 10 DA A C4    1 
ATOM 208 P P     . DC A 1 11 ? -6.87694  -10.13412 -4.34734  1.000 652.26245 ? 11 DC A P     1 
ATOM 209 O OP1   . DC A 1 11 ? -7.85965  -11.22382 -4.15387  1.000 634.78013 ? 11 DC A OP1   1 
ATOM 210 O OP2   . DC A 1 11 ? -6.83057  -9.40390  -5.63600  1.000 657.32177 ? 11 DC A OP2   1 
ATOM 211 O "O5'" . DC A 1 11 ? -7.04100  -9.09050  -3.14404  1.000 644.89440 ? 11 DC A "O5'" 1 
ATOM 212 C "C5'" . DC A 1 11 ? -6.73758  -9.50559  -1.81156  1.000 627.63031 ? 11 DC A "C5'" 1 
ATOM 213 C "C4'" . DC A 1 11 ? -6.89879  -8.36395  -0.81917  1.000 617.20746 ? 11 DC A "C4'" 1 
ATOM 214 O "O4'" . DC A 1 11 ? -5.71161  -7.52927  -0.83231  1.000 629.53962 ? 11 DC A "O4'" 1 
ATOM 215 C "C3'" . DC A 1 11 ? -8.08467  -7.43401  -1.07634  1.000 615.25897 ? 11 DC A "C3'" 1 
ATOM 216 O "O3'" . DC A 1 11 ? -8.75036  -7.14774  0.14632   1.000 595.07482 ? 11 DC A "O3'" 1 
ATOM 217 C "C2'" . DC A 1 11 ? -7.43296  -6.18501  -1.66636  1.000 632.28549 ? 11 DC A "C2'" 1 
ATOM 218 C "C1'" . DC A 1 11 ? -6.07928  -6.17646  -0.97470  1.000 632.83442 ? 11 DC A "C1'" 1 
ATOM 219 N N1    . DC A 1 11 ? -5.00776  -5.49103  -1.75000  1.000 655.16193 ? 11 DC A N1    1 
ATOM 220 C C2    . DC A 1 11 ? -4.29853  -4.43604  -1.16867  1.000 657.24058 ? 11 DC A C2    1 
ATOM 221 O O2    . DC A 1 11 ? -4.58862  -4.08415  -0.01964  1.000 637.47042 ? 11 DC A O2    1 
ATOM 222 N N3    . DC A 1 11 ? -3.31735  -3.83148  -1.88550  1.000 677.98654 ? 11 DC A N3    1 
ATOM 223 C C4    . DC A 1 11 ? -3.04235  -4.25230  -3.12365  1.000 700.46645 ? 11 DC A C4    1 
ATOM 224 N N4    . DC A 1 11 ? -2.06929  -3.63178  -3.79898  1.000 739.11274 ? 11 DC A N4    1 
ATOM 225 C C5    . DC A 1 11 ? -3.75731  -5.32597  -3.72736  1.000 696.33825 ? 11 DC A C5    1 
ATOM 226 C C6    . DC A 1 11 ? -4.71553  -5.91339  -3.00970  1.000 674.43824 ? 11 DC A C6    1 
ATOM 227 P P     . DT A 1 12 ? -10.20311 -6.45965  0.13878   1.000 545.58545 ? 12 DT A P     1 
ATOM 228 O OP1   . DT A 1 12 ? -11.04743 -7.20663  1.09790   1.000 526.12578 ? 12 DT A OP1   1 
ATOM 229 O OP2   . DT A 1 12 ? -10.64235 -6.31490  -1.26685  1.000 563.11469 ? 12 DT A OP2   1 
ATOM 230 O "O5'" . DT A 1 12 ? -9.93236  -4.98874  0.70354   1.000 544.20394 ? 12 DT A "O5'" 1 
ATOM 231 C "C5'" . DT A 1 12 ? -9.35582  -4.81470  1.98823   1.000 530.10620 ? 12 DT A "C5'" 1 
ATOM 232 C "C4'" . DT A 1 12 ? -8.94370  -3.36806  2.19592   1.000 534.10719 ? 12 DT A "C4'" 1 
ATOM 233 O "O4'" . DT A 1 12 ? -7.79844  -3.06276  1.36165   1.000 552.07520 ? 12 DT A "O4'" 1 
ATOM 234 C "C3'" . DT A 1 12 ? -10.02158 -2.33498  1.85036   1.000 537.24838 ? 12 DT A "C3'" 1 
ATOM 235 O "O3'" . DT A 1 12 ? -10.27610 -1.51157  2.98403   1.000 523.39721 ? 12 DT A "O3'" 1 
ATOM 236 C "C2'" . DT A 1 12 ? -9.42910  -1.53887  0.67117   1.000 559.06934 ? 12 DT A "C2'" 1 
ATOM 237 C "C1'" . DT A 1 12 ? -7.93134  -1.76640  0.82923   1.000 563.25215 ? 12 DT A "C1'" 1 
ATOM 238 N N1    . DT A 1 12 ? -7.14165  -1.70368  -0.46739  1.000 585.32722 ? 12 DT A N1    1 
ATOM 239 C C2    . DT A 1 12 ? -6.09293  -0.80806  -0.58567  1.000 595.38314 ? 12 DT A C2    1 
ATOM 240 O O2    . DT A 1 12 ? -5.77006  -0.03657  0.29963   1.000 587.36076 ? 12 DT A O2    1 
ATOM 241 N N3    . DT A 1 12 ? -5.43699  -0.85057  -1.79443  1.000 615.50468 ? 12 DT A N3    1 
ATOM 242 C C4    . DT A 1 12 ? -5.71041  -1.67707  -2.86731  1.000 626.22712 ? 12 DT A C4    1 
ATOM 243 O O4    . DT A 1 12 ? -5.06731  -1.64175  -3.91178  1.000 644.42314 ? 12 DT A O4    1 
ATOM 244 C C5    . DT A 1 12 ? -6.80924  -2.58865  -2.68044  1.000 614.72473 ? 12 DT A C5    1 
ATOM 245 C C7    . DT A 1 12 ? -7.19124  -3.52622  -3.78745  1.000 624.91963 ? 12 DT A C7    1 
ATOM 246 C C6    . DT A 1 12 ? -7.46433  -2.56349  -1.50421  1.000 595.10620 ? 12 DT A C6    1 
ATOM 247 P P     . DG A 1 13 ? -11.60141 -0.60362  3.06167   1.000 500.65051 ? 13 DG A P     1 
ATOM 248 O OP1   . DG A 1 13 ? -12.33644 -0.95509  4.29683   1.000 479.28590 ? 13 DG A OP1   1 
ATOM 249 O OP2   . DG A 1 13 ? -12.30102 -0.69092  1.76282   1.000 515.01621 ? 13 DG A OP2   1 
ATOM 250 O "O5'" . DG A 1 13 ? -11.01647 0.86793   3.25282   1.000 505.87047 ? 13 DG A "O5'" 1 
ATOM 251 C "C5'" . DG A 1 13 ? -10.14478 1.12785   4.34247   1.000 495.77225 ? 13 DG A "C5'" 1 
ATOM 252 C "C4'" . DG A 1 13 ? -9.22511  2.28936   4.03558   1.000 508.30611 ? 13 DG A "C4'" 1 
ATOM 253 O "O4'" . DG A 1 13 ? -8.45866  2.00216   2.83338   1.000 527.53490 ? 13 DG A "O4'" 1 
ATOM 254 C "C3'" . DG A 1 13 ? -9.93260  3.61878   3.77752   1.000 513.38256 ? 13 DG A "C3'" 1 
ATOM 255 O "O3'" . DG A 1 13 ? -9.19766  4.66790   4.37994   1.000 512.13710 ? 13 DG A "O3'" 1 
ATOM 256 C "C2'" . DG A 1 13 ? -9.90319  3.72636   2.25812   1.000 535.15464 ? 13 DG A "C2'" 1 
ATOM 257 C "C1'" . DG A 1 13 ? -8.55749  3.09792   1.95363   1.000 543.34112 ? 13 DG A "C1'" 1 
ATOM 258 N N9    . DG A 1 13 ? -8.43147  2.61399   0.58150   1.000 561.45493 ? 13 DG A N9    1 
ATOM 259 C C8    . DG A 1 13 ? -9.24501  1.70920   -0.05358  1.000 563.18874 ? 13 DG A C8    1 
ATOM 260 N N7    . DG A 1 13 ? -8.88952  1.46392   -1.28280  1.000 581.30354 ? 13 DG A N7    1 
ATOM 261 C C5    . DG A 1 13 ? -7.76646  2.25581   -1.47702  1.000 592.44898 ? 13 DG A C5    1 
ATOM 262 C C6    . DG A 1 13 ? -6.94780  2.40655   -2.61961  1.000 613.32871 ? 13 DG A C6    1 
ATOM 263 O O6    . DG A 1 13 ? -7.06366  1.84835   -3.71925  1.000 626.37576 ? 13 DG A O6    1 
ATOM 264 N N1    . DG A 1 13 ? -5.90898  3.30754   -2.39768  1.000 618.74364 ? 13 DG A N1    1 
ATOM 265 C C2    . DG A 1 13 ? -5.68860  3.98233   -1.21914  1.000 605.50332 ? 13 DG A C2    1 
ATOM 266 N N2    . DG A 1 13 ? -4.63443  4.81420   -1.19442  1.000 613.57221 ? 13 DG A N2    1 
ATOM 267 N N3    . DG A 1 13 ? -6.45115  3.84953   -0.13722  1.000 585.78966 ? 13 DG A N3    1 
ATOM 268 C C4    . DG A 1 13 ? -7.46723  2.97187   -0.33936  1.000 580.43410 ? 13 DG A C4    1 
ATOM 269 P P     . DT A 1 14 ? -9.84187  6.12973   4.55204   1.000 496.89254 ? 14 DT A P     1 
ATOM 270 O OP1   . DT A 1 14 ? -9.87717  6.41685   6.00294   1.000 477.49441 ? 14 DT A OP1   1 
ATOM 271 O OP2   . DT A 1 14 ? -11.09532 6.20292   3.76620   1.000 502.61021 ? 14 DT A OP2   1 
ATOM 272 O "O5'" . DT A 1 14 ? -8.76785  7.10470   3.87202   1.000 514.96770 ? 14 DT A "O5'" 1 
ATOM 273 C "C5'" . DT A 1 14 ? -7.69410  6.56804   3.10172   1.000 528.82387 ? 14 DT A "C5'" 1 
ATOM 274 C "C4'" . DT A 1 14 ? -7.16371  7.60561   2.12517   1.000 549.16961 ? 14 DT A "C4'" 1 
ATOM 275 O "O4'" . DT A 1 14 ? -6.61874  6.93426   0.96594   1.000 565.78601 ? 14 DT A "O4'" 1 
ATOM 276 C "C3'" . DT A 1 14 ? -8.21592  8.56081   1.58157   1.000 555.81118 ? 14 DT A "C3'" 1 
ATOM 277 O "O3'" . DT A 1 14 ? -8.31081  9.70075   2.41942   1.000 547.80099 ? 14 DT A "O3'" 1 
ATOM 278 C "C2'" . DT A 1 14 ? -7.67386  8.92806   0.20184   1.000 579.75963 ? 14 DT A "C2'" 1 
ATOM 279 C "C1'" . DT A 1 14 ? -6.91562  7.66609   -0.21137  1.000 584.25314 ? 14 DT A "C1'" 1 
ATOM 280 N N1    . DT A 1 14 ? -7.66711  6.77275   -1.15845  1.000 590.85345 ? 14 DT A N1    1 
ATOM 281 C C2    . DT A 1 14 ? -7.20336  6.62821   -2.44374  1.000 611.16470 ? 14 DT A C2    1 
ATOM 282 O O2    . DT A 1 14 ? -6.21092  7.19757   -2.86248  1.000 624.39312 ? 14 DT A O2    1 
ATOM 283 N N3    . DT A 1 14 ? -7.94500  5.78841   -3.22921  1.000 615.65386 ? 14 DT A N3    1 
ATOM 284 C C4    . DT A 1 14 ? -9.08048  5.09026   -2.86800  1.000 602.19381 ? 14 DT A C4    1 
ATOM 285 O O4    . DT A 1 14 ? -9.67647  4.35875   -3.65078  1.000 607.77366 ? 14 DT A O4    1 
ATOM 286 C C5    . DT A 1 14 ? -9.51600  5.28105   -1.50654  1.000 581.25834 ? 14 DT A C5    1 
ATOM 287 C C7    . DT A 1 14 ? -10.73990 4.57644   -1.00530  1.000 565.63645 ? 14 DT A C7    1 
ATOM 288 C C6    . DT A 1 14 ? -8.79630  6.10111   -0.72365  1.000 576.58947 ? 14 DT A C6    1 
ATOM 289 P P     . DA B 2 1  ? -24.21285 11.44637  -2.69952  1.000 500.81153 ? 6  DA B P     1 
ATOM 290 O OP1   . DA B 2 1  ? -23.10685 12.32755  -2.25902  1.000 495.16524 ? 6  DA B OP1   1 
ATOM 291 O OP2   . DA B 2 1  ? -25.06925 11.83827  -3.84187  1.000 482.24256 ? 6  DA B OP2   1 
ATOM 292 O "O5'" . DA B 2 1  ? -23.62582 9.99033   -3.00713  1.000 525.60180 ? 6  DA B "O5'" 1 
ATOM 293 C "C5'" . DA B 2 1  ? -22.60728 9.82508   -3.98576  1.000 526.97696 ? 6  DA B "C5'" 1 
ATOM 294 C "C4'" . DA B 2 1  ? -23.20692 9.61609   -5.36621  1.000 517.99817 ? 6  DA B "C4'" 1 
ATOM 295 O "O4'" . DA B 2 1  ? -23.38882 10.90049  -6.01724  1.000 491.15789 ? 6  DA B "O4'" 1 
ATOM 296 C "C3'" . DA B 2 1  ? -22.35171 8.76942   -6.30564  1.000 530.78731 ? 6  DA B "C3'" 1 
ATOM 297 O "O3'" . DA B 2 1  ? -22.86564 7.40992   -6.33455  1.000 551.26184 ? 6  DA B "O3'" 1 
ATOM 298 C "C2'" . DA B 2 1  ? -22.44426 9.49437   -7.65138  1.000 509.07152 ? 6  DA B "C2'" 1 
ATOM 299 C "C1'" . DA B 2 1  ? -22.67073 10.93876  -7.23061  1.000 486.31211 ? 6  DA B "C1'" 1 
ATOM 300 N N9    . DA B 2 1  ? -21.44576 11.70218  -7.01544  1.000 482.18414 ? 6  DA B N9    1 
ATOM 301 C C8    . DA B 2 1  ? -20.98846 12.20082  -5.82907  1.000 484.59359 ? 6  DA B C8    1 
ATOM 302 N N7    . DA B 2 1  ? -19.86425 12.86231  -5.93029  1.000 480.05849 ? 6  DA B N7    1 
ATOM 303 C C5    . DA B 2 1  ? -19.56088 12.79367  -7.27726  1.000 474.28610 ? 6  DA B C5    1 
ATOM 304 C C6    . DA B 2 1  ? -18.48896 13.29889  -8.03220  1.000 468.31525 ? 6  DA B C6    1 
ATOM 305 N N6    . DA B 2 1  ? -17.48621 14.00275  -7.50315  1.000 467.28770 ? 6  DA B N6    1 
ATOM 306 N N1    . DA B 2 1  ? -18.48678 13.05342  -9.35714  1.000 463.86951 ? 6  DA B N1    1 
ATOM 307 C C2    . DA B 2 1  ? -19.49226 12.34958  -9.88249  1.000 465.24431 ? 6  DA B C2    1 
ATOM 308 N N3    . DA B 2 1  ? -20.55313 11.82365  -9.27675  1.000 470.89831 ? 6  DA B N3    1 
ATOM 309 C C4    . DA B 2 1  ? -20.52626 12.08404  -7.96208  1.000 475.29237 ? 6  DA B C4    1 
ATOM 310 P P     . DC B 2 2  ? -23.50715 6.74407   -7.65534  1.000 428.16991 ? 7  DC B P     1 
ATOM 311 O OP1   . DC B 2 2  ? -24.62330 7.56694   -8.17642  1.000 398.57271 ? 7  DC B OP1   1 
ATOM 312 O OP2   . DC B 2 2  ? -23.77953 5.33804   -7.28362  1.000 461.92218 ? 7  DC B OP2   1 
ATOM 313 O "O5'" . DC B 2 2  ? -22.30040 6.69295   -8.69702  1.000 428.66820 ? 7  DC B "O5'" 1 
ATOM 314 C "C5'" . DC B 2 2  ? -21.27520 5.74079   -8.52523  1.000 451.45876 ? 7  DC B "C5'" 1 
ATOM 315 C "C4'" . DC B 2 2  ? -20.30834 5.79122   -9.68115  1.000 435.72830 ? 7  DC B "C4'" 1 
ATOM 316 O "O4'" . DC B 2 2  ? -19.59601 7.05934   -9.65702  1.000 417.88514 ? 7  DC B "O4'" 1 
ATOM 317 C "C3'" . DC B 2 2  ? -19.24069 4.71091   -9.65155  1.000 460.48657 ? 7  DC B "C3'" 1 
ATOM 318 O "O3'" . DC B 2 2  ? -18.88639 4.36586   -10.96966 1.000 452.33363 ? 7  DC B "O3'" 1 
ATOM 319 C "C2'" . DC B 2 2  ? -18.09731 5.40814   -8.92909  1.000 463.61365 ? 7  DC B "C2'" 1 
ATOM 320 C "C1'" . DC B 2 2  ? -18.21738 6.82218   -9.48642  1.000 432.21582 ? 7  DC B "C1'" 1 
ATOM 321 N N1    . DC B 2 2  ? -17.64543 7.86812   -8.58677  1.000 427.54927 ? 7  DC B N1    1 
ATOM 322 C C2    . DC B 2 2  ? -16.62979 8.69902   -9.06508  1.000 414.42843 ? 7  DC B C2    1 
ATOM 323 O O2    . DC B 2 2  ? -16.23861 8.55106   -10.22963 1.000 407.04381 ? 7  DC B O2    1 
ATOM 324 N N3    . DC B 2 2  ? -16.09757 9.63366   -8.23906  1.000 409.68461 ? 7  DC B N3    1 
ATOM 325 C C4    . DC B 2 2  ? -16.55228 9.75236   -6.98756  1.000 415.71642 ? 7  DC B C4    1 
ATOM 326 N N4    . DC B 2 2  ? -16.00136 10.69292  -6.20911  1.000 407.67295 ? 7  DC B N4    1 
ATOM 327 C C5    . DC B 2 2  ? -17.59066 8.91173   -6.47998  1.000 429.36687 ? 7  DC B C5    1 
ATOM 328 C C6    . DC B 2 2  ? -18.10097 7.99045   -7.30593  1.000 435.78351 ? 7  DC B C6    1 
ATOM 329 P P     . DG B 2 3  ? -18.55666 2.84115   -11.34782 1.000 475.34832 ? 8  DG B P     1 
ATOM 330 O OP1   . DG B 2 3  ? -19.68958 2.32803   -12.15323 1.000 472.81491 ? 8  DG B OP1   1 
ATOM 331 O OP2   . DG B 2 3  ? -18.15310 2.14544   -10.10312 1.000 500.36304 ? 8  DG B OP2   1 
ATOM 332 O "O5'" . DG B 2 3  ? -17.27465 2.96867   -12.29582 1.000 476.44751 ? 8  DG B "O5'" 1 
ATOM 333 C "C5'" . DG B 2 3  ? -17.28121 3.91423   -13.36845 1.000 452.76382 ? 8  DG B "C5'" 1 
ATOM 334 C "C4'" . DG B 2 3  ? -15.86741 4.34923   -13.73119 1.000 453.18140 ? 8  DG B "C4'" 1 
ATOM 335 O "O4'" . DG B 2 3  ? -15.48601 5.49715   -12.93209 1.000 439.55376 ? 8  DG B "O4'" 1 
ATOM 336 C "C3'" . DG B 2 3  ? -14.78567 3.28586   -13.52072 1.000 482.34167 ? 8  DG B "C3'" 1 
ATOM 337 O "O3'" . DG B 2 3  ? -14.01695 3.11408   -14.71647 1.000 485.29669 ? 8  DG B "O3'" 1 
ATOM 338 C "C2'" . DG B 2 3  ? -13.93741 3.82640   -12.36109 1.000 485.20013 ? 8  DG B "C2'" 1 
ATOM 339 C "C1'" . DG B 2 3  ? -14.17781 5.33086   -12.42776 1.000 455.47325 ? 8  DG B "C1'" 1 
ATOM 340 N N9    . DG B 2 3  ? -14.12605 5.98873   -11.12059 1.000 451.43474 ? 8  DG B N9    1 
ATOM 341 C C8    . DG B 2 3  ? -14.93681 5.72146   -10.04502 1.000 461.50447 ? 8  DG B C8    1 
ATOM 342 N N7    . DG B 2 3  ? -14.68876 6.46100   -9.00385  1.000 461.26018 ? 8  DG B N7    1 
ATOM 343 C C5    . DG B 2 3  ? -13.65227 7.28917   -9.40931  1.000 450.22705 ? 8  DG B C5    1 
ATOM 344 C C6    . DG B 2 3  ? -12.97307 8.30279   -8.69697  1.000 444.27851 ? 8  DG B C6    1 
ATOM 345 O O6    . DG B 2 3  ? -13.16560 8.67359   -7.53105  1.000 446.58645 ? 8  DG B O6    1 
ATOM 346 N N1    . DG B 2 3  ? -11.97890 8.90180   -9.46433  1.000 434.35752 ? 8  DG B N1    1 
ATOM 347 C C2    . DG B 2 3  ? -11.68195 8.56563   -10.76536 1.000 430.34115 ? 8  DG B C2    1 
ATOM 348 N N2    . DG B 2 3  ? -10.68664 9.25962   -11.34386 1.000 421.35719 ? 8  DG B N2    1 
ATOM 349 N N3    . DG B 2 3  ? -12.31449 7.61165   -11.45354 1.000 435.31156 ? 8  DG B N3    1 
ATOM 350 C C4    . DG B 2 3  ? -13.28811 7.01663   -10.71247 1.000 444.57210 ? 8  DG B C4    1 
ATOM 351 P P     . DG B 2 4  ? -12.89868 1.96004   -14.80716 1.000 534.60110 ? 9  DG B P     1 
ATOM 352 O OP1   . DG B 2 4  ? -12.66451 1.67512   -16.24025 1.000 534.76085 ? 9  DG B OP1   1 
ATOM 353 O OP2   . DG B 2 4  ? -13.28040 0.86475   -13.88684 1.000 557.10313 ? 9  DG B OP2   1 
ATOM 354 O "O5'" . DG B 2 4  ? -11.58598 2.66462   -14.23317 1.000 535.27416 ? 9  DG B "O5'" 1 
ATOM 355 C "C5'" . DG B 2 4  ? -11.14425 3.88189   -14.80747 1.000 513.52744 ? 9  DG B "C5'" 1 
ATOM 356 C "C4'" . DG B 2 4  ? -10.20048 4.62071   -13.87487 1.000 512.96134 ? 9  DG B "C4'" 1 
ATOM 357 O "O4'" . DG B 2 4  ? -10.89279 5.00827   -12.66075 1.000 506.03513 ? 9  DG B "O4'" 1 
ATOM 358 C "C3'" . DG B 2 4  ? -8.96094  3.82951   -13.41831 1.000 540.87044 ? 9  DG B "C3'" 1 
ATOM 359 O "O3'" . DG B 2 4  ? -7.77529  4.53658   -13.78737 1.000 537.11741 ? 9  DG B "O3'" 1 
ATOM 360 C "C2'" . DG B 2 4  ? -9.11674  3.75886   -11.89174 1.000 548.30638 ? 9  DG B "C2'" 1 
ATOM 361 C "C1'" . DG B 2 4  ? -9.94529  5.00104   -11.62996 1.000 519.69442 ? 9  DG B "C1'" 1 
ATOM 362 N N9    . DG B 2 4  ? -10.61433 5.02820   -10.32543 1.000 521.78123 ? 9  DG B N9    1 
ATOM 363 C C8    . DG B 2 4  ? -11.63856 4.22361   -9.88331  1.000 532.09641 ? 9  DG B C8    1 
ATOM 364 N N7    . DG B 2 4  ? -12.01974 4.49455   -8.66060  1.000 536.06327 ? 9  DG B N7    1 
ATOM 365 C C5    . DG B 2 4  ? -11.19219 5.54098   -8.26971  1.000 527.07818 ? 9  DG B C5    1 
ATOM 366 C C6    . DG B 2 4  ? -11.13192 6.26064   -7.04563  1.000 525.13363 ? 9  DG B C6    1 
ATOM 367 O O6    . DG B 2 4  ? -11.82523 6.10766   -6.02791  1.000 531.41194 ? 9  DG B O6    1 
ATOM 368 N N1    . DG B 2 4  ? -10.14661 7.24523   -7.07506  1.000 514.38116 ? 9  DG B N1    1 
ATOM 369 C C2    . DG B 2 4  ? -9.32340  7.50298   -8.14812  1.000 507.57572 ? 9  DG B C2    1 
ATOM 370 N N2    . DG B 2 4  ? -8.42840  8.48819   -7.99742  1.000 498.48213 ? 9  DG B N2    1 
ATOM 371 N N3    . DG B 2 4  ? -9.37175  6.83868   -9.29407  1.000 509.37215 ? 9  DG B N3    1 
ATOM 372 C C4    . DG B 2 4  ? -10.32351 5.87888   -9.28421  1.000 518.71589 ? 9  DG B C4    1 
ATOM 373 P P     . DA B 2 5  ? -6.36675  3.76916   -13.90236 1.000 492.12237 ? 10 DA B P     1 
ATOM 374 O OP1   . DA B 2 5  ? -5.89945  3.94987   -15.29620 1.000 486.97253 ? 10 DA B OP1   1 
ATOM 375 O OP2   . DA B 2 5  ? -6.54809  2.41509   -13.32870 1.000 518.13901 ? 10 DA B OP2   1 
ATOM 376 O "O5'" . DA B 2 5  ? -5.39750  4.57122   -12.90675 1.000 491.62562 ? 10 DA B "O5'" 1 
ATOM 377 C "C5'" . DA B 2 5  ? -4.22267  5.22253   -13.39836 1.000 489.40799 ? 10 DA B "C5'" 1 
ATOM 378 C "C4'" . DA B 2 5  ? -3.77608  6.31834   -12.43895 1.000 478.87101 ? 10 DA B "C4'" 1 
ATOM 379 O "O4'" . DA B 2 5  ? -4.81923  6.54817   -11.45346 1.000 468.92477 ? 10 DA B "O4'" 1 
ATOM 380 C "C3'" . DA B 2 5  ? -2.53652  5.99647   -11.61346 1.000 501.14750 ? 10 DA B "C3'" 1 
ATOM 381 O "O3'" . DA B 2 5  ? -1.93857  7.21426   -11.16250 1.000 488.17739 ? 10 DA B "O3'" 1 
ATOM 382 C "C2'" . DA B 2 5  ? -3.15192  5.22767   -10.45320 1.000 513.72633 ? 10 DA B "C2'" 1 
ATOM 383 C "C1'" . DA B 2 5  ? -4.37445  6.09379   -10.18357 1.000 487.36305 ? 10 DA B "C1'" 1 
ATOM 384 N N9    . DA B 2 5  ? -5.47847  5.40559   -9.51993  1.000 491.95430 ? 10 DA B N9    1 
ATOM 385 C C8    . DA B 2 5  ? -6.30547  4.45617   -10.05267 1.000 498.50282 ? 10 DA B C8    1 
ATOM 386 N N7    . DA B 2 5  ? -7.22718  4.03055   -9.22093  1.000 501.71287 ? 10 DA B N7    1 
ATOM 387 C C5    . DA B 2 5  ? -6.99310  4.75691   -8.06564  1.000 496.52050 ? 10 DA B C5    1 
ATOM 388 C C6    . DA B 2 5  ? -7.62768  4.77413   -6.80654  1.000 496.88610 ? 10 DA B C6    1 
ATOM 389 N N6    . DA B 2 5  ? -8.67666  4.00237   -6.49529  1.000 503.18531 ? 10 DA B N6    1 
ATOM 390 N N1    . DA B 2 5  ? -7.14037  5.61862   -5.87501  1.000 491.04402 ? 10 DA B N1    1 
ATOM 391 C C2    . DA B 2 5  ? -6.09210  6.38928   -6.18605  1.000 485.46168 ? 10 DA B C2    1 
ATOM 392 N N3    . DA B 2 5  ? -5.41480  6.46197   -7.32859  1.000 484.75207 ? 10 DA B N3    1 
ATOM 393 C C4    . DA B 2 5  ? -5.92051  5.61240   -8.23560  1.000 490.38593 ? 10 DA B C4    1 
ATOM 394 P P     . DC B 2 6  ? -0.35441  7.30166   -10.90055 1.000 546.96368 ? 11 DC B P     1 
ATOM 395 O OP1   . DC B 2 6  ? 0.19579   8.30767   -11.83546 1.000 542.49438 ? 11 DC B OP1   1 
ATOM 396 O OP2   . DC B 2 6  ? 0.17366   5.92189   -10.91160 1.000 551.69540 ? 11 DC B OP2   1 
ATOM 397 O "O5'" . DC B 2 6  ? -0.24307  7.86798   -9.40732  1.000 545.98110 ? 11 DC B "O5'" 1 
ATOM 398 C "C5'" . DC B 2 6  ? -1.16519  7.43608   -8.41597  1.000 548.54704 ? 11 DC B "C5'" 1 
ATOM 399 C "C4'" . DC B 2 6  ? -0.62095  7.67248   -7.01754  1.000 548.52463 ? 11 DC B "C4'" 1 
ATOM 400 O "O4'" . DC B 2 6  ? -1.62341  7.28017   -6.04624  1.000 550.93253 ? 11 DC B "O4'" 1 
ATOM 401 C "C3'" . DC B 2 6  ? 0.62501   6.87009   -6.66568  1.000 551.22937 ? 11 DC B "C3'" 1 
ATOM 402 O "O3'" . DC B 2 6  ? 1.42230   7.57799   -5.71375  1.000 549.17265 ? 11 DC B "O3'" 1 
ATOM 403 C "C2'" . DC B 2 6  ? 0.04426   5.58993   -6.07416  1.000 556.39660 ? 11 DC B "C2'" 1 
ATOM 404 C "C1'" . DC B 2 6  ? -1.25418  6.06506   -5.41947  1.000 555.58967 ? 11 DC B "C1'" 1 
ATOM 405 N N1    . DC B 2 6  ? -2.36797  5.07952   -5.57795  1.000 559.37056 ? 11 DC B N1    1 
ATOM 406 C C2    . DC B 2 6  ? -3.29918  4.89004   -4.54636  1.000 561.06371 ? 11 DC B C2    1 
ATOM 407 O O2    . DC B 2 6  ? -3.20362  5.56017   -3.51329  1.000 559.33038 ? 11 DC B O2    1 
ATOM 408 N N3    . DC B 2 6  ? -4.28961  3.97476   -4.71763  1.000 564.57756 ? 11 DC B N3    1 
ATOM 409 C C4    . DC B 2 6  ? -4.35795  3.26815   -5.84767  1.000 566.41040 ? 11 DC B C4    1 
ATOM 410 N N4    . DC B 2 6  ? -5.34626  2.37682   -5.97823  1.000 569.92393 ? 11 DC B N4    1 
ATOM 411 C C5    . DC B 2 6  ? -3.41533  3.44406   -6.89950  1.000 564.73196 ? 11 DC B C5    1 
ATOM 412 C C6    . DC B 2 6  ? -2.44758  4.34584   -6.72236  1.000 561.24929 ? 11 DC B C6    1 
ATOM 413 P P     . DA B 2 7  ? 2.90856   7.07080   -5.34948  1.000 597.93850 ? 12 DA B P     1 
ATOM 414 O OP1   . DA B 2 7  ? 3.85407   8.18623   -5.58689  1.000 593.56374 ? 12 DA B OP1   1 
ATOM 415 O OP2   . DA B 2 7  ? 3.13399   5.77486   -6.02541  1.000 601.92942 ? 12 DA B OP2   1 
ATOM 416 O "O5'" . DA B 2 7  ? 2.83279   6.76766   -3.77965  1.000 600.20619 ? 12 DA B "O5'" 1 
ATOM 417 C "C5'" . DA B 2 7  ? 1.94072   7.50839   -2.95538  1.000 598.46742 ? 12 DA B "C5'" 1 
ATOM 418 C "C4'" . DA B 2 7  ? 1.30504   6.62546   -1.88910  1.000 602.53430 ? 12 DA B "C4'" 1 
ATOM 419 O "O4'" . DA B 2 7  ? 0.32680   5.71917   -2.48705  1.000 605.57589 ? 12 DA B "O4'" 1 
ATOM 420 C "C3'" . DA B 2 7  ? 2.27019   5.71314   -1.11504  1.000 606.05412 ? 12 DA B "C3'" 1 
ATOM 421 O "O3'" . DA B 2 7  ? 1.79374   5.56235   0.20637   1.000 607.68267 ? 12 DA B "O3'" 1 
ATOM 422 C "C2'" . DA B 2 7  ? 2.08517   4.39556   -1.85057  1.000 610.20949 ? 12 DA B "C2'" 1 
ATOM 423 C "C1'" . DA B 2 7  ? 0.57654   4.44212   -1.95247  1.000 610.41272 ? 12 DA B "C1'" 1 
ATOM 424 N N9    . DA B 2 7  ? -0.03488  3.40042   -2.77641  1.000 613.71890 ? 12 DA B N9    1 
ATOM 425 C C8    . DA B 2 7  ? 0.37622   2.95497   -4.00121  1.000 614.31073 ? 12 DA B C8    1 
ATOM 426 N N7    . DA B 2 7  ? -0.37434  1.99417   -4.49272  1.000 617.65961 ? 12 DA B N7    1 
ATOM 427 C C5    . DA B 2 7  ? -1.33831  1.79008   -3.51714  1.000 619.39744 ? 12 DA B C5    1 
ATOM 428 C C6    . DA B 2 7  ? -2.43091  0.90119   -3.43080  1.000 623.03748 ? 12 DA B C6    1 
ATOM 429 N N6    . DA B 2 7  ? -2.73671  0.02212   -4.38718  1.000 625.69329 ? 12 DA B N6    1 
ATOM 430 N N1    . DA B 2 7  ? -3.20019  0.95541   -2.32010  1.000 623.84660 ? 12 DA B N1    1 
ATOM 431 C C2    . DA B 2 7  ? -2.89013  1.84141   -1.36676  1.000 621.18126 ? 12 DA B C2    1 
ATOM 432 N N3    . DA B 2 7  ? -1.88832  2.72309   -1.33439  1.000 617.71971 ? 12 DA B N3    1 
ATOM 433 C C4    . DA B 2 7  ? -1.14492  2.64694   -2.45312  1.000 616.99002 ? 12 DA B C4    1 
ATOM 434 P P     . DG B 2 8  ? 2.27193   6.51577   1.40310   1.000 641.52901 ? 13 DG B P     1 
ATOM 435 O OP1   . DG B 2 8  ? 1.65057   7.84381   1.19516   1.000 636.87404 ? 13 DG B OP1   1 
ATOM 436 O OP2   . DG B 2 8  ? 3.74200   6.40754   1.52019   1.000 641.65165 ? 13 DG B OP2   1 
ATOM 437 O "O5'" . DG B 2 8  ? 1.61350   5.81863   2.68870   1.000 645.06647 ? 13 DG B "O5'" 1 
ATOM 438 C "C5'" . DG B 2 8  ? 0.19629   5.64680   2.75151   1.000 647.25714 ? 13 DG B "C5'" 1 
ATOM 439 C "C4'" . DG B 2 8  ? -0.18910  4.23662   3.19404   1.000 654.83854 ? 13 DG B "C4'" 1 
ATOM 440 O "O4'" . DG B 2 8  ? -0.50986  3.41710   2.04566   1.000 658.46769 ? 13 DG B "O4'" 1 
ATOM 441 C "C3'" . DG B 2 8  ? 0.87094   3.46060   3.98899   1.000 655.45093 ? 13 DG B "C3'" 1 
ATOM 442 O "O3'" . DG B 2 8  ? 0.33805   3.10467   5.25600   1.000 659.21313 ? 13 DG B "O3'" 1 
ATOM 443 C "C2'" . DG B 2 8  ? 1.15101   2.21743   3.12481   1.000 658.61184 ? 13 DG B "C2'" 1 
ATOM 444 C "C1'" . DG B 2 8  ? -0.13701  2.09452   2.33117   1.000 662.32682 ? 13 DG B "C1'" 1 
ATOM 445 N N9    . DG B 2 8  ? -0.00428  1.37295   1.06958   1.000 663.04899 ? 13 DG B N9    1 
ATOM 446 C C8    . DG B 2 8  ? 0.88232   1.63431   0.05076   1.000 658.41321 ? 13 DG B C8    1 
ATOM 447 N N7    . DG B 2 8  ? 0.75805   0.82708   -0.96627  1.000 660.34373 ? 13 DG B N7    1 
ATOM 448 C C5    . DG B 2 8  ? -0.28719  -0.01603  -0.60553  1.000 665.63906 ? 13 DG B C5    1 
ATOM 449 C C6    . DG B 2 8  ? -0.87580  -1.08955  -1.31108  1.000 668.85962 ? 13 DG B C6    1 
ATOM 450 O O6    . DG B 2 8  ? -0.58122  -1.52406  -2.43259  1.000 668.22427 ? 13 DG B O6    1 
ATOM 451 N N1    . DG B 2 8  ? -1.90828  -1.68006  -0.58457  1.000 674.66254 ? 13 DG B N1    1 
ATOM 452 C C2    . DG B 2 8  ? -2.31714  -1.27925  0.66497   1.000 677.13636 ? 13 DG B C2    1 
ATOM 453 N N2    . DG B 2 8  ? -3.32954  -1.96660  1.21412   1.000 683.00403 ? 13 DG B N2    1 
ATOM 454 N N3    . DG B 2 8  ? -1.77448  -0.27308  1.33578   1.000 673.72483 ? 13 DG B N3    1 
ATOM 455 C C4    . DG B 2 8  ? -0.76590  0.30988   0.64066   1.000 667.99912 ? 13 DG B C4    1 
ATOM 456 P P     . DT B 2 9  ? 1.23093   2.31359   6.33057   1.000 639.79064 ? 14 DT B P     1 
ATOM 457 O OP1   . DT B 2 9  ? 0.89382   2.86610   7.66083   1.000 638.90532 ? 14 DT B OP1   1 
ATOM 458 O OP2   . DT B 2 9  ? 2.63730   2.32008   5.86968   1.000 640.43716 ? 14 DT B OP2   1 
ATOM 459 O "O5'" . DT B 2 9  ? 0.69010   0.81178   6.23985   1.000 646.78915 ? 14 DT B "O5'" 1 
ATOM 460 C "C5'" . DT B 2 9  ? -0.70865  0.55245   6.33073   1.000 653.18359 ? 14 DT B "C5'" 1 
ATOM 461 C "C4'" . DT B 2 9  ? -0.99350  -0.91288  6.07310   1.000 660.81329 ? 14 DT B "C4'" 1 
ATOM 462 O "O4'" . DT B 2 9  ? -0.98166  -1.15817  4.65642   1.000 659.41918 ? 14 DT B "O4'" 1 
ATOM 463 C "C3'" . DT B 2 9  ? 0.04129   -1.85871  6.66202   1.000 659.57502 ? 14 DT B "C3'" 1 
ATOM 464 O "O3'" . DT B 2 9  ? -0.43031  -2.38555  7.93022   1.000 665.60172 ? 14 DT B "O3'" 1 
ATOM 465 C "C2'" . DT B 2 9  ? 0.25178   -2.93906  5.58472   1.000 662.05981 ? 14 DT B "C2'" 1 
ATOM 466 C "C1'" . DT B 2 9  ? -0.63791  -2.49893  4.42226   1.000 662.57311 ? 14 DT B "C1'" 1 
ATOM 467 N N1    . DT B 2 9  ? 0.03420   -2.57316  3.09436   1.000 657.38303 ? 14 DT B N1    1 
ATOM 468 C C2    . DT B 2 9  ? -0.39212  -3.49873  2.16930   1.000 659.65608 ? 14 DT B C2    1 
ATOM 469 O O2    . DT B 2 9  ? -1.29922  -4.28526  2.37999   1.000 666.23356 ? 14 DT B O2    1 
ATOM 470 N N3    . DT B 2 9  ? 0.28890   -3.47016  0.98086   1.000 656.93380 ? 14 DT B N3    1 
ATOM 471 C C4    . DT B 2 9  ? 1.32852   -2.62766  0.63166   1.000 653.31882 ? 14 DT B C4    1 
ATOM 472 O O4    . DT B 2 9  ? 1.87849   -2.67859  -0.46237  1.000 653.51231 ? 14 DT B O4    1 
ATOM 473 C C5    . DT B 2 9  ? 1.72200   -1.68112  1.64523   1.000 650.51347 ? 14 DT B C5    1 
ATOM 474 C C7    . DT B 2 9  ? 2.84004   -0.71717  1.38114   1.000 648.79592 ? 14 DT B C7    1 
ATOM 475 C C6    . DT B 2 9  ? 1.06327   -1.69781  2.81148   1.000 651.58555 ? 14 DT B C6    1 
ATOM 476 P P     . DC B 2 10 ? -1.11462  -3.83912  8.06297   1.000 674.73714 ? 15 DC B P     1 
ATOM 477 O OP1   . DC B 2 10 ? -2.16757  -3.98628  7.03159   1.000 675.66310 ? 15 DC B OP1   1 
ATOM 478 O OP2   . DC B 2 10 ? -1.49388  -3.99532  9.48426   1.000 678.01183 ? 15 DC B OP2   1 
ATOM 479 O "O5'" . DC B 2 10 ? 0.08717   -4.86330  7.80349   1.000 677.41150 ? 15 DC B "O5'" 1 
ATOM 480 C "C5'" . DC B 2 10 ? -0.00239  -6.20175  8.25468   1.000 684.48924 ? 15 DC B "C5'" 1 
ATOM 481 C "C4'" . DC B 2 10 ? -0.94591  -7.01566  7.38599   1.000 688.04782 ? 15 DC B "C4'" 1 
ATOM 482 O "O4'" . DC B 2 10 ? -0.85738  -6.57442  6.00276   1.000 683.57334 ? 15 DC B "O4'" 1 
ATOM 483 C "C3'" . DC B 2 10 ? -0.65108  -8.50494  7.36279   1.000 693.95274 ? 15 DC B "C3'" 1 
ATOM 484 O "O3'" . DC B 2 10 ? -1.86020  -9.24124  7.22005   1.000 699.12605 ? 15 DC B "O3'" 1 
ATOM 485 C "C2'" . DC B 2 10 ? 0.25157   -8.64565  6.14081   1.000 690.95658 ? 15 DC B "C2'" 1 
ATOM 486 C "C1'" . DC B 2 10 ? -0.33129  -7.60910  5.18679   1.000 685.95527 ? 15 DC B "C1'" 1 
ATOM 487 N N1    . DC B 2 10 ? 0.67929   -6.98487  4.26677   1.000 680.42338 ? 15 DC B N1    1 
ATOM 488 C C2    . DC B 2 10 ? 0.84206   -7.44522  2.94246   1.000 681.14676 ? 15 DC B C2    1 
ATOM 489 O O2    . DC B 2 10 ? 0.16318   -8.39415  2.53282   1.000 684.56912 ? 15 DC B O2    1 
ATOM 490 N N3    . DC B 2 10 ? 1.76457   -6.82971  2.14831   1.000 678.06239 ? 15 DC B N3    1 
ATOM 491 C C4    . DC B 2 10 ? 2.48028   -5.80805  2.62247   1.000 674.46406 ? 15 DC B C4    1 
ATOM 492 N N4    . DC B 2 10 ? 3.37543   -5.22795  1.81582   1.000 671.51723 ? 15 DC B N4    1 
ATOM 493 C C5    . DC B 2 10 ? 2.31673   -5.33195  3.95198   1.000 673.73020 ? 15 DC B C5    1 
ATOM 494 C C6    . DC B 2 10 ? 1.41872   -5.94166  4.72554   1.000 676.72940 ? 15 DC B C6    1 
ATOM 495 P P     . DA B 2 11 ? -1.98981  -10.70899 7.85919   1.000 798.46982 ? 16 DA B P     1 
ATOM 496 O OP1   . DA B 2 11 ? -3.42577  -11.01491 8.04036   1.000 805.93304 ? 16 DA B OP1   1 
ATOM 497 O OP2   . DA B 2 11 ? -1.07551  -10.76438 9.02162   1.000 799.76925 ? 16 DA B OP2   1 
ATOM 498 O "O5'" . DA B 2 11 ? -1.41680  -11.66395 6.71609   1.000 797.68858 ? 16 DA B "O5'" 1 
ATOM 499 C "C5'" . DA B 2 11 ? -1.93301  -11.56830 5.39301   1.000 794.47129 ? 16 DA B "C5'" 1 
ATOM 500 C "C4'" . DA B 2 11 ? -1.03599  -12.30535 4.42135   1.000 793.44994 ? 16 DA B "C4'" 1 
ATOM 501 O "O4'" . DA B 2 11 ? -0.19039  -11.36228 3.71828   1.000 787.07945 ? 16 DA B "O4'" 1 
ATOM 502 C "C3'" . DA B 2 11 ? -0.10188  -13.32090 5.07577   1.000 795.04176 ? 16 DA B "C3'" 1 
ATOM 503 O "O3'" . DA B 2 11 ? -0.38558  -14.62113 4.58144   1.000 796.43565 ? 16 DA B "O3'" 1 
ATOM 504 C "C2'" . DA B 2 11 ? 1.30977   -12.84879 4.69378   1.000 791.77576 ? 16 DA B "C2'" 1 
ATOM 505 C "C1'" . DA B 2 11 ? 1.06392   -11.95187 3.48961   1.000 786.69708 ? 16 DA B "C1'" 1 
ATOM 506 N N9    . DA B 2 11 ? 2.05578   -10.88114 3.34442   1.000 779.81746 ? 16 DA B N9    1 
ATOM 507 C C8    . DA B 2 11 ? 2.42142   -9.97577  4.29580   1.000 776.72714 ? 16 DA B C8    1 
ATOM 508 N N7    . DA B 2 11 ? 3.32402   -9.11636  3.89894   1.000 770.52342 ? 16 DA B N7    1 
ATOM 509 C C5    . DA B 2 11 ? 3.58100   -9.48323  2.59394   1.000 769.59131 ? 16 DA B C5    1 
ATOM 510 C C6    . DA B 2 11 ? 4.45329   -8.96204  1.62460   1.000 764.12643 ? 16 DA B C6    1 
ATOM 511 N N6    . DA B 2 11 ? 5.25368   -7.91564  1.84800   1.000 760.20140 ? 16 DA B N6    1 
ATOM 512 N N1    . DA B 2 11 ? 4.47446   -9.55637  0.41778   1.000 765.38643 ? 16 DA B N1    1 
ATOM 513 C C2    . DA B 2 11 ? 3.67065   -10.60492 0.19860   1.000 770.60284 ? 16 DA B C2    1 
ATOM 514 N N3    . DA B 2 11 ? 2.80539   -11.18646 1.03322   1.000 776.15673 ? 16 DA B N3    1 
ATOM 515 C C4    . DA B 2 11 ? 2.80858   -10.57045 2.22749   1.000 775.26619 ? 16 DA B C4    1 
ATOM 516 P P     . DC B 2 12 ? 0.39891   -15.90336 5.15005   1.000 778.61621 ? 17 DC B P     1 
ATOM 517 O OP1   . DC B 2 12 ? -0.59780  -16.98145 5.33865   1.000 781.07802 ? 17 DC B OP1   1 
ATOM 518 O OP2   . DC B 2 12 ? 1.23822   -15.48551 6.29529   1.000 778.62239 ? 17 DC B OP2   1 
ATOM 519 O "O5'" . DC B 2 12 ? 1.36505   -16.29759 3.94289   1.000 776.92845 ? 17 DC B "O5'" 1 
ATOM 520 C "C5'" . DC B 2 12 ? 0.85400   -16.30342 2.62062   1.000 776.00570 ? 17 DC B "C5'" 1 
ATOM 521 C "C4'" . DC B 2 12 ? 1.97484   -16.22472 1.60263   1.000 773.78129 ? 17 DC B "C4'" 1 
ATOM 522 O "O4'" . DC B 2 12 ? 2.62935   -14.93705 1.68623   1.000 771.36478 ? 17 DC B "O4'" 1 
ATOM 523 C "C3'" . DC B 2 12 ? 3.07105   -17.28021 1.75896   1.000 774.63534 ? 17 DC B "C3'" 1 
ATOM 524 O "O3'" . DC B 2 12 ? 3.22265   -17.96809 0.52668   1.000 773.76704 ? 17 DC B "O3'" 1 
ATOM 525 C "C2'" . DC B 2 12 ? 4.32383   -16.46803 2.13812   1.000 773.00254 ? 17 DC B "C2'" 1 
ATOM 526 C "C1'" . DC B 2 12 ? 4.01579   -15.10929 1.53375   1.000 770.39984 ? 17 DC B "C1'" 1 
ATOM 527 N N1    . DC B 2 12 ? 4.68779   -13.96142 2.20812   1.000 767.36521 ? 17 DC B N1    1 
ATOM 528 C C2    . DC B 2 12 ? 5.70548   -13.27004 1.54960   1.000 761.32074 ? 17 DC B C2    1 
ATOM 529 O O2    . DC B 2 12 ? 6.05324   -13.64909 0.42581   1.000 760.57808 ? 17 DC B O2    1 
ATOM 530 N N3    . DC B 2 12 ? 6.28834   -12.21375 2.17035   1.000 756.52048 ? 17 DC B N3    1 
ATOM 531 C C4    . DC B 2 12 ? 5.87573   -11.84360 3.38649   1.000 757.58460 ? 17 DC B C4    1 
ATOM 532 N N4    . DC B 2 12 ? 6.47392   -10.79832 3.96319   1.000 752.84913 ? 17 DC B N4    1 
ATOM 533 C C5    . DC B 2 12 ? 4.83154   -12.53212 4.06473   1.000 763.60678 ? 17 DC B C5    1 
ATOM 534 C C6    . DC B 2 12 ? 4.27241   -13.57194 3.44269   1.000 768.30180 ? 17 DC B C6    1 
ATOM 535 P P     . DA B 2 13 ? 4.31872   -19.12541 0.34718   1.000 806.11039 ? 18 DA B P     1 
ATOM 536 O OP1   . DA B 2 13 ? 3.69456   -20.18939 -0.46904  1.000 806.63888 ? 18 DA B OP1   1 
ATOM 537 O OP2   . DA B 2 13 ? 4.90852   -19.45725 1.66211   1.000 807.82041 ? 18 DA B OP2   1 
ATOM 538 O "O5'" . DA B 2 13 ? 5.44556   -18.42258 -0.53126  1.000 802.89303 ? 18 DA B "O5'" 1 
ATOM 539 C "C5'" . DA B 2 13 ? 5.31669   -18.36736 -1.94359  1.000 800.57958 ? 18 DA B "C5'" 1 
ATOM 540 C "C4'" . DA B 2 13 ? 6.67903   -18.47762 -2.59321  1.000 798.39740 ? 18 DA B "C4'" 1 
ATOM 541 O "O4'" . DA B 2 13 ? 7.42828   -17.26588 -2.33141  1.000 796.68975 ? 18 DA B "O4'" 1 
ATOM 542 C "C3'" . DA B 2 13 ? 7.52720   -19.63143 -2.07587  1.000 800.11719 ? 18 DA B "C3'" 1 
ATOM 543 O "O3'" . DA B 2 13 ? 8.27291   -20.22510 -3.12816  1.000 798.19644 ? 18 DA B "O3'" 1 
ATOM 544 C "C2'" . DA B 2 13 ? 8.43490   -18.98819 -1.02875  1.000 800.46437 ? 18 DA B "C2'" 1 
ATOM 545 C "C1'" . DA B 2 13 ? 8.49756   -17.51701 -1.44327  1.000 797.72968 ? 18 DA B "C1'" 1 
ATOM 546 N N9    . DA B 2 13 ? 8.38854   -16.61073 -0.30078  1.000 798.63594 ? 18 DA B N9    1 
ATOM 547 C C8    . DA B 2 13 ? 7.53882   -16.73501 0.76168   1.000 801.25219 ? 18 DA B C8    1 
ATOM 548 N N7    . DA B 2 13 ? 7.66634   -15.78799 1.65653   1.000 801.26130 ? 18 DA B N7    1 
ATOM 549 C C5    . DA B 2 13 ? 8.67688   -14.98927 1.15335   1.000 795.01817 ? 18 DA B C5    1 
ATOM 550 C C6    . DA B 2 13 ? 9.28106   -13.81697 1.63754   1.000 789.50839 ? 18 DA B C6    1 
ATOM 551 N N6    . DA B 2 13 ? 8.92891   -13.23621 2.78523   1.000 789.47404 ? 18 DA B N6    1 
ATOM 552 N N1    . DA B 2 13 ? 10.26226  -13.26405 0.89661   1.000 784.06858 ? 18 DA B N1    1 
ATOM 553 C C2    . DA B 2 13 ? 10.60978  -13.85233 -0.25461  1.000 784.61840 ? 18 DA B C2    1 
ATOM 554 N N3    . DA B 2 13 ? 10.11255  -14.95808 -0.81336  1.000 789.00826 ? 18 DA B N3    1 
ATOM 555 C C4    . DA B 2 13 ? 9.13948   -15.48232 -0.05051  1.000 794.40234 ? 18 DA B C4    1 
ATOM 556 P P     . DC B 2 14 ? 9.23670   -21.47535 -2.82202  1.000 752.68982 ? 19 DC B P     1 
ATOM 557 O OP1   . DC B 2 14 ? 9.33490   -22.27304 -4.06494  1.000 751.13464 ? 19 DC B OP1   1 
ATOM 558 O OP2   . DC B 2 14 ? 8.76259   -22.12481 -1.57729  1.000 756.18900 ? 19 DC B OP2   1 
ATOM 559 O "O5'" . DC B 2 14 ? 10.65604  -20.78962 -2.54389  1.000 751.96650 ? 19 DC B "O5'" 1 
ATOM 560 C "C5'" . DC B 2 14 ? 11.14594  -19.82612 -3.46722  1.000 750.85188 ? 19 DC B "C5'" 1 
ATOM 561 C "C4'" . DC B 2 14 ? 12.20459  -18.92895 -2.84567  1.000 751.75493 ? 19 DC B "C4'" 1 
ATOM 562 O "O4'" . DC B 2 14 ? 11.64373  -18.14871 -1.76507  1.000 752.28671 ? 19 DC B "O4'" 1 
ATOM 563 C "C3'" . DC B 2 14 ? 13.42769  -19.64729 -2.25959  1.000 753.30952 ? 19 DC B "C3'" 1 
ATOM 564 O "O3'" . DC B 2 14 ? 14.58099  -19.30698 -3.02329  1.000 753.82634 ? 19 DC B "O3'" 1 
ATOM 565 C "C2'" . DC B 2 14 ? 13.51981  -19.10768 -0.82047  1.000 754.75647 ? 19 DC B "C2'" 1 
ATOM 566 C "C1'" . DC B 2 14 ? 12.69377  -17.83254 -0.89652  1.000 753.69500 ? 19 DC B "C1'" 1 
ATOM 567 N N1    . DC B 2 14 ? 12.13085  -17.39980 0.41570   1.000 754.35209 ? 19 DC B N1    1 
ATOM 568 C C2    . DC B 2 14 ? 12.62837  -16.24564 1.03953   1.000 750.45413 ? 19 DC B C2    1 
ATOM 569 O O2    . DC B 2 14 ? 13.53246  -15.60286 0.48722   1.000 748.01079 ? 19 DC B O2    1 
ATOM 570 N N3    . DC B 2 14 ? 12.10733  -15.87232 2.23629   1.000 750.23257 ? 19 DC B N3    1 
ATOM 571 C C4    . DC B 2 14 ? 11.13514  -16.59751 2.79598   1.000 753.65110 ? 19 DC B C4    1 
ATOM 572 N N4    . DC B 2 14 ? 10.64718  -16.19487 3.97316   1.000 754.32218 ? 19 DC B N4    1 
ATOM 573 C C5    . DC B 2 14 ? 10.61838  -17.77152 2.17341   1.000 755.88256 ? 19 DC B C5    1 
ATOM 574 C C6    . DC B 2 14 ? 11.14115  -18.13232 0.99851   1.000 754.69248 ? 19 DC B C6    1 
ATOM 575 P P     . DG B 2 15 ? 15.95970  -20.12265 -2.88192  1.000 724.74151 ? 20 DG B P     1 
ATOM 576 O OP1   . DG B 2 15 ? 16.12261  -20.90179 -4.12872  1.000 723.45402 ? 20 DG B OP1   1 
ATOM 577 O OP2   . DG B 2 15 ? 16.00658  -20.82524 -1.58037  1.000 726.57997 ? 20 DG B OP2   1 
ATOM 578 O "O5'" . DG B 2 15 ? 17.05181  -18.95693 -2.82851  1.000 725.70188 ? 20 DG B "O5'" 1 
ATOM 579 C "C5'" . DG B 2 15 ? 16.68374  -17.70028 -2.26556  1.000 723.68021 ? 20 DG B "C5'" 1 
ATOM 580 C "C4'" . DG B 2 15 ? 17.89760  -16.88325 -1.86509  1.000 721.52873 ? 20 DG B "C4'" 1 
ATOM 581 O "O4'" . DG B 2 15 ? 17.53578  -16.01923 -0.76523  1.000 718.72473 ? 20 DG B "O4'" 1 
ATOM 582 C "C3'" . DG B 2 15 ? 19.08225  -17.68761 -1.35699  1.000 725.11343 ? 20 DG B "C3'" 1 
ATOM 583 O "O3'" . DG B 2 15 ? 20.28731  -16.96120 -1.55205  1.000 723.25029 ? 20 DG B "O3'" 1 
ATOM 584 C "C2'" . DG B 2 15 ? 18.76672  -17.85171 0.12459   1.000 726.29566 ? 20 DG B "C2'" 1 
ATOM 585 C "C1'" . DG B 2 15 ? 17.97290  -16.58365 0.45816   1.000 721.81483 ? 20 DG B "C1'" 1 
ATOM 586 N N9    . DG B 2 15 ? 16.80768  -16.86046 1.29398   1.000 722.62392 ? 20 DG B N9    1 
ATOM 587 C C8    . DG B 2 15 ? 15.86877  -17.83788 1.09403   1.000 725.57008 ? 20 DG B C8    1 
ATOM 588 N N7    . DG B 2 15 ? 14.94478  -17.87103 2.01202   1.000 726.79888 ? 20 DG B N7    1 
ATOM 589 C C5    . DG B 2 15 ? 15.29721  -16.84881 2.88298   1.000 723.68143 ? 20 DG B C5    1 
ATOM 590 C C6    . DG B 2 15 ? 14.66759  -16.40809 4.06894   1.000 723.28895 ? 20 DG B C6    1 
ATOM 591 O O6    . DG B 2 15 ? 13.63988  -16.84493 4.59950   1.000 725.65404 ? 20 DG B O6    1 
ATOM 592 N N1    . DG B 2 15 ? 15.35455  -15.34417 4.65242   1.000 719.71547 ? 20 DG B N1    1 
ATOM 593 C C2    . DG B 2 15 ? 16.50505  -14.78448 4.14838   1.000 717.17890 ? 20 DG B C2    1 
ATOM 594 N N2    . DG B 2 15 ? 17.03169  -13.76454 4.84094   1.000 714.47194 ? 20 DG B N2    1 
ATOM 595 N N3    . DG B 2 15 ? 17.10117  -15.18916 3.03683   1.000 718.33538 ? 20 DG B N3    1 
ATOM 596 C C4    . DG B 2 15 ? 16.44470  -16.22011 2.45850   1.000 721.00772 ? 20 DG B C4    1 
ATOM 597 P P     . DC B 2 16 ? 21.69167  -17.58656 -1.07790  1.000 682.68202 ? 21 DC B P     1 
ATOM 598 O OP1   . DC B 2 16 ? 22.75032  -16.98212 -1.91826  1.000 684.51532 ? 21 DC B OP1   1 
ATOM 599 O OP2   . DC B 2 16 ? 21.52890  -19.05872 -1.01958  1.000 684.57857 ? 21 DC B OP2   1 
ATOM 600 O "O5'" . DC B 2 16 ? 21.86311  -17.04427 0.41622   1.000 685.31687 ? 21 DC B "O5'" 1 
ATOM 601 C "C5'" . DC B 2 16 ? 21.54010  -15.69354 0.71874   1.000 676.08399 ? 21 DC B "C5'" 1 
ATOM 602 C "C4'" . DC B 2 16 ? 21.55109  -15.46241 2.21770   1.000 675.72894 ? 21 DC B "C4'" 1 
ATOM 603 O "O4'" . DC B 2 16 ? 20.26419  -15.81332 2.78279   1.000 674.19652 ? 21 DC B "O4'" 1 
ATOM 604 C "C3'" . DC B 2 16 ? 22.59373  -16.28501 2.98281   1.000 681.80491 ? 21 DC B "C3'" 1 
ATOM 605 O "O3'" . DC B 2 16 ? 23.46492  -15.42046 3.70106   1.000 683.57454 ? 21 DC B "O3'" 1 
ATOM 606 C "C2'" . DC B 2 16 ? 21.76154  -17.16661 3.92320   1.000 680.07634 ? 21 DC B "C2'" 1 
ATOM 607 C "C1'" . DC B 2 16 ? 20.47163  -16.37507 4.05118   1.000 676.85341 ? 21 DC B "C1'" 1 
ATOM 608 N N1    . DC B 2 16 ? 19.28507  -17.20808 4.39260   1.000 678.94887 ? 21 DC B N1    1 
ATOM 609 C C2    . DC B 2 16 ? 18.57969  -16.96628 5.57834   1.000 678.23742 ? 21 DC B C2    1 
ATOM 610 O O2    . DC B 2 16 ? 18.97011  -16.07137 6.33725   1.000 675.82539 ? 21 DC B O2    1 
ATOM 611 N N3    . DC B 2 16 ? 17.49757  -17.73321 5.86779   1.000 680.36382 ? 21 DC B N3    1 
ATOM 612 C C4    . DC B 2 16 ? 17.11873  -18.69599 5.02240   1.000 683.24659 ? 21 DC B C4    1 
ATOM 613 N N4    . DC B 2 16 ? 16.04604  -19.42894 5.34025   1.000 685.84020 ? 21 DC B N4    1 
ATOM 614 C C5    . DC B 2 16 ? 17.82065  -18.95000 3.80972   1.000 683.55691 ? 21 DC B C5    1 
ATOM 615 C C6    . DC B 2 16 ? 18.88579  -18.19162 3.53805   1.000 681.50997 ? 21 DC B C6    1 
ATOM 616 P P     . DA B 2 17 ? 25.01257  -15.80285 3.89425   1.000 706.82834 ? 22 DA B P     1 
ATOM 617 O OP1   . DA B 2 17 ? 25.82340  -14.74068 3.26318   1.000 708.71510 ? 22 DA B OP1   1 
ATOM 618 O OP2   . DA B 2 17 ? 25.19071  -17.21009 3.48084   1.000 710.28959 ? 22 DA B OP2   1 
ATOM 619 O "O5'" . DA B 2 17 ? 25.21138  -15.75318 5.47601   1.000 708.08226 ? 22 DA B "O5'" 1 
ATOM 620 C "C5'" . DA B 2 17 ? 24.54964  -16.71244 6.29627   1.000 707.19781 ? 22 DA B "C5'" 1 
ATOM 621 C "C4'" . DA B 2 17 ? 23.65370  -16.03418 7.31679   1.000 698.50062 ? 22 DA B "C4'" 1 
ATOM 622 O "O4'" . DA B 2 17 ? 22.26339  -16.38299 7.05638   1.000 694.49846 ? 22 DA B "O4'" 1 
ATOM 623 C "C3'" . DA B 2 17 ? 23.92280  -16.44214 8.76180   1.000 697.90564 ? 22 DA B "C3'" 1 
ATOM 624 O "O3'" . DA B 2 17 ? 23.71097  -15.33757 9.63417   1.000 694.00212 ? 22 DA B "O3'" 1 
ATOM 625 C "C2'" . DA B 2 17 ? 22.89730  -17.54431 8.99024   1.000 698.89580 ? 22 DA B "C2'" 1 
ATOM 626 C "C1'" . DA B 2 17 ? 21.71264  -17.02310 8.19105   1.000 696.49829 ? 22 DA B "C1'" 1 
ATOM 627 N N9    . DA B 2 17 ? 20.80242  -18.07958 7.74499   1.000 699.02479 ? 22 DA B N9    1 
ATOM 628 C C8    . DA B 2 17 ? 20.89113  -18.81116 6.59043   1.000 700.78902 ? 22 DA B C8    1 
ATOM 629 N N7    . DA B 2 17 ? 19.93570  -19.69786 6.44567   1.000 702.97473 ? 22 DA B N7    1 
ATOM 630 C C5    . DA B 2 17 ? 19.17231  -19.55544 7.59122   1.000 702.68259 ? 22 DA B C5    1 
ATOM 631 C C6    . DA B 2 17 ? 18.01133  -20.21520 8.03964   1.000 705.43507 ? 22 DA B C6    1 
ATOM 632 N N6    . DA B 2 17 ? 17.41052  -21.19201 7.35181   1.000 704.74088 ? 22 DA B N6    1 
ATOM 633 N N1    . DA B 2 17 ? 17.49296  -19.83576 9.22428   1.000 705.49324 ? 22 DA B N1    1 
ATOM 634 C C2    . DA B 2 17 ? 18.10198  -18.85702 9.91478   1.000 702.37973 ? 22 DA B C2    1 
ATOM 635 N N3    . DA B 2 17 ? 19.20196  -18.16130 9.59978   1.000 699.30978 ? 22 DA B N3    1 
ATOM 636 C C4    . DA B 2 17 ? 19.69002  -18.56027 8.40845   1.000 700.18736 ? 22 DA B C4    1 
ATOM 637 P P     . DA C 3 1  ? -11.32893 29.29718  -0.62998  1.000 477.57653 ? 19 DA C P     1 
ATOM 638 O OP1   . DA C 3 1  ? -12.24504 30.45426  -0.49633  1.000 484.31819 ? 19 DA C OP1   1 
ATOM 639 O OP2   . DA C 3 1  ? -9.87608  29.48554  -0.42040  1.000 478.05714 ? 19 DA C OP2   1 
ATOM 640 O "O5'" . DA C 3 1  ? -11.51880 28.58132  -2.05182  1.000 481.66157 ? 19 DA C "O5'" 1 
ATOM 641 C "C5'" . DA C 3 1  ? -12.61939 27.70430  -2.26855  1.000 482.79096 ? 19 DA C "C5'" 1 
ATOM 642 C "C4'" . DA C 3 1  ? -12.18865 26.24303  -2.23036  1.000 517.38880 ? 19 DA C "C4'" 1 
ATOM 643 O "O4'" . DA C 3 1  ? -10.81651 26.13466  -1.75821  1.000 545.29241 ? 19 DA C "O4'" 1 
ATOM 644 C "C3'" . DA C 3 1  ? -13.01354 25.35795  -1.30016  1.000 530.81278 ? 19 DA C "C3'" 1 
ATOM 645 O "O3'" . DA C 3 1  ? -13.10411 24.04832  -1.83395  1.000 560.37159 ? 19 DA C "O3'" 1 
ATOM 646 C "C2'" . DA C 3 1  ? -12.18282 25.37605  -0.02500  1.000 537.99417 ? 19 DA C "C2'" 1 
ATOM 647 C "C1'" . DA C 3 1  ? -10.77820 25.31589  -0.60644  1.000 557.38569 ? 19 DA C "C1'" 1 
ATOM 648 N N9    . DA C 3 1  ? -9.74095  25.83016  0.28437   1.000 543.76402 ? 19 DA C N9    1 
ATOM 649 C C8    . DA C 3 1  ? -9.80999  26.94868  1.06265   1.000 511.99550 ? 19 DA C C8    1 
ATOM 650 N N7    . DA C 3 1  ? -8.72077  27.18536  1.75034   1.000 505.66991 ? 19 DA C N7    1 
ATOM 651 C C5    . DA C 3 1  ? -7.87441  26.14931  1.40082   1.000 536.15745 ? 19 DA C C5    1 
ATOM 652 C C6    . DA C 3 1  ? -6.56253  25.82762  1.79438   1.000 546.30275 ? 19 DA C C6    1 
ATOM 653 N N6    . DA C 3 1  ? -5.86023  26.55693  2.66346   1.000 519.82479 ? 19 DA C N6    1 
ATOM 654 N N1    . DA C 3 1  ? -6.00007  24.72575  1.26222   1.000 577.21617 ? 19 DA C N1    1 
ATOM 655 C C2    . DA C 3 1  ? -6.70900  23.99688  0.39120   1.000 606.71582 ? 19 DA C C2    1 
ATOM 656 N N3    . DA C 3 1  ? -7.95152  24.19910  -0.05590  1.000 608.72991 ? 19 DA C N3    1 
ATOM 657 C C4    . DA C 3 1  ? -8.48280  25.30401  0.49394   1.000 567.21774 ? 19 DA C C4    1 
ATOM 658 P P     . DC C 3 2  ? -14.47976 23.53106  -2.47858  1.000 551.02113 ? 20 DC C P     1 
ATOM 659 O OP1   . DC C 3 2  ? -14.47104 23.94014  -3.90036  1.000 534.80031 ? 20 DC C OP1   1 
ATOM 660 O OP2   . DC C 3 2  ? -15.59150 23.96097  -1.60099  1.000 541.41090 ? 20 DC C OP2   1 
ATOM 661 O "O5'" . DC C 3 2  ? -14.35672 21.93887  -2.39753  1.000 599.62671 ? 20 DC C "O5'" 1 
ATOM 662 C "C5'" . DC C 3 2  ? -13.72931 21.32984  -1.27182  1.000 630.62700 ? 20 DC C "C5'" 1 
ATOM 663 C "C4'" . DC C 3 2  ? -12.53263 20.49838  -1.70306  1.000 665.40323 ? 20 DC C "C4'" 1 
ATOM 664 O "O4'" . DC C 3 2  ? -11.30776 21.13255  -1.24909  1.000 645.61521 ? 20 DC C "O4'" 1 
ATOM 665 C "C3'" . DC C 3 2  ? -12.47853 19.10159  -1.11393  1.000 710.46551 ? 20 DC C "C3'" 1 
ATOM 666 O "O3'" . DC C 3 2  ? -11.67589 18.27646  -1.94641  1.000 737.29653 ? 20 DC C "O3'" 1 
ATOM 667 C "C2'" . DC C 3 2  ? -11.80187 19.36658  0.22843   1.000 699.33723 ? 20 DC C "C2'" 1 
ATOM 668 C "C1'" . DC C 3 2  ? -10.73855 20.37612  -0.18663  1.000 667.42821 ? 20 DC C "C1'" 1 
ATOM 669 N N1    . DC C 3 2  ? -10.32531 21.33637  0.88727   1.000 633.28179 ? 20 DC C N1    1 
ATOM 670 C C2    . DC C 3 2  ? -9.04740  21.24417  1.46810   1.000 623.02224 ? 20 DC C C2    1 
ATOM 671 O O2    . DC C 3 2  ? -8.28343  20.34082  1.11030   1.000 638.28483 ? 20 DC C O2    1 
ATOM 672 N N3    . DC C 3 2  ? -8.69224  22.14971  2.41858   1.000 594.91642 ? 20 DC C N3    1 
ATOM 673 C C4    . DC C 3 2  ? -9.54451  23.10944  2.77631   1.000 575.79326 ? 20 DC C C4    1 
ATOM 674 N N4    . DC C 3 2  ? -9.15809  23.97829  3.71604   1.000 550.45140 ? 20 DC C N4    1 
ATOM 675 C C5    . DC C 3 2  ? -10.83819 23.21908  2.19226   1.000 578.11211 ? 20 DC C C5    1 
ATOM 676 C C6    . DC C 3 2  ? -11.17947 22.32711  1.25788   1.000 606.77829 ? 20 DC C C6    1 
ATOM 677 P P     . DA C 3 3  ? -11.84988 16.68010  -1.92885  1.000 696.71297 ? 21 DA C P     1 
ATOM 678 O OP1   . DA C 3 3  ? -12.24607 16.25913  -3.29264  1.000 700.93782 ? 21 DA C OP1   1 
ATOM 679 O OP2   . DA C 3 3  ? -12.70313 16.33454  -0.77102  1.000 719.44942 ? 21 DA C OP2   1 
ATOM 680 O "O5'" . DA C 3 3  ? -10.37164 16.14733  -1.62710  1.000 684.62467 ? 21 DA C "O5'" 1 
ATOM 681 C "C5'" . DA C 3 3  ? -9.43610  16.99613  -0.96319  1.000 649.30352 ? 21 DA C "C5'" 1 
ATOM 682 C "C4'" . DA C 3 3  ? -9.01348  16.40308  0.36784   1.000 642.51217 ? 21 DA C "C4'" 1 
ATOM 683 O "O4'" . DA C 3 3  ? -8.71660  17.46634  1.30637   1.000 617.45594 ? 21 DA C "O4'" 1 
ATOM 684 C "C3'" . DA C 3 3  ? -10.06242 15.51135  1.04563   1.000 684.65371 ? 21 DA C "C3'" 1 
ATOM 685 O "O3'" . DA C 3 3  ? -9.49117  14.24559  1.36892   1.000 675.75167 ? 21 DA C "O3'" 1 
ATOM 686 C "C2'" . DA C 3 3  ? -10.44439 16.29102  2.30849   1.000 673.39318 ? 21 DA C "C2'" 1 
ATOM 687 C "C1'" . DA C 3 3  ? -9.17575  17.08082  2.57409   1.000 628.76192 ? 21 DA C "C1'" 1 
ATOM 688 N N9    . DA C 3 3  ? -9.38724  18.27678  3.38704   1.000 605.87584 ? 21 DA C N9    1 
ATOM 689 C C8    . DA C 3 3  ? -10.50996 19.05543  3.43002   1.000 603.11743 ? 21 DA C C8    1 
ATOM 690 N N7    . DA C 3 3  ? -10.41838 20.07009  4.25635   1.000 573.09385 ? 21 DA C N7    1 
ATOM 691 C C5    . DA C 3 3  ? -9.14929  19.94757  4.79639   1.000 560.74946 ? 21 DA C C5    1 
ATOM 692 C C6    . DA C 3 3  ? -8.44426  20.71760  5.74137   1.000 531.86491 ? 21 DA C C6    1 
ATOM 693 N N6    . DA C 3 3  ? -8.95403  21.80509  6.32452   1.000 525.29121 ? 21 DA C N6    1 
ATOM 694 N N1    . DA C 3 3  ? -7.19294  20.32652  6.06275   1.000 520.19276 ? 21 DA C N1    1 
ATOM 695 C C2    . DA C 3 3  ? -6.69034  19.23382  5.47589   1.000 527.85214 ? 21 DA C C2    1 
ATOM 696 N N3    . DA C 3 3  ? -7.25698  18.43106  4.57224   1.000 553.94790 ? 21 DA C N3    1 
ATOM 697 C C4    . DA C 3 3  ? -8.49838  18.84836  4.27299   1.000 575.56370 ? 21 DA C C4    1 
ATOM 698 P P     . DC C 3 4  ? -9.05768  13.22397  0.20481   1.000 636.88457 ? 22 DC C P     1 
ATOM 699 O OP1   . DC C 3 4  ? -10.02962 13.39107  -0.89820  1.000 680.92313 ? 22 DC C OP1   1 
ATOM 700 O OP2   . DC C 3 4  ? -8.86982  11.89222  0.81597   1.000 612.49284 ? 22 DC C OP2   1 
ATOM 701 O "O5'" . DC C 3 4  ? -7.62711  13.76660  -0.27378  1.000 576.99105 ? 22 DC C "O5'" 1 
ATOM 702 C "C5'" . DC C 3 4  ? -6.58663  12.85855  -0.61616  1.000 519.56101 ? 22 DC C "C5'" 1 
ATOM 703 C "C4'" . DC C 3 4  ? -6.35522  12.85774  -2.11320  1.000 500.56776 ? 22 DC C "C4'" 1 
ATOM 704 O "O4'" . DC C 3 4  ? -6.78726  11.58448  -2.66037  1.000 490.69892 ? 22 DC C "O4'" 1 
ATOM 705 C "C3'" . DC C 3 4  ? -7.12262  13.93887  -2.87641  1.000 546.94553 ? 22 DC C "C3'" 1 
ATOM 706 O "O3'" . DC C 3 4  ? -6.30710  14.50356  -3.89915  1.000 513.09372 ? 22 DC C "O3'" 1 
ATOM 707 C "C2'" . DC C 3 4  ? -8.30921  13.18041  -3.45873  1.000 588.35043 ? 22 DC C "C2'" 1 
ATOM 708 C "C1'" . DC C 3 4  ? -7.72336  11.79697  -3.69248  1.000 538.22814 ? 22 DC C "C1'" 1 
ATOM 709 N N1    . DC C 3 4  ? -8.75383  10.70913  -3.64671  1.000 560.18181 ? 22 DC C N1    1 
ATOM 710 C C2    . DC C 3 4  ? -8.94921  9.89264   -4.76648  1.000 547.41435 ? 22 DC C C2    1 
ATOM 711 O O2    . DC C 3 4  ? -8.25245  10.08424  -5.76894  1.000 519.34810 ? 22 DC C O2    1 
ATOM 712 N N3    . DC C 3 4  ? -9.89507  8.91967   -4.71777  1.000 562.27300 ? 22 DC C N3    1 
ATOM 713 C C4    . DC C 3 4  ? -10.62536 8.75332   -3.61251  1.000 588.62605 ? 22 DC C C4    1 
ATOM 714 N N4    . DC C 3 4  ? -11.54571 7.78015   -3.60686  1.000 594.00907 ? 22 DC C N4    1 
ATOM 715 C C5    . DC C 3 4  ? -10.44339 9.57948   -2.46194  1.000 604.85913 ? 22 DC C C5    1 
ATOM 716 C C6    . DC C 3 4  ? -9.50906  10.53625  -2.52414  1.000 589.73435 ? 22 DC C C6    1 
ATOM 717 P P     . DC C 3 5  ? -6.74252  15.87604  -4.61765  1.000 490.82277 ? 23 DC C P     1 
ATOM 718 O OP1   . DC C 3 5  ? -5.65787  16.85525  -4.37730  1.000 451.03917 ? 23 DC C OP1   1 
ATOM 719 O OP2   . DC C 3 5  ? -8.13351  16.18939  -4.20959  1.000 549.65959 ? 23 DC C OP2   1 
ATOM 720 O "O5'" . DC C 3 5  ? -6.75139  15.50679  -6.17725  1.000 483.30098 ? 23 DC C "O5'" 1 
ATOM 721 C "C5'" . DC C 3 5  ? -5.56310  14.99427  -6.79837  1.000 433.12934 ? 23 DC C "C5'" 1 
ATOM 722 C "C4'" . DC C 3 5  ? -5.81901  14.59232  -8.24732  1.000 432.72737 ? 23 DC C "C4'" 1 
ATOM 723 O "O4'" . DC C 3 5  ? -6.57232  13.34750  -8.28449  1.000 448.05245 ? 23 DC C "O4'" 1 
ATOM 724 C "C3'" . DC C 3 5  ? -6.62484  15.60119  -9.06508  1.000 464.14466 ? 23 DC C "C3'" 1 
ATOM 725 O "O3'" . DC C 3 5  ? -6.16032  15.65496  -10.41302 1.000 434.59298 ? 23 DC C "O3'" 1 
ATOM 726 C "C2'" . DC C 3 5  ? -8.03628  15.04591  -8.99131  1.000 513.35144 ? 23 DC C "C2'" 1 
ATOM 727 C "C1'" . DC C 3 5  ? -7.79553  13.54159  -8.96985  1.000 493.15823 ? 23 DC C "C1'" 1 
ATOM 728 N N1    . DC C 3 5  ? -8.86828  12.80773  -8.24239  1.000 532.59489 ? 23 DC C N1    1 
ATOM 729 C C2    . DC C 3 5  ? -9.59728  11.78418  -8.88171  1.000 537.00944 ? 23 DC C C2    1 
ATOM 730 O O2    . DC C 3 5  ? -9.33248  11.48091  -10.05378 1.000 507.58989 ? 23 DC C O2    1 
ATOM 731 N N3    . DC C 3 5  ? -10.57801 11.14934  -8.18268  1.000 572.05430 ? 23 DC C N3    1 
ATOM 732 C C4    . DC C 3 5  ? -10.83591 11.50753  -6.92229  1.000 601.59356 ? 23 DC C C4    1 
ATOM 733 N N4    . DC C 3 5  ? -11.80548 10.86254  -6.26660  1.000 632.83888 ? 23 DC C N4    1 
ATOM 734 C C5    . DC C 3 5  ? -10.11342 12.54673  -6.27212  1.000 596.95885 ? 23 DC C C5    1 
ATOM 735 C C6    . DC C 3 5  ? -9.15197  13.16221  -6.95967  1.000 561.93494 ? 23 DC C C6    1 
ATOM 736 P P     . DG C 3 6  ? -6.57002  16.88949  -11.36245 1.000 423.46636 ? 24 DG C P     1 
ATOM 737 O OP1   . DG C 3 6  ? -5.86774  16.72341  -12.65118 1.000 382.88519 ? 24 DG C OP1   1 
ATOM 738 O OP2   . DG C 3 6  ? -6.39416  18.13571  -10.58690 1.000 429.03790 ? 24 DG C OP2   1 
ATOM 739 O "O5'" . DG C 3 6  ? -8.13617  16.69062  -11.61711 1.000 450.51893 ? 24 DG C "O5'" 1 
ATOM 740 C "C5'" . DG C 3 6  ? -8.65677  16.77737  -12.92765 1.000 430.32811 ? 24 DG C "C5'" 1 
ATOM 741 C "C4'" . DG C 3 6  ? -9.40959  15.51000  -13.29036 1.000 437.10306 ? 24 DG C "C4'" 1 
ATOM 742 O "O4'" . DG C 3 6  ? -9.48691  14.63680  -12.14392 1.000 469.41562 ? 24 DG C "O4'" 1 
ATOM 743 C "C3'" . DG C 3 6  ? -10.85235 15.72379  -13.68938 1.000 429.87290 ? 24 DG C "C3'" 1 
ATOM 744 O "O3'" . DG C 3 6  ? -10.92453 16.08637  -15.05942 1.000 413.13909 ? 24 DG C "O3'" 1 
ATOM 745 C "C2'" . DG C 3 6  ? -11.47083 14.34701  -13.43380 1.000 446.81387 ? 24 DG C "C2'" 1 
ATOM 746 C "C1'" . DG C 3 6  ? -10.62235 13.79628  -12.27869 1.000 477.63816 ? 24 DG C "C1'" 1 
ATOM 747 N N9    . DG C 3 6  ? -11.31056 13.72100  -10.98413 1.000 519.30242 ? 24 DG C N9    1 
ATOM 748 C C8    . DG C 3 6  ? -11.02400 14.44976  -9.85561  1.000 542.10166 ? 24 DG C C8    1 
ATOM 749 N N7    . DG C 3 6  ? -11.77713 14.15930  -8.83177  1.000 578.53085 ? 24 DG C N7    1 
ATOM 750 C C5    . DG C 3 6  ? -12.63364 13.17207  -9.31685  1.000 578.37710 ? 24 DG C C5    1 
ATOM 751 C C6    . DG C 3 6  ? -13.67605 12.47879  -8.65325  1.000 604.15748 ? 24 DG C C6    1 
ATOM 752 O O6    . DG C 3 6  ? -14.06387 12.59443  -7.48810  1.000 639.83736 ? 24 DG C O6    1 
ATOM 753 N N1    . DG C 3 6  ? -14.29492 11.56025  -9.50399  1.000 578.81991 ? 24 DG C N1    1 
ATOM 754 C C2    . DG C 3 6  ? -13.94889 11.34560  -10.81546 1.000 537.98462 ? 24 DG C C2    1 
ATOM 755 N N2    . DG C 3 6  ? -14.66046 10.42467  -11.47789 1.000 513.25900 ? 24 DG C N2    1 
ATOM 756 N N3    . DG C 3 6  ? -12.97150 11.99326  -11.44280 1.000 518.61546 ? 24 DG C N3    1 
ATOM 757 C C4    . DG C 3 6  ? -12.35676 12.89193  -10.63134 1.000 539.46841 ? 24 DG C C4    1 
ATOM 758 P P     . DT C 3 7  ? -12.21221 16.85720  -15.62156 1.000 484.15082 ? 25 DT C P     1 
ATOM 759 O OP1   . DT C 3 7  ? -11.72759 18.05246  -16.34429 1.000 453.87126 ? 25 DT C OP1   1 
ATOM 760 O OP2   . DT C 3 7  ? -13.17562 17.00531  -14.50755 1.000 494.41972 ? 25 DT C OP2   1 
ATOM 761 O "O5'" . DT C 3 7  ? -12.82554 15.83043  -16.67567 1.000 469.01069 ? 25 DT C "O5'" 1 
ATOM 762 C "C5'" . DT C 3 7  ? -14.21700 15.81717  -16.91429 1.000 454.99646 ? 25 DT C "C5'" 1 
ATOM 763 C "C4'" . DT C 3 7  ? -14.77921 14.41663  -16.75682 1.000 460.14888 ? 25 DT C "C4'" 1 
ATOM 764 O "O4'" . DT C 3 7  ? -14.59246 13.96675  -15.38658 1.000 501.57502 ? 25 DT C "O4'" 1 
ATOM 765 C "C3'" . DT C 3 7  ? -16.27482 14.29625  -17.03259 1.000 462.04213 ? 25 DT C "C3'" 1 
ATOM 766 O "O3'" . DT C 3 7  ? -16.56369 13.02884  -17.61515 1.000 464.15439 ? 25 DT C "O3'" 1 
ATOM 767 C "C2'" . DT C 3 7  ? -16.87779 14.42348  -15.63882 1.000 474.93227 ? 25 DT C "C2'" 1 
ATOM 768 C "C1'" . DT C 3 7  ? -15.84939 13.67496  -14.80786 1.000 504.22498 ? 25 DT C "C1'" 1 
ATOM 769 N N1    . DT C 3 7  ? -15.81797 14.07867  -13.36913 1.000 543.41389 ? 25 DT C N1    1 
ATOM 770 C C2    . DT C 3 7  ? -16.79478 13.61981  -12.51731 1.000 567.55664 ? 25 DT C C2    1 
ATOM 771 O O2    . DT C 3 7  ? -17.70995 12.90097  -12.87435 1.000 555.54814 ? 25 DT C O2    1 
ATOM 772 N N3    . DT C 3 7  ? -16.66303 14.04200  -11.21865 1.000 603.44186 ? 25 DT C N3    1 
ATOM 773 C C4    . DT C 3 7  ? -15.67412 14.85250  -10.69866 1.000 613.73504 ? 25 DT C C4    1 
ATOM 774 O O4    . DT C 3 7  ? -15.64228 15.17691  -9.51511  1.000 643.95318 ? 25 DT C O4    1 
ATOM 775 C C5    . DT C 3 7  ? -14.68149 15.29316  -11.64353 1.000 582.30617 ? 25 DT C C5    1 
ATOM 776 C C7    . DT C 3 7  ? -13.56130 16.18131  -11.19546 1.000 582.50771 ? 25 DT C C7    1 
ATOM 777 C C6    . DT C 3 7  ? -14.79969 14.88930  -12.91783 1.000 550.01391 ? 25 DT C C6    1 
ATOM 778 O "O5'" . DC D 4 1  ? -4.09866  18.36100  15.51033  1.000 625.59651 ? 2  DC F "O5'" 1 
ATOM 779 C "C5'" . DC D 4 1  ? -3.26850  18.08229  14.38951  1.000 633.93703 ? 2  DC F "C5'" 1 
ATOM 780 C "C4'" . DC D 4 1  ? -3.20220  19.28213  13.45606  1.000 628.28628 ? 2  DC F "C4'" 1 
ATOM 781 O "O4'" . DC D 4 1  ? -4.41117  19.35842  12.67301  1.000 628.16497 ? 2  DC F "O4'" 1 
ATOM 782 C "C3'" . DC D 4 1  ? -3.07953  20.65277  14.14626  1.000 614.30870 ? 2  DC F "C3'" 1 
ATOM 783 O "O3'" . DC D 4 1  ? -1.78693  21.21416  13.90546  1.000 612.33889 ? 2  DC F "O3'" 1 
ATOM 784 C "C2'" . DC D 4 1  ? -4.20153  21.50437  13.51379  1.000 606.72628 ? 2  DC F "C2'" 1 
ATOM 785 C "C1'" . DC D 4 1  ? -4.57802  20.69559  12.28690  1.000 617.02556 ? 2  DC F "C1'" 1 
ATOM 786 N N1    . DC D 4 1  ? -5.98581  20.91888  11.81608  1.000 613.59198 ? 2  DC F N1    1 
ATOM 787 C C2    . DC D 4 1  ? -6.55868  20.03660  10.89508  1.000 623.33129 ? 2  DC F C2    1 
ATOM 788 O O2    . DC D 4 1  ? -5.89958  19.07648  10.48919  1.000 635.10241 ? 2  DC F O2    1 
ATOM 789 N N3    . DC D 4 1  ? -7.82657  20.25764  10.47449  1.000 619.74093 ? 2  DC F N3    1 
ATOM 790 C C4    . DC D 4 1  ? -8.51023  21.30511  10.93185  1.000 607.32811 ? 2  DC F C4    1 
ATOM 791 N N4    . DC D 4 1  ? -9.75920  21.47867  10.48485  1.000 604.25580 ? 2  DC F N4    1 
ATOM 792 C C5    . DC D 4 1  ? -7.94320  22.22276  11.86521  1.000 597.70886 ? 2  DC F C5    1 
ATOM 793 C C6    . DC D 4 1  ? -6.69079  21.99366  12.27593  1.000 601.09380 ? 2  DC F C6    1 
ATOM 794 P P     . DT D 4 2  ? -1.49940  22.76896  14.20653  1.000 620.84070 ? 3  DT F P     1 
ATOM 795 O OP1   . DT D 4 2  ? -0.03407  22.93293  14.30867  1.000 621.32952 ? 3  DT F OP1   1 
ATOM 796 O OP2   . DT D 4 2  ? -2.35255  23.17603  15.34391  1.000 607.79203 ? 3  DT F OP2   1 
ATOM 797 O "O5'" . DT D 4 2  ? -2.01013  23.53034  12.89037  1.000 617.07081 ? 3  DT F "O5'" 1 
ATOM 798 C "C5'" . DT D 4 2  ? -1.15715  23.65059  11.74441  1.000 624.44541 ? 3  DT F "C5'" 1 
ATOM 799 C "C4'" . DT D 4 2  ? -0.79181  22.28633  11.19210  1.000 648.04062 ? 3  DT F "C4'" 1 
ATOM 800 O "O4'" . DT D 4 2  ? -2.00046  21.58040  10.82692  1.000 661.83260 ? 3  DT F "O4'" 1 
ATOM 801 C "C3'" . DT D 4 2  ? 0.04880   22.29729  9.93155   1.000 651.92544 ? 3  DT F "C3'" 1 
ATOM 802 O "O3'" . DT D 4 2  ? 0.76414   21.06634  9.84857   1.000 662.19306 ? 3  DT F "O3'" 1 
ATOM 803 C "C2'" . DT D 4 2  ? -1.02303  22.41120  8.84581   1.000 655.72653 ? 3  DT F "C2'" 1 
ATOM 804 C "C1'" . DT D 4 2  ? -2.13088  21.52717  9.41657   1.000 667.57578 ? 3  DT F "C1'" 1 
ATOM 805 N N1    . DT D 4 2  ? -3.52123  21.97154  9.05983   1.000 669.74710 ? 3  DT F N1    1 
ATOM 806 C C2    . DT D 4 2  ? -4.26452  21.23691  8.15748   1.000 679.48567 ? 3  DT F C2    1 
ATOM 807 O O2    . DT D 4 2  ? -3.85053  20.23296  7.60614   1.000 683.87030 ? 3  DT F O2    1 
ATOM 808 N N3    . DT D 4 2  ? -5.52227  21.73405  7.91836   1.000 682.21979 ? 3  DT F N3    1 
ATOM 809 C C4    . DT D 4 2  ? -6.09600  22.85895  8.48108   1.000 676.04855 ? 3  DT F C4    1 
ATOM 810 O O4    . DT D 4 2  ? -7.23198  23.22725  8.20481   1.000 680.03936 ? 3  DT F O4    1 
ATOM 811 C C5    . DT D 4 2  ? -5.26497  23.57304  9.41751   1.000 659.24699 ? 3  DT F C5    1 
ATOM 812 C C7    . DT D 4 2  ? -5.77863  24.80889  10.09123  1.000 633.52590 ? 3  DT F C7    1 
ATOM 813 C C6    . DT D 4 2  ? -4.03624  23.09972  9.65999   1.000 658.38954 ? 3  DT F C6    1 
ATOM 814 P P     . DG D 4 3  ? 2.08935   20.93655  8.94983   1.000 682.71628 ? 4  DG F P     1 
ATOM 815 O OP1   . DG D 4 3  ? 3.20060   20.51767  9.83123   1.000 688.58875 ? 4  DG F OP1   1 
ATOM 816 O OP2   . DG D 4 3  ? 2.21776   22.15910  8.12982   1.000 671.48601 ? 4  DG F OP2   1 
ATOM 817 O "O5'" . DG D 4 3  ? 1.75039   19.71844  7.97657   1.000 698.53840 ? 4  DG F "O5'" 1 
ATOM 818 C "C5'" . DG D 4 3  ? 0.39194   19.37626  7.71837   1.000 699.58476 ? 4  DG F "C5'" 1 
ATOM 819 C "C4'" . DG D 4 3  ? 0.08786   19.51713  6.24355   1.000 700.24418 ? 4  DG F "C4'" 1 
ATOM 820 O "O4'" . DG D 4 3  ? -1.24599  20.06003  6.06367   1.000 691.98546 ? 4  DG F "O4'" 1 
ATOM 821 C "C3'" . DG D 4 3  ? 1.03381   20.46333  5.49305   1.000 692.90684 ? 4  DG F "C3'" 1 
ATOM 822 O "O3'" . DG D 4 3  ? 1.57970   19.81300  4.35953   1.000 704.64015 ? 4  DG F "O3'" 1 
ATOM 823 C "C2'" . DG D 4 3  ? 0.13385   21.62663  5.08651   1.000 677.84806 ? 4  DG F "C2'" 1 
ATOM 824 C "C1'" . DG D 4 3  ? -1.21103  20.93766  4.97127   1.000 683.33451 ? 4  DG F "C1'" 1 
ATOM 825 N N9    . DG D 4 3  ? -2.33839  21.85656  5.05737   1.000 671.43235 ? 4  DG F N9    1 
ATOM 826 C C8    . DG D 4 3  ? -2.39082  23.02246  5.78014   1.000 667.64503 ? 4  DG F C8    1 
ATOM 827 N N7    . DG D 4 3  ? -3.52255  23.65398  5.66522   1.000 668.98047 ? 4  DG F N7    1 
ATOM 828 C C5    . DG D 4 3  ? -4.27267  22.86172  4.80685   1.000 673.46780 ? 4  DG F C5    1 
ATOM 829 C C6    . DG D 4 3  ? -5.58703  23.04506  4.31927   1.000 677.13084 ? 4  DG F C6    1 
ATOM 830 O O6    . DG D 4 3  ? -6.36776  23.97480  4.56016   1.000 678.84679 ? 4  DG F O6    1 
ATOM 831 N N1    . DG D 4 3  ? -5.97590  22.01184  3.47113   1.000 679.03602 ? 4  DG F N1    1 
ATOM 832 C C2    . DG D 4 3  ? -5.18920  20.93430  3.13491   1.000 678.42687 ? 4  DG F C2    1 
ATOM 833 N N2    . DG D 4 3  ? -5.73572  20.03246  2.30240   1.000 685.81090 ? 4  DG F N2    1 
ATOM 834 N N3    . DG D 4 3  ? -3.94993  20.74791  3.58866   1.000 681.04415 ? 4  DG F N3    1 
ATOM 835 C C4    . DG D 4 3  ? -3.55907  21.75075  4.41849   1.000 674.16894 ? 4  DG F C4    1 
ATOM 836 P P     . DT D 4 4  ? 3.09923   20.09673  3.92468   1.000 674.20116 ? 5  DT F P     1 
ATOM 837 O OP1   . DT D 4 4  ? 3.95551   19.16507  4.68958   1.000 687.10861 ? 5  DT F OP1   1 
ATOM 838 O OP2   . DT D 4 4  ? 3.32396   21.55487  4.01936   1.000 655.65346 ? 5  DT F OP2   1 
ATOM 839 O "O5'" . DT D 4 4  ? 3.14489   19.69266  2.37756   1.000 684.09486 ? 5  DT F "O5'" 1 
ATOM 840 C "C5'" . DT D 4 4  ? 2.46489   20.48609  1.41152   1.000 672.25217 ? 5  DT F "C5'" 1 
ATOM 841 C "C4'" . DT D 4 4  ? 1.03996   19.99966  1.21171   1.000 673.24567 ? 5  DT F "C4'" 1 
ATOM 842 O "O4'" . DT D 4 4  ? 0.12540   20.84606  1.95891   1.000 656.74127 ? 5  DT F "O4'" 1 
ATOM 843 C "C3'" . DT D 4 4  ? 0.55015   20.02290  -0.23935  1.000 672.62688 ? 5  DT F "C3'" 1 
ATOM 844 O "O3'" . DT D 4 4  ? -0.12041  18.80534  -0.54705  1.000 687.29974 ? 5  DT F "O3'" 1 
ATOM 845 C "C2'" . DT D 4 4  ? -0.40495  21.21786  -0.27372  1.000 651.86392 ? 5  DT F "C2'" 1 
ATOM 846 C "C1'" . DT D 4 4  ? -0.96433  21.18590  1.13542   1.000 648.94952 ? 5  DT F "C1'" 1 
ATOM 847 N N1    . DT D 4 4  ? -1.53493  22.48832  1.60558   1.000 628.76610 ? 5  DT F N1    1 
ATOM 848 C C2    . DT D 4 4  ? -2.83041  22.81604  1.27323   1.000 620.03670 ? 5  DT F C2    1 
ATOM 849 O O2    . DT D 4 4  ? -3.54682  22.10262  0.59309   1.000 627.40704 ? 5  DT F O2    1 
ATOM 850 N N3    . DT D 4 4  ? -3.25845  24.02262  1.76535   1.000 602.41613 ? 5  DT F N3    1 
ATOM 851 C C4    . DT D 4 4  ? -2.53606  24.91105  2.54339   1.000 592.75405 ? 5  DT F C4    1 
ATOM 852 O O4    . DT D 4 4  ? -3.00670  25.97094  2.93892   1.000 577.44442 ? 5  DT F O4    1 
ATOM 853 C C5    . DT D 4 4  ? -1.18937  24.50233  2.85989   1.000 602.22557 ? 5  DT F C5    1 
ATOM 854 C C7    . DT D 4 4  ? -0.31046  25.38454  3.69666   1.000 592.84354 ? 5  DT F C7    1 
ATOM 855 C C6    . DT D 4 4  ? -0.75944  23.32674  2.37941   1.000 619.63845 ? 5  DT F C6    1 
# 
loop_
_atom_site_anisotrop.id 
_atom_site_anisotrop.type_symbol 
_atom_site_anisotrop.pdbx_label_atom_id 
_atom_site_anisotrop.pdbx_label_alt_id 
_atom_site_anisotrop.pdbx_label_comp_id 
_atom_site_anisotrop.pdbx_label_asym_id 
_atom_site_anisotrop.pdbx_label_seq_id 
_atom_site_anisotrop.pdbx_PDB_ins_code 
_atom_site_anisotrop.U[1][1] 
_atom_site_anisotrop.U[2][2] 
_atom_site_anisotrop.U[3][3] 
_atom_site_anisotrop.U[1][2] 
_atom_site_anisotrop.U[1][3] 
_atom_site_anisotrop.U[2][3] 
_atom_site_anisotrop.pdbx_auth_seq_id 
_atom_site_anisotrop.pdbx_auth_comp_id 
_atom_site_anisotrop.pdbx_auth_asym_id 
_atom_site_anisotrop.pdbx_auth_atom_id 
1   O "O5'" . DG A 1  ? 7.26583  6.01363 7.95816  0.46690  0.88740  -0.14958 1  DG A "O5'" 
2   C "C5'" . DG A 1  ? 6.83776  6.01696 7.94334  0.24686  0.62608  -0.28903 1  DG A "C5'" 
3   C "C4'" . DG A 1  ? 6.49453  6.37426 8.36278  0.01206  0.76522  -0.32054 1  DG A "C4'" 
4   O "O4'" . DG A 1  ? 6.65964  6.78724 8.68296  0.06473  1.03889  -0.21334 1  DG A "O4'" 
5   C "C3'" . DG A 1  ? 6.49024  6.41585 8.60219  -0.06332 0.91591  -0.31971 1  DG A "C3'" 
6   O "O3'" . DG A 1  ? 6.37631  6.40668 8.70049  -0.23585 0.65887  -0.46149 1  DG A "O3'" 
7   C "C2'" . DG A 1  ? 6.09039  6.63111 8.81808  -0.19480 1.17742  -0.28022 1  DG A "C2'" 
8   C "C1'" . DG A 1  ? 6.55611  7.00821 9.02435  -0.02710 1.31228  -0.17438 1  DG A "C1'" 
9   N N9    . DG A 1  ? 7.10753  7.15121 9.18901  0.18974  1.60038  -0.03368 1  DG A N9    
10  C C8    . DG A 1  ? 7.68652  7.10699 9.07467  0.44091  1.60343  0.04595  1  DG A C8    
11  N N7    . DG A 1  ? 8.25316  7.42817 9.43424  0.58806  1.89956  0.16502  1  DG A N7    
12  C C5    . DG A 1  ? 7.84673  7.51309 9.62282  0.42578  2.10767  0.16454  1  DG A C5    
13  C C6    . DG A 1  ? 7.96877  7.64844 9.83879  0.47509  2.45937  0.26335  1  DG A C6    
14  O O6    . DG A 1  ? 8.55178  7.79572 9.97968  0.67631  2.66393  0.37419  1  DG A O6    
15  N N1    . DG A 1  ? 7.21827  7.49304 9.77832  0.25825  2.57149  0.22073  1  DG A N1    
16  C C2    . DG A 1  ? 6.52123  7.31407 9.61299  0.02220  2.36895  0.09842  1  DG A C2    
17  N N2    . DG A 1  ? 5.85066  7.18137 9.57721  -0.16358 2.52518  0.07509  1  DG A N2    
18  N N3    . DG A 1  ? 6.51831  7.30331 9.52560  -0.03011 2.03956  0.00377  1  DG A N3    
19  C C4    . DG A 1  ? 7.10889  7.31661 9.44748  0.18053  1.92662  0.04349  1  DG A C4    
20  P P     . DT A 2  ? 6.34286  6.18041 8.69114  -0.26539 0.70571  -0.48086 2  DT A P     
21  O OP1   . DT A 2  ? 5.81748  5.70774 8.29053  -0.41763 0.37794  -0.64031 2  DT A OP1   
22  O OP2   . DT A 2  ? 7.10427  6.28733 8.82232  -0.00685 0.85801  -0.35888 2  DT A OP2   
23  O "O5'" . DT A 2  ? 5.96417  6.38640 8.98539  -0.42981 0.98539  -0.45244 2  DT A "O5'" 
24  C "C5'" . DT A 2  ? 5.57745  6.67611 9.29260  -0.70054 0.89628  -0.56310 2  DT A "C5'" 
25  C "C4'" . DT A 2  ? 5.17343  6.78010 9.44073  -0.80109 1.21362  -0.50155 2  DT A "C4'" 
26  O "O4'" . DT A 2  ? 5.58990  6.95925 9.54971  -0.59494 1.50039  -0.34748 2  DT A "O4'" 
27  C "C3'" . DT A 2  ? 5.25379  6.97525 9.84281  -0.90833 1.33518  -0.52016 2  DT A "C3'" 
28  O "O3'" . DT A 2  ? 4.55967  6.80346 9.49809  -1.03332 1.38517  -0.50400 2  DT A "O3'" 
29  C "C2'" . DT A 2  ? 6.21042  7.41749 10.33107 -0.67751 1.60236  -0.37445 2  DT A "C2'" 
30  C "C1'" . DT A 2  ? 6.11609  7.38447 10.12140 -0.55730 1.76958  -0.27311 2  DT A "C1'" 
31  N N1    . DT A 2  ? 6.95767  7.60499 10.30056 -0.27867 1.93776  -0.13718 2  DT A N1    
32  C C2    . DT A 2  ? 7.06841  7.68368 10.43708 -0.20064 2.28851  -0.02196 2  DT A C2    
33  O O2    . DT A 2  ? 6.51355  7.57661 10.41992 -0.34496 2.47228  -0.02412 2  DT A O2    
34  N N3    . DT A 2  ? 7.75316  7.78543 10.48785 0.05288  2.41756  0.09389  2  DT A N3    
35  C C4    . DT A 2  ? 8.27869  7.77540 10.37643 0.23442  2.23589  0.10775  2  DT A C4    
36  O O4    . DT A 2  ? 8.82423  7.82310 10.38376 0.45527  2.37504  0.21461  2  DT A O4    
37  C C5    . DT A 2  ? 8.07942  7.64491 10.19054 0.14310  1.87127  -0.01566 2  DT A C5    
38  C C7    . DT A 2  ? 8.37519  7.39164 9.82804  0.32410  1.64973  -0.01504 2  DT A C7    
39  C C6    . DT A 2  ? 7.44878  7.57859 10.17251 -0.10694 1.74262  -0.13123 2  DT A C6    
40  P P     . DG A 3  ? 4.05861  6.37346 8.86781  -1.10623 1.18912  -0.51835 3  DG A P     
41  O OP1   . DG A 3  ? 3.35725  5.92948 7.90205  -1.13053 0.96900  -0.44669 3  DG A OP1   
42  O OP2   . DG A 3  ? 4.02817  6.12452 8.90449  -1.16602 1.04425  -0.64117 3  DG A OP2   
43  O "O5'" . DG A 3  ? 4.72383  6.99373 9.60019  -1.05098 1.48997  -0.42891 3  DG A "O5'" 
44  C "C5'" . DG A 3  ? 4.78334  6.83954 9.76886  -1.06775 1.59133  -0.46000 3  DG A "C5'" 
45  C "C4'" . DG A 3  ? 4.98810  6.99799 9.96830  -0.99491 1.88779  -0.35158 3  DG A "C4'" 
46  O "O4'" . DG A 3  ? 5.49109  7.30718 10.45530 -0.86620 2.23462  -0.25413 3  DG A "O4'" 
47  C "C3'" . DG A 3  ? 5.37355  7.17190 10.43416 -1.01356 1.99539  -0.36527 3  DG A "C3'" 
48  O "O3'" . DG A 3  ? 4.99930  6.92976 9.98905  -0.99919 2.04762  -0.30073 3  DG A "O3'" 
49  C "C2'" . DG A 3  ? 6.30270  7.66650 11.31828 -0.89835 2.35114  -0.28757 3  DG A "C2'" 
50  C "C1'" . DG A 3  ? 6.15315  7.59220 11.06437 -0.78139 2.54610  -0.18357 3  DG A "C1'" 
51  N N9    . DG A 3  ? 7.05406  7.86049 11.22060 -0.53322 2.49045  -0.11140 3  DG A N9    
52  C C8    . DG A 3  ? 7.33539  7.86329 11.12871 -0.47416 2.17919  -0.17297 3  DG A C8    
53  N N7    . DG A 3  ? 8.02080  7.97898 11.15707 -0.23576 2.20738  -0.08326 3  DG A N7    
54  C C5    . DG A 3  ? 8.20824  8.05733 11.27425 -0.13213 2.56080  0.04506  3  DG A C5    
55  C C6    . DG A 3  ? 8.77946  8.09299 11.25135 0.11567  2.74864  0.17772  3  DG A C6    
56  O O6    . DG A 3  ? 9.22781  8.04447 11.10215 0.30040  2.63403  0.21071  3  DG A O6    
57  N N1    . DG A 3  ? 8.69680  8.09167 11.31992 0.13702  3.10708  0.27518  3  DG A N1    
58  C C2    . DG A 3  ? 8.08281  8.01242 11.35428 -0.05503 3.26309  0.24839  3  DG A C2    
59  N N2    . DG A 3  ? 8.00871  7.93306 11.32938 -0.00121 3.61575  0.35197  3  DG A N2    
60  N N3    . DG A 3  ? 7.50260  7.94037 11.33828 -0.28618 3.08825  0.12603  3  DG A N3    
61  C C4    . DG A 3  ? 7.62749  7.99241 11.32189 -0.31232 2.73983  0.02928  3  DG A C4    
62  P P     . DC A 4  ? 5.22043  7.03670 10.26825 -1.03599 2.07505  -0.32117 4  DC A P     
63  O OP1   . DC A 4  ? 4.35048  6.45122 9.29261  -1.10905 1.76601  -0.35102 4  DC A OP1   
64  O OP2   . DC A 4  ? 5.91367  7.38134 11.08561 -1.05006 2.18091  -0.36904 4  DC A OP2   
65  O "O5'" . DC A 4  ? 5.50037  7.22599 10.49848 -0.94392 2.39267  -0.20421 4  DC A "O5'" 
66  C "C5'" . DC A 4  ? 6.05571  7.63331 10.96202 -0.82544 2.66588  -0.10733 4  DC A "C5'" 
67  C "C4'" . DC A 4  ? 6.57772  7.76831 11.38138 -0.71423 3.04143  -0.00298 4  DC A "C4'" 
68  O "O4'" . DC A 4  ? 7.19313  8.01179 11.80296 -0.57236 3.32663  0.08712  4  DC A "O4'" 
69  C "C3'" . DC A 4  ? 6.95927  7.92966 11.84262 -0.76394 3.08374  -0.03404 4  DC A "C3'" 
70  O "O3'" . DC A 4  ? 7.09471  7.87643 11.85919 -0.68595 3.33659  0.06031  4  DC A "O3'" 
71  C "C2'" . DC A 4  ? 7.82317  8.32912 12.49180 -0.68856 3.16208  -0.01700 4  DC A "C2'" 
72  C "C1'" . DC A 4  ? 8.13143  8.39116 12.37943 -0.48451 3.33898  0.10559  4  DC A "C1'" 
73  N N1    . DC A 4  ? 8.81682  8.58736 12.44880 -0.32137 3.09368  0.09978  4  DC A N1    
74  C C2    . DC A 4  ? 9.53866  8.72761 12.50986 -0.07119 3.22762  0.22242  4  DC A C2    
75  O O2    . DC A 4  ? 9.61856  8.70634 12.52566 0.00744  3.54839  0.33187  4  DC A O2    
76  N N3    . DC A 4  ? 10.03980 8.79224 12.46022 0.07560  3.00208  0.21470  4  DC A N3    
77  C C4    . DC A 4  ? 9.84142  8.72023 12.35288 -0.01961 2.66018  0.09054  4  DC A C4    
78  N N4    . DC A 4  ? 10.17574 8.61228 12.13188 0.13193  2.44893  0.08584  4  DC A N4    
79  C C5    . DC A 4  ? 9.15642  8.62303 12.33419 -0.27701 2.52073  -0.03739 4  DC A C5    
80  C C6    . DC A 4  ? 8.65392  8.54900 12.37242 -0.41907 2.74383  -0.02728 4  DC A C6    
81  P P     . DG A 5  ? 6.93339  7.52941 11.76785 -0.73473 3.39053  0.04315  5  DG A P     
82  O OP1   . DG A 5  ? 6.38828  7.24014 11.25952 -0.75809 3.32895  0.04684  5  DG A OP1   
83  O OP2   . DG A 5  ? 6.75583  7.38925 11.78098 -0.86164 3.14903  -0.08007 5  DG A OP2   
84  O "O5'" . DG A 5  ? 7.99242  7.97660 12.49776 -0.57327 3.83384  0.19639  5  DG A "O5'" 
85  C "C5'" . DG A 5  ? 8.10271  7.93694 12.34828 -0.42946 4.08357  0.31822  5  DG A "C5'" 
86  C "C4'" . DG A 5  ? 9.06863  8.25034 12.58715 -0.20156 4.20829  0.43962  5  DG A "C4'" 
87  O "O4'" . DG A 5  ? 9.44700  8.38576 12.68047 -0.10755 4.01962  0.40947  5  DG A "O4'" 
88  C "C3'" . DG A 5  ? 9.89223  8.52660 12.95054 -0.13140 4.08311  0.44686  5  DG A "C3'" 
89  O "O3'" . DG A 5  ? 10.17859 8.63754 12.71854 -0.00779 4.11702  0.54864  5  DG A "O3'" 
90  C "C2'" . DG A 5  ? 10.77814 8.81998 13.36300 0.00312  3.88262  0.41547  5  DG A "C2'" 
91  C "C1'" . DG A 5  ? 10.55197 8.75868 13.07885 0.06966  3.87963  0.43719  5  DG A "C1'" 
92  N N9    . DG A 5  ? 10.71460 8.84610 13.07472 0.07316  3.51211  0.34176  5  DG A N9    
93  C C8    . DG A 5  ? 10.13981 8.72295 12.97020 -0.12327 3.24330  0.19978  5  DG A C8    
94  N N7    . DG A 5  ? 10.36448 8.75337 12.90026 -0.07082 2.94520  0.13724  5  DG A N7    
95  C C5    . DG A 5  ? 11.08144 8.85337 12.90895 0.17913  3.01960  0.24627  5  DG A C5    
96  C C6    . DG A 5  ? 11.33669 8.66527 12.59355 0.33831  2.79842  0.24122  5  DG A C6    
97  O O6    . DG A 5  ? 11.01085 8.40688 12.27734 0.28632  2.48470  0.13498  5  DG A O6    
98  N N1    . DG A 5  ? 11.89984 8.66120 12.52822 0.57666  2.97700  0.37380  5  DG A N1    
99  C C2    . DG A 5  ? 12.27136 8.90738 12.82851 0.64874  3.32843  0.49453  5  DG A C2    
100 N N2    . DG A 5  ? 12.87395 8.93642 12.78118 0.88216  3.45709  0.60971  5  DG A N2    
101 N N3    . DG A 5  ? 11.93880 8.98719 13.02842 0.49954  3.54127  0.49960  5  DG A N3    
102 C C4    . DG A 5  ? 11.34175 8.94792 13.05086 0.26965  3.36802  0.37270  5  DG A C4    
103 P P     . DT A 6  ? 10.17645 8.34893 12.45648 -0.00369 4.04302  0.56455  6  DT A P     
104 O OP1   . DT A 6  ? 9.48486  8.18414 12.11738 -0.12620 4.19889  0.59319  6  DT A OP1   
105 O OP2   . DT A 6  ? 10.46354 8.36359 12.86545 -0.06254 3.90634  0.47572  6  DT A OP2   
106 O "O5'" . DT A 6  ? 11.08860 8.68165 12.53610 0.22201  3.92514  0.64062  6  DT A "O5'" 
107 C "C5'" . DT A 6  ? 11.28845 8.67311 12.39031 0.36610  3.88129  0.66469  6  DT A "C5'" 
108 C "C4'" . DT A 6  ? 12.20017 8.88749 12.69022 0.52698  3.65853  0.66334  6  DT A "C4'" 
109 O "O4'" . DT A 6  ? 12.36267 8.89110 12.87835 0.55730  3.60757  0.61687  6  DT A "O4'" 
110 C "C3'" . DT A 6  ? 12.66853 9.02444 13.04879 0.50329  3.53328  0.63468  6  DT A "C3'" 
111 O "O3'" . DT A 6  ? 13.00456 9.06660 12.90487 0.60736  3.42350  0.69024  6  DT A "O3'" 
112 C "C2'" . DT A 6  ? 13.14133 9.05197 13.34942 0.55917  3.38281  0.57131  6  DT A "C2'" 
113 C "C1'" . DT A 6  ? 13.06404 9.00249 13.16781 0.64486  3.40823  0.58619  6  DT A "C1'" 
114 N N1    . DT A 6  ? 13.06980 8.93202 13.38882 0.59887  3.38476  0.50240  6  DT A N1    
115 C C2    . DT A 6  ? 13.06557 8.51206 12.87412 0.75089  3.19759  0.49578  6  DT A C2    
116 O O2    . DT A 6  ? 13.24708 8.32943 12.47539 0.93123  3.12130  0.56595  6  DT A O2    
117 N N3    . DT A 6  ? 12.52267 8.25289 12.57836 0.63412  2.86877  0.35942  6  DT A N3    
118 C C4    . DT A 6  ? 12.01346 8.35391 12.76035 0.38938  2.74598  0.23629  6  DT A C4    
119 O O4    . DT A 6  ? 11.53096 8.08387 12.44681 0.29579  2.44994  0.11557  6  DT A O4    
120 C C5    . DT A 6  ? 12.02232 8.73485 13.28017 0.24868  2.99288  0.25746  6  DT A C5    
121 C C7    . DT A 6  ? 11.25697 8.64217 13.28358 -0.01945 2.88856  0.13013  6  DT A C7    
122 C C6    . DT A 6  ? 12.58047 9.02055 13.60473 0.36209  3.31492  0.39057  6  DT A C6    
123 P P     . DG A 7  ? 13.73781 9.36704 13.39293 0.62626  3.24862  0.67608  7  DG A P     
124 O OP1   . DG A 7  ? 13.73221 9.39679 13.19902 0.64606  3.23962  0.73750  7  DG A OP1   
125 O OP2   . DG A 7  ? 13.65463 9.41817 13.75606 0.47840  3.29719  0.60601  7  DG A OP2   
126 O "O5'" . DG A 7  ? 14.06469 9.09879 13.19848 0.79295  3.01670  0.66255  7  DG A "O5'" 
127 C "C5'" . DG A 7  ? 14.07340 8.99596 12.85638 0.92326  2.95174  0.70878  7  DG A "C5'" 
128 C "C4'" . DG A 7  ? 14.15766 8.63909 12.59759 1.04727  2.77070  0.67771  7  DG A "C4'" 
129 O "O4'" . DG A 7  ? 13.97565 8.55361 12.67429 0.98857  2.85928  0.61872  7  DG A "O4'" 
130 C "C3'" . DG A 7  ? 14.32706 8.30440 12.45669 1.11218  2.53208  0.65048  7  DG A "C3'" 
131 O "O3'" . DG A 7  ? 14.32739 8.00914 12.06068 1.25189  2.34891  0.67607  7  DG A "O3'" 
132 C "C2'" . DG A 7  ? 14.20354 8.02460 12.44469 1.06551  2.51781  0.56228  7  DG A "C2'" 
133 C "C1'" . DG A 7  ? 13.99852 8.09820 12.42766 1.04720  2.67154  0.55717  7  DG A "C1'" 
134 N N9    . DG A 7  ? 13.85310 8.10362 12.69676 0.91227  2.78599  0.47361  7  DG A N9    
135 C C8    . DG A 7  ? 13.81666 8.51635 13.29778 0.71552  2.96545  0.43714  7  DG A C8    
136 N N7    . DG A 7  ? 13.34667 8.43006 13.28807 0.55322  2.79910  0.30950  7  DG A N7    
137 C C5    . DG A 7  ? 13.14620 7.94539 12.67464 0.66334  2.53170  0.26723  7  DG A C5    
138 C C6    . DG A 7  ? 12.50763 7.57636 12.25021 0.56015  2.20006  0.12649  7  DG A C6    
139 O O6    . DG A 7  ? 11.92606 7.55747 12.28608 0.34213  2.07392  0.00759  7  DG A O6    
140 N N1    . DG A 7  ? 12.40543 7.02034 11.56100 0.73465  2.01057  0.12971  7  DG A N1    
141 C C2    . DG A 7  ? 12.94004 6.92260 11.39182 0.97951  2.12755  0.25449  7  DG A C2    
142 N N2    . DG A 7  ? 12.77325 6.39284 10.73495 1.12120  1.90887  0.23540  7  DG A N2    
143 N N3    . DG A 7  ? 13.54183 7.26614 11.78471 1.07621  2.43946  0.38697  7  DG A N3    
144 C C4    . DG A 7  ? 13.57523 7.73356 12.38251 0.90743  2.62704  0.38479  7  DG A C4    
145 P P     . DT A 8  ? 15.07192 8.42164 12.55109 1.31519  2.13156  0.69820  8  DT A P     
146 O OP1   . DT A 8  ? 15.01268 8.41048 12.32531 1.38427  2.09707  0.76208  8  DT A OP1   
147 O OP2   . DT A 8  ? 15.29878 8.71436 12.96726 1.22018  2.17110  0.69700  8  DT A OP2   
148 O "O5'" . DT A 8  ? 14.92138 7.83097 12.15624 1.39671  1.91716  0.63196  8  DT A "O5'" 
149 C "C5'" . DT A 8  ? 14.70929 7.49765 11.72560 1.49211  1.83948  0.62126  8  DT A "C5'" 
150 C "C4'" . DT A 8  ? 14.45766 6.88982 11.29174 1.53012  1.66942  0.52987  8  DT A "C4'" 
151 O "O4'" . DT A 8  ? 14.44679 6.97645 11.46263 1.43851  1.80647  0.46380  8  DT A "O4'" 
152 C "C3'" . DT A 8  ? 14.30881 6.43699 11.06166 1.53718  1.48160  0.49283  8  DT A "C3'" 
153 O "O3'" . DT A 8  ? 14.05887 5.91095 10.54064 1.64387  1.26216  0.47691  8  DT A "O3'" 
154 C "C2'" . DT A 8  ? 14.07669 6.11200 10.92957 1.44614  1.50553  0.39130  8  DT A "C2'" 
155 C "C1'" . DT A 8  ? 14.17187 6.36783 11.07150 1.41977  1.64890  0.36550  8  DT A "C1'" 
156 N N1    . DT A 8  ? 14.20096 6.57442 11.44196 1.26169  1.84927  0.30555  8  DT A N1    
157 C C2    . DT A 8  ? 13.74543 6.25713 11.14987 1.16697  1.70294  0.18029  8  DT A C2    
158 O O2    . DT A 8  ? 13.41212 5.73228 10.51487 1.24765  1.45844  0.12624  8  DT A O2    
159 N N3    . DT A 8  ? 13.39581 6.56011 11.55061 0.92433  1.71394  0.09549  8  DT A N3    
160 C C4    . DT A 8  ? 13.69304 7.13227 12.25199 0.81337  1.97769  0.14324  8  DT A C4    
161 O O4    . DT A 8  ? 13.25684 7.29333 12.49357 0.59393  1.96499  0.05789  8  DT A O4    
162 C C5    . DT A 8  ? 14.46304 7.46696 12.60644 0.96752  2.25082  0.29626  8  DT A C5    
163 C C7    . DT A 8  ? 14.63564 8.05119 13.23108 0.84272  2.42124  0.34111  8  DT A C7    
164 C C6    . DT A 8  ? 14.46256 7.17176 12.11150 1.14664  2.04281  0.34850  8  DT A C6    
165 P P     . DG A 9  ? 15.33344 6.88246 11.73178 1.67058  1.04955  0.43902  9  DG A P     
166 O OP1   . DG A 9  ? 15.18996 6.68380 11.46117 1.75986  0.95295  0.50694  9  DG A OP1   
167 O OP2   . DG A 9  ? 15.45726 7.05116 12.06594 1.58354  1.11207  0.44108  9  DG A OP2   
168 O "O5'" . DG A 9  ? 14.93210 6.28228 11.17635 1.66901  0.87563  0.30308  9  DG A "O5'" 
169 C "C5'" . DG A 9  ? 14.76207 6.14073 10.83110 1.71979  0.79490  0.27236  9  DG A "C5'" 
170 C "C4'" . DG A 9  ? 14.37922 5.69908 10.36815 1.65695  0.63844  0.12538  9  DG A "C4'" 
171 O "O4'" . DG A 9  ? 14.67857 5.92534 10.73443 1.57858  0.83540  0.09758  9  DG A "O4'" 
172 C "C3'" . DG A 9  ? 13.84437 5.16837 9.89905  1.59517  0.39071  0.02181  9  DG A "C3'" 
173 O "O3'" . DG A 9  ? 13.33531 4.70820 9.26650  1.58060  0.14914  -0.08981 9  DG A "O3'" 
174 C "C2'" . DG A 9  ? 13.96910 5.19461 10.13918 1.49007  0.47058  -0.03529 9  DG A "C2'" 
175 C "C1'" . DG A 9  ? 14.34720 5.52079 10.43126 1.46995  0.66218  -0.03526 9  DG A "C1'" 
176 N N9    . DG A 9  ? 14.55712 5.80304 10.95508 1.34238  0.90514  -0.03789 9  DG A N9    
177 C C8    . DG A 9  ? 15.09654 6.46345 11.68868 1.32541  1.18671  0.07672  9  DG A C8    
178 N N7    . DG A 9  ? 15.01895 6.81770 12.15572 1.13465  1.33248  0.03970  9  DG A N7    
179 C C5    . DG A 9  ? 14.10586 6.35612 11.67484 0.97433  1.04958  -0.12143 9  DG A C5    
180 C C6    . DG A 9  ? 13.45019 6.41084 11.80594 0.71566  1.00509  -0.23380 9  DG A C6    
181 O O6    . DG A 9  ? 13.53403 6.87657 12.37646 0.57669  1.21322  -0.21129 9  DG A O6    
182 N N1    . DG A 9  ? 12.64076 5.86300 11.20107 0.61822  0.68174  -0.38745 9  DG A N1    
183 C C2    . DG A 9  ? 12.46858 5.31265 10.53578 0.75536  0.43345  -0.42781 9  DG A C2    
184 N N2    . DG A 9  ? 11.70388 4.88558 10.06779 0.62539  0.13990  -0.58519 9  DG A N2    
185 N N3    . DG A 9  ? 13.02904 5.20770 10.35965 1.00186  0.47164  -0.32266 9  DG A N3    
186 C C4    . DG A 9  ? 13.82566 5.74287 10.94764 1.09781  0.78500  -0.17188 9  DG A C4    
187 P P     . DA A 10 ? 13.43826 4.94561 9.42182  1.57456  -0.07829 -0.14105 10 DA A P     
188 O OP1   . DA A 10 ? 13.18249 4.78462 9.02367  1.64432  -0.13535 -0.11264 10 DA A OP1   
189 O OP2   . DA A 10 ? 13.50906 5.02204 9.66843  1.57585  -0.00611 -0.07430 10 DA A OP2   
190 O "O5'" . DA A 10 ? 13.04259 4.58105 9.05829  1.45907  -0.31785 -0.31464 10 DA A "O5'" 
191 C "C5'" . DA A 10 ? 12.98559 4.53189 8.87984  1.41634  -0.46148 -0.41093 10 DA A "C5'" 
192 C "C4'" . DA A 10 ? 12.76484 4.37672 8.85915  1.26007  -0.63965 -0.55701 10 DA A "C4'" 
193 O "O4'" . DA A 10 ? 12.92900 4.57450 9.34676  1.18923  -0.39446 -0.51985 10 DA A "O4'" 
194 C "C3'" . DA A 10 ? 12.51798 4.22552 8.75218  1.19458  -0.80696 -0.63375 10 DA A "C3'" 
195 O "O3'" . DA A 10 ? 12.12563 4.11374 8.52250  1.08156  -1.10520 -0.78091 10 DA A "O3'" 
196 C "C2'" . DA A 10 ? 12.59646 4.23216 9.05440  1.11465  -0.68211 -0.63428 10 DA A "C2'" 
197 C "C1'" . DA A 10 ? 12.49475 4.30366 9.28814  1.04280  -0.48894 -0.61928 10 DA A "C1'" 
198 N N9    . DA A 10 ? 12.95671 4.64232 9.87943  1.02580  -0.20581 -0.53559 10 DA A N9    
199 C C8    . DA A 10 ? 13.76057 5.07755 10.28702 1.17595  0.04829  -0.37140 10 DA A C8    
200 N N7    . DA A 10 ? 14.03336 5.35149 10.79818 1.11294  0.30292  -0.31890 10 DA A N7    
201 C C5    . DA A 10 ? 13.34345 5.04359 10.70204 0.90158  0.20397  -0.46378 10 DA A C5    
202 C C6    . DA A 10 ? 13.04739 5.23415 11.04810 0.70147  0.36929  -0.48333 10 DA A C6    
203 N N6    . DA A 10 ? 13.55300 5.70905 11.59654 0.71504  0.69511  -0.35396 10 DA A N6    
204 N N1    . DA A 10 ? 12.16319 4.95119 10.80195 0.47563  0.18568  -0.64023 10 DA A N1    
205 C C2    . DA A 10 ? 11.68655 4.50027 10.27585 0.45898  -0.13709 -0.77231 10 DA A C2    
206 N N3    . DA A 10 ? 11.90708 4.28353 9.91813  0.63647  -0.31131 -0.76909 10 DA A N3    
207 C C4    . DA A 10 ? 12.68038 4.62058 10.14751 0.84399  -0.12196 -0.60247 10 DA A C4    
208 P P     . DC A 11 ? 12.00853 4.20002 8.57445  1.00423  -1.28477 -0.86960 11 DC A P     
209 O OP1   . DC A 11 ? 11.70740 4.15539 8.25596  0.98436  -1.48845 -0.93337 11 DC A OP1   
210 O OP2   . DC A 11 ? 12.11577 4.18916 8.67031  1.08030  -1.07696 -0.77128 11 DC A OP2   
211 O "O5'" . DC A 11 ? 11.63972 4.13097 8.73236  0.80510  -1.35294 -0.98892 11 DC A "O5'" 
212 C "C5'" . DC A 11 ? 11.12352 4.03631 8.68726  0.65166  -1.36094 -1.07115 11 DC A "C5'" 
213 C "C4'" . DC A 11 ? 10.66096 3.96429 8.82583  0.43849  -1.35681 -1.17484 11 DC A "C4'" 
214 O "O4'" . DC A 11 ? 10.83623 3.95400 9.12940  0.43238  -1.10229 -1.11047 11 DC A "O4'" 
215 C "C3'" . DC A 11 ? 10.59012 3.98069 8.80623  0.39155  -1.49958 -1.23173 11 DC A "C3'" 
216 O "O3'" . DC A 11 ? 9.95779  3.94324 8.70912  0.18256  -1.61465 -1.35153 11 DC A "O3'" 
217 C "C2'" . DC A 11 ? 10.92550 3.99314 9.10533  0.42748  -1.30580 -1.16664 11 DC A "C2'" 
218 C "C1'" . DC A 11 ? 10.81923 3.94258 9.28302  0.36420  -1.08801 -1.13801 11 DC A "C1'" 
219 N N1    . DC A 11 ? 11.32297 3.99877 9.57143  0.47894  -0.82924 -1.00351 11 DC A N1    
220 C C2    . DC A 11 ? 11.17480 3.95572 9.84161  0.35058  -0.66075 -1.01073 11 DC A C2    
221 O O2    . DC A 11 ? 10.57087 3.84974 9.80036  0.13336  -0.74241 -1.13699 11 DC A O2    
222 N N3    . DC A 11 ? 11.64946 4.02784 10.08309 0.45978  -0.40352 -0.86835 11 DC A N3    
223 C C4    . DC A 11 ? 12.28483 4.22296 10.10674 0.68102  -0.31720 -0.72653 11 DC A C4    
224 N N4    . DC A 11 ? 12.95716 4.57253 10.55324 0.77416  -0.03809 -0.57848 11 DC A N4    
225 C C5    . DC A 11 ? 12.39927 4.24386 9.81455  0.80347  -0.50282 -0.72776 11 DC A C5    
226 C C6    . DC A 11 ? 11.92632 4.12952 9.56974  0.69954  -0.75138 -0.86576 11 DC A C6    
227 P P     . DT A 12 ? 9.22190  3.44018 8.06768  0.12725  -1.79724 -1.41252 12 DT A P     
228 O OP1   . DT A 12 ? 8.71205  3.46382 7.81452  0.03147  -1.95443 -1.47087 12 DT A OP1   
229 O OP2   . DT A 12 ? 9.78670  3.50272 8.10637  0.30901  -1.84818 -1.34632 12 DT A OP2   
230 O "O5'" . DT A 12 ? 8.99086  3.41580 8.27061  -0.02857 -1.68104 -1.45534 12 DT A "O5'" 
231 C "C5'" . DT A 12 ? 8.47756  3.38434 8.27972  -0.21782 -1.59698 -1.50372 12 DT A "C5'" 
232 C "C4'" . DT A 12 ? 8.41307  3.37315 8.50742  -0.32564 -1.46606 -1.51358 12 DT A "C4'" 
233 O "O4'" . DT A 12 ? 8.90467  3.30466 8.76702  -0.21444 -1.26568 -1.43030 12 DT A "O4'" 
234 C "C3'" . DT A 12 ? 8.45696  3.43202 8.52402  -0.32983 -1.56198 -1.53986 12 DT A "C3'" 
235 O "O3'" . DT A 12 ? 7.92254  3.47870 8.48547  -0.51864 -1.55823 -1.58865 12 DT A "O3'" 
236 C "C2'" . DT A 12 ? 9.04252  3.39781 8.80176  -0.20731 -1.42354 -1.47277 12 DT A "C2'" 
237 C "C1'" . DT A 12 ? 9.12490  3.31628 8.95983  -0.20793 -1.20505 -1.41476 12 DT A "C1'" 
238 N N1    . DT A 12 ? 9.78939  3.29294 9.15743  0.00019  -1.03702 -1.28802 12 DT A N1    
239 C C2    . DT A 12 ? 9.94693  3.24237 9.43255  -0.01251 -0.80290 -1.22041 12 DT A C2    
240 O O2    . DT A 12 ? 9.57233  3.21078 9.53393  -0.19619 -0.73790 -1.26789 12 DT A O2    
241 N N3    . DT A 12 ? 10.55159 3.26925 9.56553  0.19881  -0.65387 -1.07627 12 DT A N3    
242 C C4    . DT A 12 ? 10.99622 3.36285 9.43472  0.40417  -0.72287 -0.99780 12 DT A C4    
243 O O4    . DT A 12 ? 11.52010 3.43964 9.52540  0.57504  -0.57591 -0.85551 12 DT A O4    
244 C C5    . DT A 12 ? 10.80109 3.39418 9.16146  0.39593  -0.97558 -1.08526 12 DT A C5    
245 C C7    . DT A 12 ? 11.24290 3.50017 9.00102  0.59507  -1.07116 -1.01134 12 DT A C7    
246 C C6    . DT A 12 ? 10.21744 3.35115 9.04273  0.20163  -1.11520 -1.22212 12 DT A C6    
247 P P     . DG A 13 ? 7.53242  3.31734 8.17267  -0.54976 -1.67846 -1.62110 13 DG A P     
248 O OP1   . DG A 13 ? 6.94221  3.38020 7.88827  -0.64876 -1.74192 -1.63708 13 DG A OP1   
249 O OP2   . DG A 13 ? 8.03432  3.32129 8.21265  -0.37861 -1.78519 -1.60378 13 DG A OP2   
250 O "O5'" . DG A 13 ? 7.49846  3.32001 8.40231  -0.65438 -1.54577 -1.62208 13 DG A "O5'" 
251 C "C5'" . DG A 13 ? 7.07659  3.33666 8.42383  -0.80574 -1.42639 -1.61599 13 DG A "C5'" 
252 C "C4'" . DG A 13 ? 7.26903  3.30782 8.73648  -0.84515 -1.27032 -1.59031 13 DG A "C4'" 
253 O "O4'" . DG A 13 ? 7.89010  3.20259 8.95123  -0.69782 -1.16062 -1.53891 13 DG A "O4'" 
254 C "C3'" . DG A 13 ? 7.33784  3.35235 8.81600  -0.86217 -1.30813 -1.60686 13 DG A "C3'" 
255 O "O3'" . DG A 13 ? 7.09232  3.38887 8.97768  -0.98536 -1.18170 -1.58803 13 DG A "O3'" 
256 C "C2'" . DG A 13 ? 8.04433  3.27970 9.00941  -0.69295 -1.28137 -1.57818 13 DG A "C2'" 
257 C "C1'" . DG A 13 ? 8.29749  3.18992 9.15708  -0.63596 -1.10649 -1.51390 13 DG A "C1'" 
258 N N9    . DG A 13 ? 8.94975  3.13838 9.24460  -0.41714 -1.06173 -1.44761 13 DG A N9    
259 C C8    . DG A 13 ? 9.15220  3.16966 9.07675  -0.27772 -1.21704 -1.45047 13 DG A C8    
260 N N7    . DG A 13 ? 9.73036  3.16426 9.19227  -0.08065 -1.14370 -1.35753 13 DG A N7    
261 C C5    . DG A 13 ? 9.93342  3.11238 9.46454  -0.08100 -0.90291 -1.28456 13 DG A C5    
262 C C6    . DG A 13 ? 10.50861 3.11877 9.67633  0.10073  -0.72615 -1.14648 13 DG A C6    
263 O O6    . DG A 13 ? 10.96952 3.19621 9.63369  0.29546  -0.76462 -1.06146 13 DG A O6    
264 N N1    . DG A 13 ? 10.51747 3.05787 9.93410  0.03459  -0.49166 -1.09419 13 DG A N1    
265 C C2    . DG A 13 ? 10.04406 3.00630 9.95601  -0.19226 -0.44939 -1.16833 13 DG A C2    
266 N N2    . DG A 13 ? 10.15345 2.96401 10.19549 -0.23098 -0.22587 -1.08732 13 DG A N2    
267 N N3    . DG A 13 ? 9.47707  3.04182 9.73845  -0.36582 -0.64740 -1.29239 13 DG A N3    
268 C C4    . DG A 13 ? 9.46551  3.08380 9.50453  -0.29350 -0.85107 -1.34365 13 DG A C4    
269 P P     . DT A 14 ? 6.78132  3.26908 8.82925  -1.04445 -1.21256 -1.60390 14 DT A P     
270 O OP1   . DT A 14 ? 6.12593  3.37729 8.63938  -1.16423 -1.19270 -1.59368 14 DT A OP1   
271 O OP2   . DT A 14 ? 7.07583  3.26597 8.75510  -0.94284 -1.36096 -1.63739 14 DT A OP2   
272 O "O5'" . DT A 14 ? 7.14158  3.21813 9.20672  -1.04569 -1.03690 -1.55983 14 DT A "O5'" 
273 C "C5'" . DT A 14 ? 7.57271  3.11231 9.40788  -0.95769 -0.88593 -1.50087 14 DT A "C5'" 
274 C "C4'" . DT A 14 ? 8.08603  3.06210 9.71781  -0.89183 -0.73863 -1.43751 14 DT A "C4'" 
275 O "O4'" . DT A 14 ? 8.72393  2.95689 9.81647  -0.70264 -0.62439 -1.35703 14 DT A "O4'" 
276 C "C3'" . DT A 14 ? 8.30605  3.09446 9.71778  -0.86048 -0.84967 -1.47315 14 DT A "C3'" 
277 O "O3'" . DT A 14 ? 7.86836  3.18557 9.76001  -1.01085 -0.85769 -1.49951 14 DT A "O3'" 
278 C "C2'" . DT A 14 ? 9.04430  3.01576 9.96817  -0.69896 -0.68846 -1.38264 14 DT A "C2'" 
279 C "C1'" . DT A 14 ? 9.30510  2.93838 9.95548  -0.57216 -0.58122 -1.31448 14 DT A "C1'" 
280 N N1    . DT A 14 ? 9.66818  2.94008 9.84148  -0.38545 -0.67771 -1.31545 14 DT A N1    
281 C C2    . DT A 14 ? 10.26493 2.92868 10.02787 -0.17564 -0.54288 -1.20276 14 DT A C2    
282 O O2    . DT A 14 ? 10.54125 2.89505 10.28779 -0.13039 -0.31570 -1.10143 14 DT A O2    
283 N N3    . DT A 14 ? 10.50619 2.99241 9.89345  -0.01640 -0.70881 -1.19522 14 DT A N3    
284 C C4    . DT A 14 ? 10.23557 3.03303 9.61201  -0.04691 -0.95648 -1.29099 14 DT A C4    
285 O O4    . DT A 14 ? 10.50373 3.09502 9.49388  0.09896  -1.09351 -1.26712 14 DT A O4    
286 C C5    . DT A 14 ? 9.60840  3.02514 9.45162  -0.26105 -1.05191 -1.40403 14 DT A C5    
287 C C7    . DT A 14 ? 9.25474  3.08222 9.15465  -0.29723 -1.30194 -1.48919 14 DT A C7    
288 C C6    . DT A 14 ? 9.34732  2.99302 9.56743  -0.41724 -0.91888 -1.40934 14 DT A C6    
289 P P     . DA B 1  ? 5.09661  7.44765 6.48430  0.13702  -1.11373 0.18744  6  DA B P     
290 O OP1   . DA B 1  ? 4.94145  7.54295 6.32962  0.25553  -1.25945 0.26066  6  DA B OP1   
291 O OP2   . DA B 1  ? 4.93024  7.22122 6.17156  0.03071  -1.00853 -0.13386 6  DA B OP2   
292 O "O5'" . DA B 1  ? 5.39886  7.39290 7.17872  0.20534  -1.00392 0.30186  6  DA B "O5'" 
293 C "C5'" . DA B 1  ? 5.36982  7.22409 7.42883  0.31678  -0.93959 0.18167  6  DA B "C5'" 
294 C "C4'" . DA B 1  ? 5.32497  6.95099 7.40561  0.24074  -0.78108 -0.11504 6  DA B "C4'" 
295 O "O4'" . DA B 1  ? 4.98382  6.82454 6.85340  0.20101  -0.80436 -0.37876 6  DA B "O4'" 
296 C "C3'" . DA B 1  ? 5.46572  6.79941 7.90236  0.35092  -0.66974 -0.17426 6  DA B "C3'" 
297 O "O3'" . DA B 1  ? 5.80349  6.77852 8.36343  0.30722  -0.56643 -0.08518 6  DA B "O3'" 
298 C "C2'" . DA B 1  ? 5.20126  6.54924 7.59191  0.32331  -0.59318 -0.51923 6  DA B "C2'" 
299 C "C1'" . DA B 1  ? 4.89130  6.61875 6.96759  0.27394  -0.72233 -0.58120 6  DA B "C1'" 
300 N N9    . DA B 1  ? 4.73466  6.70368 6.88246  0.39868  -0.83982 -0.52613 6  DA B N9    
301 C C8    . DA B 1  ? 4.70981  6.93681 6.76573  0.44643  -1.00168 -0.30192 6  DA B C8    
302 N N7    . DA B 1  ? 4.56185  6.97126 6.70693  0.54982  -1.08475 -0.30173 6  DA B N7    
303 C C5    . DA B 1  ? 4.47900  6.75180 6.78991  0.57439  -0.96683 -0.54222 6  DA B C5    
304 C C6    . DA B 1  ? 4.39340  6.65607 6.74437  0.63356  -0.92908 -0.61773 6  DA B C6    
305 N N6    . DA B 1  ? 4.41325  6.74380 6.59777  0.64482  -0.97786 -0.42844 6  DA B N6    
306 N N1    . DA B 1  ? 4.34236  6.44073 6.84184  0.64198  -0.80091 -0.86518 6  DA B N1    
307 C C2    . DA B 1  ? 4.39019  6.30736 6.97960  0.58272  -0.69594 -1.01862 6  DA B C2    
308 N N3    . DA B 1  ? 4.54959  6.34620 6.99619  0.48329  -0.67429 -0.92846 6  DA B N3    
309 C C4    . DA B 1  ? 4.58377  6.57835 6.89682  0.48552  -0.81469 -0.68620 6  DA B C4    
310 P P     . DC B 2  ? 4.33982  4.96119 6.96751  0.23285  -0.39045 -0.32988 7  DC B P     
311 O OP1   . DC B 2  ? 4.02018  4.76398 6.35979  0.07772  -0.35650 -0.57679 7  DC B OP1   
312 O OP2   . DC B 2  ? 4.83703  5.12091 7.59299  0.21371  -0.33916 -0.13731 7  DC B OP2   
313 O "O5'" . DC B 2  ? 4.28429  4.80555 7.19759  0.39450  -0.33206 -0.46814 7  DC B "O5'" 
314 C "C5'" . DC B 2  ? 4.53479  4.86587 7.75271  0.55293  -0.32519 -0.28697 7  DC B "C5'" 
315 C "C4'" . DC B 2  ? 4.28045  4.54316 7.73208  0.68994  -0.25390 -0.46913 7  DC B "C4'" 
316 O "O4'" . DC B 2  ? 3.94123  4.59261 7.34388  0.74583  -0.35052 -0.52860 7  DC B "O4'" 
317 C "C3'" . DC B 2  ? 4.56101  4.59462 8.34076  0.87318  -0.22937 -0.30487 7  DC B "C3'" 
318 O "O3'" . DC B 2  ? 4.47112  4.28441 8.43109  0.94892  -0.10443 -0.52326 7  DC B "O3'" 
319 C "C2'" . DC B 2  ? 4.45743  4.84818 8.30960  1.00185  -0.36484 -0.14460 7  DC B "C2'" 
320 C "C1'" . DC B 2  ? 4.01479  4.71972 7.68772  0.93581  -0.39371 -0.38367 7  DC B "C1'" 
321 N N1    . DC B 2  ? 3.85323  4.96878 7.42292  0.96528  -0.55781 -0.25019 7  DC B N1    
322 C C2    . DC B 2  ? 3.57513  4.93677 7.23448  1.06095  -0.60194 -0.34318 7  DC B C2    
323 O O2    . DC B 2  ? 3.46375  4.71117 7.29090  1.12236  -0.49869 -0.53681 7  DC B O2    
324 N N3    . DC B 2  ? 3.43065  5.14833 6.98717  1.08195  -0.75976 -0.21435 7  DC B N3    
325 C C4    . DC B 2  ? 3.53217  5.35992 6.90325  1.02045  -0.86731 -0.00706 7  DC B C4    
326 N N4    . DC B 2  ? 3.35340  5.52078 6.61555  1.04550  -1.02684 0.11213  7  DC B N4    
327 C C5    . DC B 2  ? 3.81113  5.40792 7.09494  0.92745  -0.81978 0.09058  7  DC B C5    
328 C C6    . DC B 2  ? 3.97457  5.22081 7.36240  0.89849  -0.66690 -0.03311 7  DC B C6    
329 P P     . DG B 3  ? 4.83313  4.18055 9.04739  1.06127  -0.00536 -0.45372 8  DG B P     
330 O OP1   . DG B 3  ? 4.94650  3.95962 9.05869  0.91973  0.11871  -0.64312 8  DG B OP1   
331 O OP2   . DG B 3  ? 5.13620  4.44494 9.43037  1.13277  -0.09403 -0.11642 8  DG B OP2   
332 O "O5'" . DG B 3  ? 4.74404  4.13685 9.22194  1.26260  0.03825  -0.57960 8  DG B "O5'" 
333 C "C5'" . DG B 3  ? 4.41140  3.97651 8.81505  1.22270  0.08633  -0.86922 8  DG B "C5'" 
334 C "C4'" . DG B 3  ? 4.33912  4.15245 8.72726  1.32815  0.05242  -0.83809 8  DG B "C4'" 
335 O "O4'" . DG B 3  ? 4.02987  4.26823 8.40294  1.34556  -0.08519 -0.76015 8  DG B "O4'" 
336 C "C3'" . DG B 3  ? 4.69629  4.35219 9.27832  1.51019  0.05921  -0.63982 8  DG B "C3'" 
337 O "O3'" . DG B 3  ? 4.78174  4.39695 9.26036  1.54391  0.13774  -0.75277 8  DG B "O3'" 
338 C "C2'" . DG B 3  ? 4.57941  4.57848 9.27750  1.61836  -0.08424 -0.41294 8  DG B "C2'" 
339 C "C1'" . DG B 3  ? 4.14307  4.51901 8.64383  1.50173  -0.15147 -0.54867 8  DG B "C1'" 
340 N N9    . DG B 3  ? 3.97563  4.67166 8.50517  1.51474  -0.31236 -0.35587 8  DG B N9    
341 C C8    . DG B 3  ? 4.14757  4.79575 8.59175  1.43420  -0.37586 -0.18350 8  DG B C8    
342 N N7    . DG B 3  ? 4.07393  5.04885 8.40301  1.41873  -0.52225 -0.01335 8  DG B N7    
343 C C5    . DG B 3  ? 3.81621  5.07773 8.21264  1.50560  -0.56605 -0.08174 8  DG B C5    
344 C C6    . DG B 3  ? 3.68854  5.31148 7.88053  1.49182  -0.69571 0.03780  8  DG B C6    
345 O O6    . DG B 3  ? 3.69080  5.50123 7.77621  1.45680  -0.82914 0.22151  8  DG B O6    
346 N N1    . DG B 3  ? 3.56539  5.30924 7.62899  1.50976  -0.65165 -0.05994 8  DG B N1    
347 C C2    . DG B 3  ? 3.55934  5.11815 7.67352  1.53313  -0.51328 -0.24101 8  DG B C2    
348 N N2    . DG B 3  ? 3.43567  5.16095 7.41304  1.53726  -0.49845 -0.27683 8  DG B N2    
349 N N3    . DG B 3  ? 3.68794  4.90757 7.94434  1.53898  -0.39501 -0.36227 8  DG B N3    
350 C C4    . DG B 3  ? 3.80706  4.88383 8.20082  1.52537  -0.42282 -0.28003 8  DG B C4    
351 P P     . DG B 4  ? 5.41880  4.85324 10.04037 1.73604  0.16675  -0.61247 9  DG B P     
352 O OP1   . DG B 4  ? 5.51302  4.82343 9.98203  1.71951  0.26662  -0.78186 9  DG B OP1   
353 O OP2   . DG B 4  ? 5.74498  4.88278 10.53962 1.79419  0.15261  -0.42604 9  DG B OP2   
354 O "O5'" . DG B 4  ? 5.27651  5.09829 9.96318  1.86000  0.06777  -0.47125 9  DG B "O5'" 
355 C "C5'" . DG B 4  ? 4.94877  5.09338 9.46955  1.79928  0.04919  -0.58867 9  DG B "C5'" 
356 C "C4'" . DG B 4  ? 4.80280  5.31931 9.36809  1.87876  -0.07125 -0.41570 9  DG B "C4'" 
357 O "O4'" . DG B 4  ? 4.66370  5.29547 9.26786  1.82316  -0.17611 -0.30013 9  DG B "O4'" 
358 C "C3'" . DG B 4  ? 5.10036  5.62133 9.82892  2.08133  -0.09475 -0.21655 9  DG B "C3'" 
359 O "O3'" . DG B 4  ? 4.97816  5.80259 9.62726  2.13698  -0.11493 -0.21755 9  DG B "O3'" 
360 C "C2'" . DG B 4  ? 5.12837  5.73254 9.97223  2.10879  -0.21383 0.02022  9  DG B "C2'" 
361 C "C1'" . DG B 4  ? 4.73897  5.57425 9.43279  1.94249  -0.27932 -0.05919 9  DG B "C1'" 
362 N N9    . DG B 4  ? 4.73146  5.61307 9.48077  1.90626  -0.38699 0.11977  9  DG B N9    
363 C C8    . DG B 4  ? 4.91572  5.51355 9.78795  1.87781  -0.37235 0.18754  9  DG B C8    
364 N N7    . DG B 4  ? 4.91520  5.66381 9.78895  1.84262  -0.49672 0.38542  9  DG B N7    
365 C C5    . DG B 4  ? 4.72309  5.86561 9.43787  1.84352  -0.59722 0.43350  9  DG B C5    
366 C C6    . DG B 4  ? 4.64855  6.08646 9.21766  1.79857  -0.74867 0.61732  9  DG B C6    
367 O O6    . DG B 4  ? 4.73194  6.16758 9.29171  1.74848  -0.83143 0.79472  9  DG B O6    
368 N N1    . DG B 4  ? 4.47337  6.22245 8.84832  1.80544  -0.79925 0.58533  9  DG B N1    
369 C C2    . DG B 4  ? 4.37761  6.17535 8.73261  1.85166  -0.71872 0.42746  9  DG B C2    
370 N N2    . DG B 4  ? 4.22593  6.33437 8.37975  1.84691  -0.78080 0.43962  9  DG B N2    
371 N N3    . DG B 4  ? 4.43923  5.98699 8.92761  1.89179  -0.58307 0.27266  9  DG B N3    
372 C C4    . DG B 4  ? 4.61263  5.83342 9.26280  1.88421  -0.52838 0.27323  9  DG B C4    
373 P P     . DA B 5  ? 4.36712  5.20285 9.12843  2.34723  -0.10037 -0.10722 10 DA B P     
374 O OP1   . DA B 5  ? 4.33553  5.18273 8.98449  2.34772  -0.00778 -0.27075 10 DA B OP1   
375 O OP2   . DA B 5  ? 4.74616  5.25999 9.68078  2.45205  -0.09170 0.01888  10 DA B OP2   
376 O "O5'" . DA B 5  ? 4.22778  5.47171 8.98006  2.39899  -0.22865 0.06646  10 DA B "O5'" 
377 C "C5'" . DA B 5  ? 4.12813  5.66791 8.79923  2.45332  -0.23288 0.05256  10 DA B "C5'" 
378 C "C4'" . DA B 5  ? 3.90082  5.82204 8.47205  2.41080  -0.36170 0.17139  10 DA B "C4'" 
379 O "O4'" . DA B 5  ? 3.79582  5.67965 8.34153  2.30093  -0.43796 0.23162  10 DA B "O4'" 
380 C "C3'" . DA B 5  ? 4.09642  6.18807 8.75683  2.57018  -0.45358 0.33827  10 DA B "C3'" 
381 O "O3'" . DA B 5  ? 3.86154  6.33288 8.35409  2.51457  -0.55374 0.37228  10 DA B "O3'" 
382 C "C2'" . DA B 5  ? 4.28351  6.16765 9.06810  2.58140  -0.51352 0.48915  10 DA B "C2'" 
383 C "C1'" . DA B 5  ? 3.98421  5.90828 8.62508  2.39150  -0.54355 0.43793  10 DA B "C1'" 
384 N N9    . DA B 5  ? 4.09788  5.75597 8.83818  2.34945  -0.55195 0.51735  10 DA B N9    
385 C C8    . DA B 5  ? 4.26365  5.55178 9.12541  2.34925  -0.44968 0.44638  10 DA B C8    
386 N N7    . DA B 5  ? 4.33788  5.45999 9.26494  2.29925  -0.48654 0.56108  10 DA B N7    
387 C C5    . DA B 5  ? 4.20920  5.61907 9.03726  2.26286  -0.62339 0.71998  10 DA B C5    
388 C C6    . DA B 5  ? 4.21713  5.64405 9.01823  2.19794  -0.72334 0.90647  10 DA B C6    
389 N N6    . DA B 5  ? 4.35415  5.50146 9.26314  2.16222  -0.70011 0.98092  10 DA B N6    
390 N N1    . DA B 5  ? 4.09920  5.83024 8.72799  2.16301  -0.84855 1.01299  10 DA B N1    
391 C C2    . DA B 5  ? 3.98144  5.96885 8.49504  2.19230  -0.87406 0.93328  10 DA B C2    
392 N N3    . DA B 5  ? 3.94983  5.97232 8.49621  2.25656  -0.79166 0.77861  10 DA B N3    
393 C C4    . DA B 5  ? 4.06750  5.79514 8.76979  2.28988  -0.66533 0.68143  10 DA B C4    
394 P P     . DC B 6  ? 5.45322  5.73717 9.59175  1.62561  -1.65368 1.83769  11 DC B P     
395 O OP1   . DC B 6  ? 5.35826  5.76421 9.48985  1.67355  -1.60998 1.79393  11 DC B OP1   
396 O OP2   . DC B 6  ? 5.54073  5.75820 9.66297  1.67042  -1.76858 1.82111  11 DC B OP2   
397 O "O5'" . DC B 6  ? 5.46667  5.73322 9.54491  1.53816  -1.57201 1.89056  11 DC B "O5'" 
398 C "C5'" . DC B 6  ? 5.52659  5.69034 9.62536  1.46537  -1.56357 1.94731  11 DC B "C5'" 
399 C "C4'" . DC B 6  ? 5.55755  5.70468 9.57919  1.40440  -1.51705 1.98543  11 DC B "C4'" 
400 O "O4'" . DC B 6  ? 5.61390  5.65786 9.66115  1.33060  -1.50472 2.04406  11 DC B "O4'" 
401 C "C3'" . DC B 6  ? 5.61949  5.75441 9.57029  1.44183  -1.58917 1.96592  11 DC B "C3'" 
402 O "O3'" . DC B 6  ? 5.60608  5.78328 9.47670  1.40261  -1.52277 1.98252  11 DC B "O3'" 
403 C "C2'" . DC B 6  ? 5.71932  5.72727 9.69395  1.41959  -1.66073 1.99796  11 DC B "C2'" 
404 C "C1'" . DC B 6  ? 5.71055  5.66965 9.72968  1.33518  -1.58617 2.05436  11 DC B "C1'" 
405 N N1    . DC B 6  ? 5.76751  5.62429 9.86174  1.32868  -1.64691 2.07289  11 DC B N1    
406 C C2    . DC B 6  ? 5.81255  5.57928 9.92604  1.25093  -1.61831 2.13298  11 DC B C2    
407 O O2    . DC B 6  ? 5.80355  5.57684 9.87162  1.18787  -1.54156 2.17067  11 DC B O2    
408 N N3    . DC B 6  ? 5.86480  5.53929 10.04729 1.24732  -1.67582 2.14811  11 DC B N3    
409 C C4    . DC B 6  ? 5.87354  5.54414 10.10333 1.31665  -1.75843 2.10555  11 DC B C4    
410 N N4    . DC B 6  ? 5.92608  5.50478 10.22365 1.30998  -1.81289 2.12155  11 DC B N4    
411 C C5    . DC B 6  ? 5.82876  5.58964 10.03884 1.39647  -1.78902 2.04451  11 DC B C5    
412 C C6    . DC B 6  ? 5.77714  5.62798 9.91979  1.39976  -1.73194 2.03066  11 DC B C6    
413 P P     . DA B 7  ? 6.24691  6.44188 10.03016 1.44102  -1.57563 1.95869  12 DA B P     
414 O OP1   . DA B 7  ? 6.16940  6.48305 9.90028  1.45916  -1.51279 1.92974  12 DA B OP1   
415 O OP2   . DA B 7  ? 6.30644  6.45407 10.11007 1.51059  -1.69538 1.92682  12 DA B OP2   
416 O "O5'" . DA B 7  ? 6.31667  6.43263 10.05580 1.36440  -1.55489 2.01574  12 DA B "O5'" 
417 C "C5'" . DA B 7  ? 6.29714  6.39083 10.05107 1.27856  -1.46246 2.06829  12 DA B "C5'" 
418 C "C4'" . DA B 7  ? 6.38632  6.35879 10.14844 1.22408  -1.48998 2.12030  12 DA B "C4'" 
419 O "O4'" . DA B 7  ? 6.42364  6.31897 10.26651 1.24332  -1.55837 2.12091  12 DA B "O4'" 
420 C "C3'" . DA B 7  ? 6.46776  6.39807 10.16146 1.23533  -1.55256 2.12242  12 DA B "C3'" 
421 O "O3'" . DA B 7  ? 6.51906  6.37195 10.19816 1.15835  -1.52027 2.18115  12 DA B "O3'" 
422 C "C2'" . DA B 7  ? 6.52662  6.39275 10.26582 1.29522  -1.66748 2.09811  12 DA B "C2'" 
423 C "C1'" . DA B 7  ? 6.52048  6.32735 10.34507 1.25206  -1.64293 2.13117  12 DA B "C1'" 
424 N N9    . DA B 7  ? 6.55981  6.30476 10.45395 1.29642  -1.73302 2.11377  12 DA B N9    
425 C C8    . DA B 7  ? 6.54921  6.32823 10.46357 1.38019  -1.80620 2.05850  12 DA B C8    
426 N N7    . DA B 7  ? 6.59460  6.29882 10.57483 1.40143  -1.87892 2.05606  12 DA B N7    
427 C C5    . DA B 7  ? 6.63824  6.25287 10.64318 1.32648  -1.85174 2.11401  12 DA B C5    
428 C C6    . DA B 7  ? 6.69737  6.20611 10.76909 1.30635  -1.89752 2.14081  12 DA B C6    
429 N N6    . DA B 7  ? 6.72357  6.19896 10.85096 1.36234  -1.98379 2.11021  12 DA B N6    
430 N N1    . DA B 7  ? 6.72855  6.16689 10.80788 1.22622  -1.85067 2.20047  12 DA B N1    
431 C C2    . DA B 7  ? 6.70225  6.17448 10.72532 1.17054  -1.76418 2.23070  12 DA B C2    
432 N N3    . DA B 7  ? 6.64778  6.21748 10.60529 1.18147  -1.71417 2.20975  12 DA B N3    
433 C C4    . DA B 7  ? 6.61747  6.25545 10.56989 1.26159  -1.76227 2.15049  12 DA B C4    
434 P P     . DG B 8  ? 6.95938  6.85038 10.56541 1.09284  -1.42466 2.21372  13 DG B P     
435 O OP1   . DG B 8  ? 6.87112  6.82316 10.50402 1.05407  -1.32134 2.22444  13 DG B OP1   
436 O OP2   . DG B 8  ? 6.96976  6.91663 10.49345 1.13482  -1.45280 2.18093  13 DG B OP2   
437 O "O5'" . DG B 8  ? 7.04284  6.81588 10.65087 1.02567  -1.43104 2.27506  13 DG B "O5'" 
438 C "C5'" . DG B 8  ? 7.07074  6.76664 10.75544 0.98293  -1.41976 2.31306  13 DG B "C5'" 
439 C "C4'" . DG B 8  ? 7.19939  6.77517 10.90630 0.98175  -1.50538 2.33590  13 DG B "C4'" 
440 O "O4'" . DG B 8  ? 7.23282  6.78420 11.00176 1.04530  -1.59183 2.30052  13 DG B "O4'" 
441 C "C3'" . DG B 8  ? 7.24119  6.78950 10.87346 0.99434  -1.55662 2.33620  13 DG B "C3'" 
442 O "O3'" . DG B 8  ? 7.32096  6.77882 10.94732 0.92637  -1.53931 2.39482  13 DG B "O3'" 
443 C "C2'" . DG B 8  ? 7.28470  6.79873 10.94082 1.07249  -1.67495 2.29565  13 DG B "C2'" 
444 C "C1'" . DG B 8  ? 7.31213  6.78784 11.06544 1.07296  -1.68603 2.29862  13 DG B "C1'" 
445 N N9    . DG B 8  ? 7.30656  6.78757 11.09872 1.15363  -1.77545 2.24792  13 DG B N9    
446 C C8    . DG B 8  ? 7.22409  6.79681 10.99581 1.22481  -1.79859 2.19001  13 DG B C8    
447 N N7    . DG B 8  ? 7.24002  6.79226 11.05777 1.28814  -1.88368 2.15446  13 DG B N7    
448 C C5    . DG B 8  ? 7.32589  6.76622 11.19914 1.25608  -1.91844 2.19060  13 DG B C5    
449 C C6    . DG B 8  ? 7.36784  6.73949 11.30629 1.29491  -2.00669 2.17621  13 DG B C6    
450 O O6    . DG B 8  ? 7.34416  6.74088 11.30444 1.36808  -2.07424 2.12716  13 DG B O6    
451 N N1    . DG B 8  ? 7.46346  6.72669 11.44395 1.23998  -2.01275 2.22589  13 DG B N1    
452 C C2    . DG B 8  ? 7.51355  6.73955 11.47500 1.15873  -1.94245 2.28285  13 DG B C2    
453 N N2    . DG B 8  ? 7.60782  6.72606 11.61717 1.11585  -1.96071 2.32584  13 DG B N2    
454 N N3    . DG B 8  ? 7.46970  6.75919 11.36959 1.12187  -1.85962 2.29699  13 DG B N3    
455 C C4    . DG B 8  ? 7.37558  6.77117 11.23418 1.17385  -1.85258 2.24839  13 DG B C4    
456 P P     . DT B 9  ? 7.11425  6.52814 10.66674 0.92223  -1.58024 2.40948  14 DT B P     
457 O OP1   . DT B 9  ? 7.12132  6.50813 10.64603 0.83743  -1.49862 2.46706  14 DT B OP1   
458 O OP2   . DT B 9  ? 7.11650  6.61237 10.60482 0.98687  -1.61404 2.35746  14 DT B OP2   
459 O "O5'" . DT B 9  ? 7.22498  6.52385 10.82621 0.94490  -1.68192 2.41718  14 DT B "O5'" 
460 C "C5'" . DT B 9  ? 7.30799  6.52243 10.98758 0.90345  -1.67671 2.45530  14 DT B "C5'" 
461 C "C4'" . DT B 9  ? 7.42313  6.54215 11.14261 0.94041  -1.78364 2.44992  14 DT B "C4'" 
462 O "O4'" . DT B 9  ? 7.37931  6.53234 11.14328 1.01141  -1.84122 2.39718  14 DT B "O4'" 
463 C "C3'" . DT B 9  ? 7.43974  6.52798 11.09313 0.96792  -1.84898 2.44369  14 DT B "C3'" 
464 O "O3'" . DT B 9  ? 7.55026  6.54093 11.19863 0.90853  -1.84269 2.50074  14 DT B "O3'" 
465 C "C2'" . DT B 9  ? 7.46802  6.53464 11.15260 1.04861  -1.95850 2.39710  14 DT B "C2'" 
466 C "C1'" . DT B 9  ? 7.43884  6.53152 11.20440 1.06366  -1.94767 2.37718  14 DT B "C1'" 
467 N N1    . DT B 9  ? 7.34863  6.51270 11.11623 1.14790  -2.00088 2.31219  14 DT B N1    
468 C C2    . DT B 9  ? 7.37238  6.49031 11.20123 1.19834  -2.08618 2.28650  14 DT B C2    
469 O O2    . DT B 9  ? 7.47043  6.49040 11.35302 1.17737  -2.12179 2.31395  14 DT B O2    
470 N N3    . DT B 9  ? 7.31480  6.50588 11.13981 1.27503  -2.12854 2.22705  14 DT B N3    
471 C C4    . DT B 9  ? 7.25066  6.55371 11.01876 1.30583  -2.09471 2.19179  14 DT B C4    
472 O O4    . DT B 9  ? 7.23292  6.59455 11.00302 1.37666  -2.13803 2.13931  14 DT B O4    
473 C C5    . DT B 9  ? 7.22132  6.56752 10.92771 1.24901  -2.00459 2.22109  14 DT B C5    
474 C C7    . DT B 9  ? 7.18086  6.64740 10.82302 1.27509  -1.96051 2.18684  14 DT B C7    
475 C C6    . DT B 9  ? 7.25758  6.53326 10.96644 1.17368  -1.96259 2.27898  14 DT B C6    
476 P P     . DC B 10 ? 7.69137  6.55457 11.39099 0.91556  -1.92977 2.51970  15 DC B P     
477 O OP1   . DC B 10 ? 7.68019  6.51971 11.47222 0.93184  -1.95420 2.50748  15 DC B OP1   
478 O OP2   . DC B 10 ? 7.76387  6.55187 11.44561 0.84486  -1.89412 2.58119  15 DC B OP2   
479 O "O5'" . DC B 10 ? 7.74182  6.60617 11.39056 0.98889  -2.02539 2.47853  15 DC B "O5'" 
480 C "C5'" . DC B 10 ? 7.86384  6.62497 11.51864 0.99788  -2.10249 2.49472  15 DC B "C5'" 
481 C "C4'" . DC B 10 ? 7.90178  6.59548 11.64541 1.02541  -2.16973 2.48390  15 DC B "C4'" 
482 O "O4'" . DC B 10 ? 7.80907  6.58073 11.58287 1.07910  -2.18148 2.43170  15 DC B "O4'" 
483 C "C3'" . DC B 10 ? 8.00365  6.61742 11.74597 1.07072  -2.27545 2.47291  15 DC B "C3'" 
484 O "O3'" . DC B 10 ? 8.07428  6.58924 11.90010 1.05565  -2.31203 2.49471  15 DC B "O3'" 
485 C "C2'" . DC B 10 ? 7.94711  6.63393 11.67216 1.15644  -2.33410 2.40638  15 DC B "C2'" 
486 C "C1'" . DC B 10 ? 7.84301  6.60025 11.61991 1.15616  -2.28370 2.38699  15 DC B "C1'" 
487 N N1    . DC B 10 ? 7.74699  6.62099 11.48500 1.21539  -2.28284 2.33088  15 DC B N1    
488 C C2    . DC B 10 ? 7.73786  6.63355 11.50907 1.29127  -2.35577 2.27775  15 DC B C2    
489 O O2    . DC B 10 ? 7.78703  6.60453 11.61896 1.30962  -2.42289 2.27625  15 DC B O2    
490 N N3    . DC B 10 ? 7.67513  6.67844 11.40971 1.34332  -2.35043 2.22892  15 DC B N3    
491 C C4    . DC B 10 ? 7.62367  6.70940 11.29349 1.32110  -2.27659 2.23161  15 DC B C4    
492 N N4    . DC B 10 ? 7.56274  6.75275 11.19911 1.37395  -2.27329 2.18301  15 DC B N4    
493 C C5    . DC B 10 ? 7.63250  6.69758 11.26859 1.24379  -2.20241 2.28432  15 DC B C5    
494 C C6    . DC B 10 ? 7.69388  6.65338 11.36537 1.19411  -2.20862 2.33232  15 DC B C6    
495 P P     . DA B 11 ? 9.37103  7.76514 13.20204 1.05822  -2.38925 2.51819  16 DA B P     
496 O OP1   . DA B 11 ? 9.48267  7.78670 13.35241 1.01760  -2.36425 2.54238  16 DA B OP1   
497 O OP2   . DA B 11 ? 9.41579  7.81187 13.15992 1.03905  -2.37086 2.53972  16 DA B OP2   
498 O "O5'" . DA B 11 ? 9.36020  7.75778 13.19056 1.14920  -2.49132 2.45737  16 DA B "O5'" 
499 C "C5'" . DA B 11 ? 9.28968  7.71338 13.18323 1.18831  -2.51565 2.41889  16 DA B "C5'" 
500 C "C4'" . DA B 11 ? 9.27958  7.73087 13.13703 1.27887  -2.59828 2.35566  16 DA B "C4'" 
501 O "O4'" . DA B 11 ? 9.16292  7.73347 13.00904 1.31219  -2.58282 2.32163  16 DA B "O4'" 
502 C "C3'" . DA B 11 ? 9.34857  7.76200 13.09740 1.30956  -2.63602 2.34367  16 DA B "C3'" 
503 O "O3'" . DA B 11 ? 9.40661  7.75556 13.09876 1.36454  -2.67779 2.30000  16 DA B "O3'" 
504 C "C2'" . DA B 11 ? 9.27720  7.78882 13.01784 1.35190  -2.67308 2.32138  16 DA B "C2'" 
505 C "C1'" . DA B 11 ? 9.17070  7.76764 12.95256 1.37654  -2.64686 2.28416  16 DA B "C1'" 
506 N N9    . DA B 11 ? 9.06537  7.78189 12.78224 1.39069  -2.59389 2.25890  16 DA B N9    
507 C C8    . DA B 11 ? 9.03012  7.79173 12.69024 1.33899  -2.50976 2.28700  16 DA B C8    
508 N N7    . DA B 11 ? 8.93161  7.80296 12.54181 1.36597  -2.47682 2.25374  16 DA B N7    
509 C C5    . DA B 11 ? 8.90162  7.80247 12.53689 1.44192  -2.54441 2.20028  16 DA B C5    
510 C C6    . DA B 11 ? 8.80703  7.81222 12.41406 1.50263  -2.55086 2.14697  16 DA B C6    
511 N N6    . DA B 11 ? 8.74557  7.84796 12.29065 1.49418  -2.48471 2.13885  16 DA B N6    
512 N N1    . DA B 11 ? 8.81011  7.81593 12.45516 1.57266  -2.62772 2.10226  16 DA B N1    
513 C C2    . DA B 11 ? 8.88792  7.79618 12.59530 1.58026  -2.69361 2.10994  16 DA B C2    
514 N N3    . DA B 11 ? 8.98191  7.78656 12.72195 1.52674  -2.69503 2.15780  16 DA B N3    
515 C C4    . DA B 11 ? 8.98301  7.78974 12.68383 1.45843  -2.61756 2.20221  16 DA B C4    
516 P P     . DC B 12 ? 9.23628  7.53439 12.81320 1.40377  -2.71531 2.28367  17 DC B P     
517 O OP1   . DC B 12 ? 9.31516  7.51185 12.85040 1.40198  -2.70325 2.27915  17 DC B OP1   
518 O OP2   . DC B 12 ? 9.24103  7.55837 12.78470 1.36592  -2.69545 2.32242  17 DC B OP2   
519 O "O5'" . DC B 12 ? 9.19930  7.55833 12.76211 1.49492  -2.79110 2.22377  17 DC B "O5'" 
520 C "C5'" . DC B 12 ? 9.16226  7.54419 12.77823 1.53690  -2.81575 2.18412  17 DC B "C5'" 
521 C "C4'" . DC B 12 ? 9.10606  7.57082 12.72327 1.61114  -2.87946 2.13744  17 DC B "C4'" 
522 O "O4'" . DC B 12 ? 9.02836  7.57782 12.70217 1.58681  -2.86982 2.15645  17 DC B "O4'" 
523 C "C3'" . DC B 12 ? 9.15377  7.60860 12.67024 1.66870  -2.92911 2.11183  17 DC B "C3'" 
524 O "O3'" . DC B 12 ? 9.14700  7.63298 12.61964 1.73243  -2.95418 2.03903  17 DC B "O3'" 
525 C "C2'" . DC B 12 ? 9.10899  7.63819 12.62339 1.66400  -2.94156 2.12362  17 DC B "C2'" 
526 C "C1'" . DC B 12 ? 9.01584  7.61594 12.63992 1.63946  -2.92233 2.13044  17 DC B "C1'" 
527 N N1    . DC B 12 ? 8.95766  7.62968 12.56903 1.59825  -2.87010 2.15675  17 DC B N1    
528 C C2    . DC B 12 ? 8.85999  7.64419 12.42254 1.64548  -2.85926 2.11272  17 DC B C2    
529 O O2    . DC B 12 ? 8.83798  7.64732 12.41320 1.71678  -2.92391 2.06480  17 DC B O2    
530 N N3    . DC B 12 ? 8.79355  7.65491 12.29588 1.61203  -2.77860 2.12397  17 DC B N3    
531 C C4    . DC B 12 ? 8.82152  7.65106 12.31219 1.53501  -2.71098 2.17659  17 DC B C4    
532 N N4    . DC B 12 ? 8.75538  7.66336 12.18609 1.50394  -2.63254 2.18539  17 DC B N4    
533 C C5    . DC B 12 ? 8.91927  7.63476 12.45955 1.48679  -2.72093 2.22253  17 DC B C5    
534 C C6    . DC B 12 ? 8.98389  7.62454 12.58353 1.52047  -2.80058 2.21067  17 DC B C6    
535 P P     . DA B 13 ? 9.59214  8.08817 12.94821 1.79690  -2.99177 1.99344  18 DA B P     
536 O OP1   . DA B 13 ? 9.62121  8.08869 12.93870 1.83274  -2.99022 1.94937  18 DA B OP1   
537 O OP2   . DA B 13 ? 9.64495  8.09659 12.95195 1.77897  -2.99754 2.03860  18 DA B OP2   
538 O "O5'" . DA B 13 ? 9.51421  8.12127 12.87080 1.83698  -3.01899 1.94757  18 DA B "O5'" 
539 C "C5'" . DA B 13 ? 9.46254  8.12698 12.82886 1.87729  -3.02352 1.88613  18 DA B "C5'" 
540 C "C4'" . DA B 13 ? 9.43086  8.17445 12.73015 1.93584  -3.05577 1.83332  18 DA B "C4'" 
541 O "O4'" . DA B 13 ? 9.37428  8.17904 12.71725 1.91824  -3.06376 1.84957  18 DA B "O4'" 
542 C "C3'" . DA B 13 ? 9.49729  8.21480 12.68872 1.96866  -3.07677 1.82825  18 DA B "C3'" 
543 O "O3'" . DA B 13 ? 9.47705  8.25226 12.59852 2.03289  -3.09430 1.76486  18 DA B "O3'" 
544 C "C2'" . DA B 13 ? 9.49745  8.22890 12.68765 1.94459  -3.09022 1.86830  18 DA B "C2'" 
545 C "C1'" . DA B 13 ? 9.40966  8.21148 12.68895 1.92371  -3.08551 1.86875  18 DA B "C1'" 
546 N N9    . DA B 13 ? 9.40454  8.18934 12.75064 1.86091  -3.07202 1.93948  18 DA B N9    
547 C C8    . DA B 13 ? 9.45462  8.15814 12.83117 1.80658  -3.04639 2.00357  18 DA B C8    
548 N N7    . DA B 13 ? 9.43263  8.14508 12.86657 1.75502  -3.03219 2.06442  18 DA B N7    
549 C C5    . DA B 13 ? 9.33188  8.15562 12.71955 1.79587  -3.01640 2.03121  18 DA B C5    
550 C C6    . DA B 13 ? 9.24830  8.15948 12.58993 1.77148  -2.94295 2.04308  18 DA B C6    
551 N N6    . DA B 13 ? 9.25621  8.15584 12.58436 1.69426  -2.86433 2.09095  18 DA B N6    
552 N N1    . DA B 13 ? 9.15919  8.17375 12.45810 1.82474  -2.94360 1.99767  18 DA B N1    
553 C C2    . DA B 13 ? 9.16352  8.19548 12.45293 1.89253  -3.00271 1.93830  18 DA B C2    
554 N N3    . DA B 13 ? 9.23839  8.20502 12.53530 1.90667  -3.04581 1.90541  18 DA B N3    
555 C C4    . DA B 13 ? 9.32400  8.18705 12.67262 1.85610  -3.05163 1.95497  18 DA B C4    
556 P P     . DC B 14 ? 8.94205  7.70715 11.94959 2.07550  -3.11323 1.75229  19 DC B P     
557 O OP1   . DC B 14 ? 8.92593  7.72846 11.88530 2.12956  -3.11305 1.69531  19 DC B OP1   
558 O OP2   . DC B 14 ? 9.02226  7.69344 12.01604 2.04197  -3.10452 1.80519  19 DC B OP2   
559 O "O5'" . DC B 14 ? 8.92010  7.75206 11.89914 2.08841  -3.13850 1.74779  19 DC B "O5'" 
560 C "C5'" . DC B 14 ? 8.86769  7.78675 11.87451 2.10712  -3.14527 1.70861  19 DC B "C5'" 
561 C "C4'" . DC B 14 ? 8.86478  7.82645 11.87203 2.09626  -3.16466 1.72487  19 DC B "C4'" 
562 O "O4'" . DC B 14 ? 8.85947  7.77842 11.94556 2.03095  -3.15387 1.79048  19 DC B "O4'" 
563 C "C3'" . DC B 14 ? 8.91666  7.88317 11.82250 2.12558  -3.18782 1.72383  19 DC B "C3'" 
564 O "O3'" . DC B 14 ? 8.90874  7.96283 11.77039 2.17023  -3.20473 1.67386  19 DC B "O3'" 
565 C "C2'" . DC B 14 ? 8.93798  7.86508 11.87425 2.07254  -3.19217 1.78996  19 DC B "C2'" 
566 C "C1'" . DC B 14 ? 8.88181  7.81811 11.93706 2.02346  -3.17386 1.81516  19 DC B "C1'" 
567 N N1    . DC B 14 ? 8.89000  7.76823 12.00371 1.95645  -3.15736 1.89322  19 DC B N1    
568 C C2    . DC B 14 ? 8.82184  7.76557 11.92643 1.94005  -3.11427 1.92839  19 DC B C2    
569 O O2    . DC B 14 ? 8.77282  7.81631 11.83188 1.97922  -3.10106 1.89194  19 DC B O2    
570 N N3    . DC B 14 ? 8.82127  7.71730 11.96685 1.88054  -3.08654 2.00271  19 DC B N3    
571 C C4    . DC B 14 ? 8.88508  7.67294 12.07729 1.83940  -3.09962 2.03955  19 DC B C4    
572 N N4    . DC B 14 ? 8.90155  7.65531 12.10394 1.76763  -3.04253 2.09819  19 DC B N4    
573 C C5    . DC B 14 ? 8.93934  7.67408 12.10667 1.86844  -3.11917 1.99938  19 DC B C5    
574 C C6    . DC B 14 ? 8.92236  7.71159 12.04093 1.92969  -3.13841 1.92803  19 DC B C6    
575 P P     . DG B 15 ? 8.56936  7.65309 11.31443 2.21748  -3.22549 1.65260  20 DG B P     
576 O OP1   . DG B 15 ? 8.55667  7.68116 11.25013 2.27081  -3.21707 1.59802  20 DG B OP1   
577 O OP2   . DG B 15 ? 8.62750  7.64191 11.33731 2.19597  -3.23106 1.70254  20 DG B OP2   
578 O "O5'" . DG B 15 ? 8.55727  7.71214 11.30396 2.22032  -3.24539 1.64069  20 DG B "O5'" 
579 C "C5'" . DG B 15 ? 8.50466  7.68174 11.31015 2.17925  -3.21005 1.68152  20 DG B "C5'" 
580 C "C4'" . DG B 15 ? 8.46896  7.73636 11.20949 2.19610  -3.18730 1.68519  20 DG B "C4'" 
581 O "O4'" . DG B 15 ? 8.42217  7.68128 11.20482 2.14493  -3.15372 1.74995  20 DG B "O4'" 
582 C "C3'" . DG B 15 ? 8.54748  7.81070 11.19281 2.22332  -3.22297 1.67940  20 DG B "C3'" 
583 O "O3'" . DG B 15 ? 8.51025  7.88072 11.08924 2.25701  -3.20274 1.65585  20 DG B "O3'" 
584 C "C2'" . DG B 15 ? 8.58247  7.76900 11.24445 2.17314  -3.22773 1.74950  20 DG B "C2'" 
585 C "C1'" . DG B 15 ? 8.49282  7.69886 11.23399 2.12685  -3.17669 1.79229  20 DG B "C1'" 
586 N N9    . DG B 15 ? 8.51326  7.61669 11.32647 2.06887  -3.17618 1.85085  20 DG B N9    
587 C C8    . DG B 15 ? 8.56755  7.57719 11.42360 2.05654  -3.20486 1.84843  20 DG B C8    
588 N N7    . DG B 15 ? 8.58975  7.51948 11.50580 2.00003  -3.19457 1.90920  20 DG B N7    
589 C C5    . DG B 15 ? 8.53682  7.51015 11.44964 1.97215  -3.15570 1.95706  20 DG B C5    
590 C C6    . DG B 15 ? 8.53499  7.46638 11.48032 1.90075  -3.10840 2.02422  20 DG B C6    
591 O O6    . DG B 15 ? 8.57831  7.41714 11.57610 1.85403  -3.10508 2.06244  20 DG B O6    
592 N N1    . DG B 15 ? 8.48128  7.50114 11.36349 1.87124  -3.03163 2.03024  20 DG B N1    
593 C C2    . DG B 15 ? 8.43403  7.55985 11.25566 1.91776  -3.02779 1.99050  20 DG B C2    
594 N N2    . DG B 15 ? 8.39314  7.59408 11.15946 1.87859  -2.94787 2.00268  20 DG B N2    
595 N N3    . DG B 15 ? 8.44042  7.59693 11.25612 1.99749  -3.09720 1.94201  20 DG B N3    
596 C C4    . DG B 15 ? 8.48800  7.56861 11.33839 2.01423  -3.14548 1.92145  20 DG B C4    
597 P P     . DC B 16 ? 8.02544  7.41569 10.49768 2.28920  -3.23157 1.64697  21 DC B P     
598 O OP1   . DC B 16 ? 8.02913  7.53550 10.44384 2.33607  -3.21166 1.59796  21 DC B OP1   
599 O OP2   . DC B 16 ? 8.08549  7.38431 10.54107 2.29600  -3.28147 1.64106  21 DC B OP2   
600 O "O5'" . DC B 16 ? 8.06408  7.44205 10.53278 2.24740  -3.21700 1.71337  21 DC B "O5'" 
601 C "C5'" . DC B 16 ? 7.91438  7.34097 10.43276 2.21590  -3.16888 1.74497  21 DC B "C5'" 
602 C "C4'" . DC B 16 ? 7.92132  7.31100 10.44230 2.16879  -3.16195 1.81625  21 DC B "C4'" 
603 O "O4'" . DC B 16 ? 7.91034  7.19529 10.51077 2.11668  -3.16408 1.86500  21 DC B "O4'" 
604 C "C3'" . DC B 16 ? 8.03461  7.40643 10.46445 2.18580  -3.19788 1.82297  21 DC B "C3'" 
605 O "O3'" . DC B 16 ? 8.04760  7.49004 10.43508 2.17996  -3.17460 1.84798  21 DC B "O3'" 
606 C "C2'" . DC B 16 ? 8.04206  7.28993 10.50781 2.14268  -3.22170 1.87438  21 DC B "C2'" 
607 C "C1'" . DC B 16 ? 7.97487  7.19615 10.54633 2.09017  -3.18348 1.91520  21 DC B "C1'" 
608 N N1    . DC B 16 ? 8.02061  7.12245 10.65391 2.05318  -3.20140 1.94581  21 DC B N1    
609 C C2    . DC B 16 ? 8.02142  7.07212 10.67639 1.97604  -3.14882 2.00356  21 DC B C2    
610 O O2    . DC B 16 ? 7.98665  7.09759 10.59406 1.93274  -3.07363 2.02035  21 DC B O2    
611 N N3    . DC B 16 ? 8.06437  7.00355 10.78282 1.94693  -3.17274 2.03457  21 DC B N3    
612 C C4    . DC B 16 ? 8.10903  6.99552 10.85570 1.98432  -3.23101 2.00110  21 DC B C4    
613 N N4    . DC B 16 ? 8.15990  6.94519 10.95371 1.95295  -3.23704 2.02758  21 DC B N4    
614 C C5    . DC B 16 ? 8.10825  7.05815 10.80564 2.04660  -3.25222 1.92628  21 DC B C5    
615 C C6    . DC B 16 ? 8.06579  7.12127 10.70722 2.07887  -3.23539 1.90145  21 DC B C6    
616 P P     . DA B 17 ? 8.36304  7.85933 10.63388 2.22431  -3.19806 1.82188  22 DA B P     
617 O OP1   . DA B 17 ? 8.35621  7.97559 10.59615 2.25476  -3.16656 1.78624  22 DA B OP1   
618 O OP2   . DA B 17 ? 8.43911  7.87982 10.66884 2.25749  -3.24469 1.78683  22 DA B OP2   
619 O "O5'" . DA B 17 ? 8.40172  7.87100 10.63118 2.16711  -3.16686 1.87835  22 DA B "O5'" 
620 C "C5'" . DA B 17 ? 8.42192  7.77682 10.67155 2.13339  -3.19109 1.91958  22 DA B "C5'" 
621 C "C4'" . DA B 17 ? 8.30974  7.64071 10.58939 2.04126  -3.10371 1.96699  22 DA B "C4'" 
622 O "O4'" . DA B 17 ? 8.25635  7.49843 10.63300 2.01645  -3.11492 1.98448  22 DA B "O4'" 
623 C "C3'" . DA B 17 ? 8.33545  7.62305 10.55873 1.99714  -3.08601 2.01071  22 DA B "C3'" 
624 O "O3'" . DA B 17 ? 8.27562  7.60520 10.48810 1.92316  -2.98657 2.03995  22 DA B "O3'" 
625 C "C2'" . DA B 17 ? 8.37105  7.52830 10.65550 1.98274  -3.13273 2.04000  22 DA B "C2'" 
626 C "C1'" . DA B 17 ? 8.31159  7.45842 10.69376 1.96524  -3.11056 2.03375  22 DA B "C1'" 
627 N N9    . DA B 17 ? 8.35484  7.39551 10.80941 1.98218  -3.17801 2.03801  22 DA B N9    
628 C C8    . DA B 17 ? 8.37440  7.39732 10.85507 2.05415  -3.26183 1.99943  22 DA B C8    
629 N N7    . DA B 17 ? 8.41739  7.34512 10.94732 2.04127  -3.28591 2.00189  22 DA B N7    
630 C C5    . DA B 17 ? 8.42262  7.28626 10.98985 1.97313  -3.25187 2.06554  22 DA B C5    
631 C C6    . DA B 17 ? 8.47406  7.22729 11.10196 1.93320  -3.25765 2.10199  22 DA B C6    
632 N N6    . DA B 17 ? 8.48225  7.19597 11.09872 1.97362  -3.26148 2.07290  22 DA B N6    
633 N N1    . DA B 17 ? 8.48313  7.20500 11.11740 1.85547  -3.19342 2.15244  22 DA B N1    
634 C C2    . DA B 17 ? 8.43733  7.23884 11.01106 1.82098  -3.11925 2.16280  22 DA B C2    
635 N N3    . DA B 17 ? 8.38352  7.29457 10.89250 1.85220  -3.10146 2.13007  22 DA B N3    
636 C C4    . DA B 17 ? 8.38566  7.32271 10.89555 1.92945  -3.17113 2.08166  22 DA B C4    
637 P P     . DA C 1  ? 9.43827  3.99071 4.71675  -0.87251 -0.75979 1.50881  19 DA C P     
638 O OP1   . DA C 1  ? 9.68961  3.87107 4.84121  -0.85499 -0.83155 1.38443  19 DA C OP1   
639 O OP2   . DA C 1  ? 9.41338  4.39812 4.35249  -0.96467 -0.86935 1.67214  19 DA C OP2   
640 O "O5'" . DA C 1  ? 9.07487  4.17777 5.04831  -0.78935 -0.89123 1.30016  19 DA C "O5'" 
641 C "C5'" . DA C 1  ? 8.77481  3.98428 5.58477  -0.63110 -0.64584 1.02945  19 DA C "C5'" 
642 C "C4'" . DA C 1  ? 8.97654  4.49738 6.18449  -0.58854 -0.42282 1.06514  19 DA C "C4'" 
643 O "O4'" . DA C 1  ? 9.52387  5.07863 6.11613  -0.71666 -0.47176 1.38205  19 DA C "O4'" 
644 C "C3'" . DA C 1  ? 9.06718  4.36858 6.73270  -0.47482 0.02356  0.96679  19 DA C "C3'" 
645 O "O3'" . DA C 1  ? 9.08301  4.78004 7.42850  -0.38452 0.17122  0.84432  19 DA C "O3'" 
646 C "C2'" . DA C 1  ? 9.47258  4.47259 6.49615  -0.56964 0.17564  1.26663  19 DA C "C2'" 
647 C "C1'" . DA C 1  ? 9.73186  5.08855 6.35771  -0.68737 -0.09633 1.48170  19 DA C "C1'" 
648 N N9    . DA C 1  ? 9.91550  5.03105 5.71401  -0.82560 -0.13718 1.79697  19 DA C N9    
649 C C8    . DA C 1  ? 9.72906  4.60365 5.12079  -0.86258 -0.17131 1.82869  19 DA C C8    
650 N N7    . DA C 1  ? 9.52265  4.86009 4.83041  -0.87267 -0.17885 1.89611  19 DA C N7    
651 C C5    . DA C 1  ? 9.70435  5.45528 5.21191  -0.86125 -0.15278 1.97452  19 DA C C5    
652 C C6    . DA C 1  ? 9.61195  5.91888 5.22618  -0.82859 -0.12942 2.04581  19 DA C C6    
653 N N6    . DA C 1  ? 9.22409  5.74819 4.77869  -0.80298 -0.12746 2.05058  19 DA C N6    
654 N N1    . DA C 1  ? 9.83677  6.43931 5.65550  -0.80718 -0.09760 2.10445  19 DA C N1    
655 C C2    . DA C 1  ? 10.25597 6.62400 6.17247  -0.83970 -0.09728 2.10090  19 DA C C2    
656 N N3    . DA C 1  ? 10.47558 6.29279 6.36059  -0.86640 -0.11240 2.03039  19 DA C N3    
657 C C4    . DA C 1  ? 10.11634 5.64509 5.79026  -0.86566 -0.13760 1.96504  19 DA C C4    
658 P P     . DC C 2  ? 8.61471  4.45373 7.86785  -0.22196 0.30318  0.48036  20 DC C P     
659 O OP1   . DC C 2  ? 8.22651  4.44042 7.65305  -0.22536 -0.05876 0.34635  20 DC C OP1   
660 O OP2   . DC C 2  ? 8.63001  3.99229 7.94885  -0.15657 0.53059  0.36683  20 DC C OP2   
661 O "O5'" . DC C 2  ? 8.95239  5.06593 8.76476  -0.14617 0.60535  0.45315  20 DC C "O5'" 
662 C "C5'" . DC C 2  ? 9.49728  5.43538 9.02829  -0.18104 0.87173  0.67852  20 DC C "C5'" 
663 C "C4'" . DC C 2  ? 9.81500  6.17118 9.29611  -0.23435 0.80092  0.84348  20 DC C "C4'" 
664 O "O4'" . DC C 2  ? 9.88385  6.12950 8.51709  -0.38384 0.62366  1.16225  20 DC C "O4'" 
665 C "C3'" . DC C 2  ? 10.23611 6.65769 10.10066 -0.16435 1.18185  0.86797  20 DC C "C3'" 
666 O "O3'" . DC C 2  ? 10.34391 7.26089 10.40912 -0.17809 1.07845  0.91066  20 DC C "O3'" 
667 C "C2'" . DC C 2  ? 10.45601 6.49325 9.62237  -0.25051 1.31828  1.16069  20 DC C "C2'" 
668 C "C1'" . DC C 2  ? 10.26519 6.38272 8.71133  -0.39943 0.91264  1.36505  20 DC C "C1'" 
669 N N1    . DC C 2  ? 10.24830 5.91738 7.89614  -0.50420 0.89425  1.59584  20 DC C N1    
670 C C2    . DC C 2  ? 10.32402 5.99058 7.35741  -0.61617 0.87438  1.91050  20 DC C C2    
671 O O2    . DC C 2  ? 10.35222 6.38177 7.51793  -0.62284 0.88359  1.99607  20 DC C O2    
672 N N3    . DC C 2  ? 10.25202 5.66477 6.68732  -0.69496 0.82267  2.06611  20 DC C N3    
673 C C4    . DC C 2  ? 10.18798 5.20159 6.48796  -0.68607 0.81908  1.97037  20 DC C C4    
674 N N4    . DC C 2  ? 9.91309  5.05372 5.94783  -0.71531 0.72526  2.01429  20 DC C N4    
675 C C5    . DC C 2  ? 10.09619 4.96924 6.90019  -0.58773 0.85991  1.69482  20 DC C C5    
676 C C6    . DC C 2  ? 10.08851 5.36457 7.60173  -0.49289 0.88261  1.49773  20 DC C C6    
677 P P     . DA C 3  ? 9.51845  6.68154 10.27192 -0.07089 1.41563  0.81973  21 DA C P     
678 O OP1   . DA C 3  ? 9.20275  6.82060 10.60910 -0.00259 1.27224  0.57231  21 DA C OP1   
679 O OP2   . DA C 3  ? 9.87513  6.63431 10.82636 0.01222  1.81992  0.76044  21 DA C OP2   
680 O "O5'" . DA C 3  ? 9.46240  6.79429 9.75591  -0.16621 1.40268  1.13665  21 DA C "O5'" 
681 C "C5'" . DA C 3  ? 9.38253  6.47804 8.81000  -0.30059 1.25580  1.42946  21 DA C "C5'" 
682 C "C4'" . DA C 3  ? 9.46999  6.30688 8.63567  -0.30839 1.58850  1.64195  21 DA C "C4'" 
683 O "O4'" . DA C 3  ? 9.54842  5.95619 7.95591  -0.40563 1.53190  1.83921  21 DA C "O4'" 
684 C "C3'" . DA C 3  ? 9.86638  6.51305 9.63429  -0.16984 2.02852  1.47388  21 DA C "C3'" 
685 O "O3'" . DA C 3  ? 9.63381  6.45943 9.58225  -0.13978 2.27694  1.58538  21 DA C "O3'" 
686 C "C2'" . DA C 3  ? 10.06387 6.14492 9.37707  -0.19327 2.17398  1.56104  21 DA C "C2'" 
687 C "C1'" . DA C 3  ? 9.80964  5.83704 8.24341  -0.35023 1.91748  1.87292  21 DA C "C1'" 
688 N N9    . DA C 3  ? 9.87008  5.42150 7.72893  -0.41347 1.87175  1.95630  21 DA C N9    
689 C C8    . DA C 3  ? 9.88515  5.14870 7.88187  -0.36772 1.86452  1.75923  21 DA C C8    
690 N N7    . DA C 3  ? 9.78534  4.76740 7.22221  -0.43689 1.77259  1.85457  21 DA C N7    
691 C C5    . DA C 3  ? 9.60324  4.98780 6.71489  -0.51451 1.60646  2.02335  21 DA C C5    
692 C C6    . DA C 3  ? 9.30262  4.86246 6.04337  -0.58662 1.41073  2.11714  21 DA C C6    
693 N N6    . DA C 3  ? 9.38183  4.67624 5.90061  -0.59675 1.36414  2.07168  21 DA C N6    
694 N N1    . DA C 3  ? 8.99951  5.06026 5.70519  -0.63649 1.27611  2.24800  21 DA C N1    
695 C C2    . DA C 3  ? 8.93894  5.26355 5.85349  -0.63143 1.31516  2.28707  21 DA C C2    
696 N N3    . DA C 3  ? 9.22094  5.40274 6.42381  -0.56764 1.50161  2.21527  21 DA C N3    
697 C C4    . DA C 3  ? 9.60315  5.32493 6.94072  -0.50475 1.65188  2.08346  21 DA C C4    
698 P P     . DC C 4  ? 8.78095  6.18540 9.23236  -0.10681 2.19534  1.51116  22 DC C P     
699 O OP1   . DC C 4  ? 9.07470  6.67550 10.12178 -0.03366 2.05780  1.19315  22 DC C OP1   
700 O OP2   . DC C 4  ? 8.36008  5.81260 9.09926  -0.04094 2.56561  1.57531  22 DC C OP2   
701 O "O5'" . DC C 4  ? 8.16588  5.80832 7.94883  -0.25483 1.81569  1.76867  22 DC C "O5'" 
702 C "C5'" . DC C 4  ? 7.30578  5.33201 7.10316  -0.28048 1.80273  1.91479  22 DC C "C5'" 
703 C "C4'" . DC C 4  ? 6.81166  5.32688 6.88076  -0.29378 1.47357  1.79506  22 DC C "C4'" 
704 O "O4'" . DC C 4  ? 6.31420  5.14932 7.18080  -0.17772 1.67341  1.60354  22 DC C "O4'" 
705 C "C3'" . DC C 4  ? 7.38555  5.86437 7.53150  -0.29488 1.19660  1.58810  22 DC C "C3'" 
706 O "O3'" . DC C 4  ? 6.94862  5.75026 6.79633  -0.39136 0.77984  1.66022  22 DC C "O3'" 
707 C "C2'" . DC C 4  ? 7.55235  6.19194 8.61034  -0.14872 1.37540  1.25385  22 DC C "C2'" 
708 C "C1'" . DC C 4  ? 6.67662  5.68365 8.08994  -0.11189 1.53634  1.30118  22 DC C "C1'" 
709 N N1    . DC C 4  ? 6.66791  5.71104 8.90540  0.03543  1.89264  1.05518  22 DC C N1    
710 C C2    . DC C 4  ? 6.13110  5.63254 9.03561  0.10285  1.85776  0.85841  22 DC C C2    
711 O O2    . DC C 4  ? 5.69027  5.55877 8.48382  0.04007  1.53101  0.89661  22 DC C O2    
712 N N3    . DC C 4  ? 6.06151  5.59046 9.71184  0.23343  2.18388  0.63089  22 DC C N3    
713 C C4    . DC C 4  ? 6.50175  5.62191 10.24145 0.29694  2.53142  0.59836  22 DC C C4    
714 N N4    . DC C 4  ? 6.30685  5.46987 10.79291 0.42383  2.84831  0.36953  22 DC C N4    
715 C C5    . DC C 4  ? 7.08892  5.73782 10.15514 0.23175  2.57075  0.79800  22 DC C C5    
716 C C6    . DC C 4  ? 7.14780  5.77648 9.48294  0.10189  2.24690  1.01945  22 DC C C6    
717 P P     . DC C 5  ? 6.74795  5.48897 6.41211  -0.43410 0.41720  1.53833  23 DC C P     
718 O OP1   . DC C 5  ? 6.57087  5.20457 5.36200  -0.58758 0.14296  1.81757  23 DC C OP1   
719 O OP2   . DC C 5  ? 7.49598  5.89048 7.49811  -0.33853 0.60535  1.31053  23 DC C OP2   
720 O "O5'" . DC C 5  ? 6.29665  5.58251 6.48409  -0.39987 0.17795  1.35228  23 DC C "O5'" 
721 C "C5'" . DC C 5  ? 5.56349  5.27046 5.62300  -0.46474 0.01093  1.50868  23 DC C "C5'" 
722 C "C4'" . DC C 5  ? 5.19301  5.38783 5.86083  -0.40891 -0.16973 1.28246  23 DC C "C4'" 
723 O "O4'" . DC C 5  ? 5.07823  5.40425 6.54149  -0.27308 0.16067  1.07904  23 DC C "O4'" 
724 C "C3'" . DC C 5  ? 5.55122  5.73768 6.34646  -0.39293 -0.43528 1.06372  23 DC C "C3'" 
725 O "O3'" . DC C 5  ? 4.98242  5.63599 5.89414  -0.42365 -0.77202 1.01255  23 DC C "O3'" 
726 C "C2'" . DC C 5  ? 5.94907  6.04595 7.50999  -0.24232 -0.14157 0.76178  23 DC C "C2'" 
727 C "C1'" . DC C 5  ? 5.44097  5.81047 7.48632  -0.17786 0.13183  0.75743  23 DC C "C1'" 
728 N N1    . DC C 5  ? 5.83641  5.97626 8.42349  -0.05295 0.55462  0.58917  23 DC C N1    
729 C C2    . DC C 5  ? 5.51327  5.94348 8.94715  0.06783  0.72011  0.32651  23 DC C C2    
730 O O2    . DC C 5  ? 4.89127  5.77475 8.62008  0.07051  0.51290  0.23759  23 DC C O2    
731 N N3    . DC C 5  ? 5.87531  6.07763 9.78252  0.17787  1.10883  0.17606  23 DC C N3    
732 C C4    . DC C 5  ? 6.52619  6.23912 10.09251 0.17165  1.32185  0.27888  23 DC C C4    
733 N N4    . DC C 5  ? 6.83181  6.33215 10.88105 0.28157  1.70362  0.12556  23 DC C N4    
734 C C5    . DC C 5  ? 6.85024  6.26792 9.56357  0.05110  1.15501  0.54221  23 DC C C5    
735 C C6    . DC C 5  ? 6.48487  6.12805 8.73805  -0.05817 0.77623  0.68739  23 DC C C6    
736 P P     . DG C 6  ? 4.85850  5.55217 5.67912  -0.44877 -1.15351 0.87111  24 DG C P     
737 O OP1   . DG C 6  ? 4.14272  5.34989 5.05528  -0.48686 -1.46355 0.86742  24 DG C OP1   
738 O OP2   . DG C 6  ? 5.32432  5.57663 5.40054  -0.54249 -1.25955 1.03821  24 DG C OP2   
739 O "O5'" . DG C 6  ? 4.96464  5.60084 6.55220  -0.29940 -0.97859 0.51520  24 DG C "O5'" 
740 C "C5'" . DG C 6  ? 4.43054  5.41363 6.50633  -0.24434 -1.19610 0.26810  24 DG C "C5'" 
741 C "C4'" . DG C 6  ? 4.13502  5.37465 7.09825  -0.10879 -0.93182 0.02131  24 DG C "C4'" 
742 O "O4'" . DG C 6  ? 4.58713  5.59924 7.64928  -0.06834 -0.52030 0.09679  24 DG C "O4'" 
743 C "C3'" . DG C 6  ? 3.86479  5.04889 7.41954  0.00887  -0.88124 -0.31263 24 DG C "C3'" 
744 O "O3'" . DG C 6  ? 3.45666  5.01579 7.22495  0.01334  -1.21897 -0.46367 24 DG C "O3'" 
745 C "C2'" . DG C 6  ? 3.80598  5.08056 8.09035  0.12804  -0.48456 -0.47141 24 DG C "C2'" 
746 C "C1'" . DG C 6  ? 4.39588  5.47507 8.27713  0.07273  -0.24448 -0.18856 24 DG C "C1'" 
747 N N9    . DG C 6  ? 5.08410  5.68636 8.96067  0.12238  0.11419  -0.19011 24 DG C N9    
748 C C8    . DG C 6  ? 5.74901  5.89541 8.95299  0.04986  0.16210  0.02533  24 DG C C8    
749 N N7    . DG C 6  ? 6.27356  6.05998 9.64798  0.11938  0.51685  -0.02839 24 DG C N7    
750 C C5    . DG C 6  ? 5.91169  5.92917 10.13483 0.24663  0.71982  -0.30151 24 DG C C5    
751 C C6    . DG C 6  ? 6.13042  5.93953 10.88529 0.36311  1.11947  -0.47351 24 DG C C6    
752 O O6    . DG C 6  ? 6.78479  6.15690 11.36921 0.38003  1.37850  -0.41812 24 DG C O6    
753 N N1    . DG C 6  ? 5.41625  5.58988 10.98639 0.46700  1.20859  -0.73890 24 DG C N1    
754 C C2    . DG C 6  ? 4.64569  5.31810 10.47717 0.45969  0.94500  -0.82450 24 DG C C2    
755 N N2    . DG C 6  ? 3.96371  4.93373 10.60407 0.56786  1.08493  -1.09095 24 DG C N2    
756 N N3    . DG C 6  ? 4.50060  5.36953 9.83490  0.35241  0.56871  -0.66205 24 DG C N3    
757 C C4    . DG C 6  ? 5.14688  5.66532 9.68514  0.24922  0.47735  -0.40334 24 DG C C4    
758 P P     . DT C 7  ? 4.26565  5.74882 8.38106  0.09547  -1.32841 -0.75900 25 DT C P     
759 O OP1   . DT C 7  ? 4.02376  5.57866 7.64263  0.00570  -1.76214 -0.68478 25 DT C OP1   
760 O OP2   . DT C 7  ? 4.53557  5.53593 8.71420  0.15796  -1.01831 -0.82938 25 DT C OP2   
761 O "O5'" . DT C 7  ? 3.61633  5.56745 8.63649  0.21136  -1.26729 -1.04968 25 DT C "O5'" 
762 C "C5'" . DT C 7  ? 3.24661  5.15174 8.88944  0.33619  -1.14683 -1.36776 25 DT C "C5'" 
763 C "C4'" . DT C 7  ? 3.01739  5.06161 9.40457  0.44545  -0.77214 -1.53400 25 DT C "C4'" 
764 O "O4'" . DT C 7  ? 3.73793  5.42000 9.89963  0.43314  -0.42863 -1.36153 25 DT C "O4'" 
765 C "C3'" . DT C 7  ? 2.90829  4.82955 9.81766  0.55395  -0.61290 -1.85477 25 DT C "C3'" 
766 O "O3'" . DT C 7  ? 2.91129  4.84756 9.87690  0.53271  -0.42654 -1.92262 25 DT C "O3'" 
767 C "C2'" . DT C 7  ? 3.19881  4.68306 10.16340 0.61059  -0.29665 -1.85064 25 DT C "C2'" 
768 C "C1'" . DT C 7  ? 3.69578  5.12065 10.34182 0.54623  -0.10286 -1.57494 25 DT C "C1'" 
769 N N1    . DT C 7  ? 4.54590  5.42692 10.67444 0.50871  0.10353  -1.38725 25 DT C N1    
770 C C2    . DT C 7  ? 4.82633  5.41207 11.32616 0.60277  0.48480  -1.51815 25 DT C C2    
771 O O2    . DT C 7  ? 4.43584  5.15016 11.52230 0.66897  0.64512  -1.74903 25 DT C O2    
772 N N3    . DT C 7  ? 5.62137  5.71765 11.58902 0.55817  0.64697  -1.32427 25 DT C N3    
773 C C4    . DT C 7  ? 6.10445  5.98650 11.22819 0.43060  0.47147  -1.02183 25 DT C C4    
774 O O4    . DT C 7  ? 6.77552  6.21769 11.47408 0.39954  0.64206  -0.86826 25 DT C O4    
775 C C5    . DT C 7  ? 5.71184  5.92484 10.48831 0.33531  0.07428  -0.90058 25 DT C C5    
776 C C7    . DT C 7  ? 6.08027  6.10460 9.94776  0.19068  -0.14473 -0.57874 25 DT C C7    
777 C C6    . DT C 7  ? 4.97318  5.66251 10.26233 0.37919  -0.08865 -1.08585 25 DT C C6    
778 O "O5'" . DC D 1  ? 9.94390  5.74796 8.07795  -0.43501 -0.87875 3.70416  2  DC F "O5'" 
779 C "C5'" . DC D 1  ? 9.97070  5.60312 8.51290  -0.91172 -0.89280 3.64280  2  DC F "C5'" 
780 C "C4'" . DC D 1  ? 9.95870  5.67739 8.23593  -1.05416 -1.00667 3.59109  2  DC F "C4'" 
781 O "O4'" . DC D 1  ? 9.96367  5.81779 8.08595  -1.14825 -1.01292 3.61702  2  DC F "O4'" 
782 C "C3'" . DC D 1  ? 9.87684  5.79503 7.66907  -0.67450 -1.08189 3.57678  2  DC F "C3'" 
783 O "O3'" . DC D 1  ? 9.87180  5.67327 7.72101  -0.83438 -1.16090 3.49284  2  DC F "O3'" 
784 C "C2'" . DC D 1  ? 9.82728  5.98719 7.23836  -0.61884 -1.12108 3.55492  2  DC F "C2'" 
785 C "C1'" . DC D 1  ? 9.91612  5.94025 7.58779  -1.06821 -1.12304 3.56445  2  DC F "C1'" 
786 N N1    . DC D 1  ? 9.89185  6.12703 7.29482  -1.00452 -1.11247 3.58601  2  DC F N1    
787 C C2    . DC D 1  ? 9.95354  6.11444 7.61577  -1.35140 -1.06194 3.60627  2  DC F C2    
788 O O2    . DC D 1  ? 10.00398 5.94678 8.18024  -1.70182 -0.98109 3.55788  2  DC F O2    
789 N N3    . DC D 1  ? 9.92807  6.28810 7.33116  -1.28468 -1.05371 3.62501  2  DC F N3    
790 C C4    . DC D 1  ? 9.83654  6.45465 6.78451  -0.87994 -1.06579 3.59089  2  DC F C4    
791 N N4    . DC D 1  ? 9.80490  6.60927 6.54480  -0.81158 -1.03002 3.57999  2  DC F N4    
792 C C5    . DC D 1  ? 9.74998  6.46091 6.49933  -0.52006 -1.06552 3.53397  2  DC F C5    
793 C C6    . DC D 1  ? 9.78425  6.30290 6.75167  -0.60459 -1.10223 3.54536  2  DC F C6    
794 P P     . DT D 2  ? 10.04626 6.06672 7.47613  -0.58396 -1.23473 3.41864  3  DT F P     
795 O OP1   . DT D 2  ? 10.05933 5.89946 7.64890  -0.71297 -1.28858 3.35962  3  DT F OP1   
796 O OP2   . DT D 2  ? 9.87053  6.18127 7.04153  -0.07141 -1.10933 3.44869  3  DT F OP2   
797 O "O5'" . DT D 2  ? 10.05870 6.15562 7.23156  -0.83204 -1.33865 3.33117  3  DT F "O5'" 
798 C "C5'" . DT D 2  ? 10.20878 6.07090 7.44640  -1.27972 -1.44282 3.22371  3  DT F "C5'" 
799 C "C4'" . DT D 2  ? 10.42303 6.00271 8.19685  -1.66437 -1.34938 3.21761  3  DT F "C4'" 
800 O "O4'" . DT D 2  ? 10.54652 6.19779 8.40231  -1.72626 -1.27190 3.28196  3  DT F "O4'" 
801 C "C3'" . DT D 2  ? 10.46588 5.85631 8.44801  -2.14209 -1.34266 3.00135  3  DT F "C3'" 
802 O "O3'" . DT D 2  ? 10.40874 5.65710 9.09448  -2.37322 -1.15155 2.87017  3  DT F "O3'" 
803 C "C2'" . DT D 2  ? 10.54582 6.03346 8.33534  -2.34079 -1.34631 2.94946  3  DT F "C2'" 
804 C "C1'" . DT D 2  ? 10.61387 6.20218 8.54879  -2.15546 -1.25512 3.12856  3  DT F "C1'" 
805 N N1    . DT D 2  ? 10.71145 6.51793 8.21796  -2.04591 -1.30463 3.19749  3  DT F N1    
806 C C2    . DT D 2  ? 10.75499 6.56816 8.49420  -2.33543 -1.20117 3.15003  3  DT F C2    
807 O O2    . DT D 2  ? 10.63675 6.34747 8.99974  -2.67169 -1.03789 2.98520  3  DT F O2    
808 N N3    . DT D 2  ? 10.86308 6.89591 8.16224  -2.18552 -1.25222 3.21679  3  DT F N3    
809 C C4    . DT D 2  ? 10.87193 7.16473 7.65010  -1.76330 -1.34077 3.24556  3  DT F C4    
810 O O4    . DT D 2  ? 10.93364 7.45543 7.44932  -1.63027 -1.32705 3.23410  3  DT F O4    
811 C C5    . DT D 2  ? 10.68259 7.00343 7.36236  -1.47655 -1.38865 3.22923  3  DT F C5    
812 C C7    . DT D 2  ? 10.35386 7.01871 6.69852  -1.00483 -1.36479 3.16803  3  DT F C7    
813 C C6    . DT D 2  ? 10.65295 6.71733 7.64551  -1.63591 -1.39498 3.23514  3  DT F C6    
814 P P     . DG D 3  ? 10.53821 5.72014 9.68175  -2.74013 -1.04103 2.51338  4  DG F P     
815 O OP1   . DG D 3  ? 10.55110 5.62053 9.99162  -2.62849 -0.97230 2.51022  4  DG F OP1   
816 O OP2   . DG D 3  ? 10.53534 5.75217 9.22590  -2.85283 -1.19172 2.41362  4  DG F OP2   
817 O "O5'" . DG D 3  ? 10.48065 5.78541 10.27521 -3.05199 -0.78522 2.22804  4  DG F "O5'" 
818 C "C5'" . DG D 3  ? 10.49202 5.88846 10.20056 -3.05817 -0.77114 2.33730  4  DG F "C5'" 
819 C "C4'" . DG D 3  ? 10.39734 5.97894 10.22981 -3.34943 -0.71003 2.03676  4  DG F "C4'" 
820 O "O4'" . DG D 3  ? 10.46272 6.09075 9.73882  -3.28349 -0.84902 2.25617  4  DG F "O4'" 
821 C "C3'" . DG D 3  ? 10.33458 5.95496 10.03776 -3.47147 -0.78172 1.79944  4  DG F "C3'" 
822 O "O3'" . DG D 3  ? 10.17909 6.02256 10.57147 -3.69352 -0.55741 1.35573  4  DG F "O3'" 
823 C "C2'" . DG D 3  ? 10.40134 6.02804 9.32575  -3.44550 -0.99466 1.94720  4  DG F "C2'" 
824 C "C1'" . DG D 3  ? 10.41799 6.13658 9.40902  -3.45056 -0.92418 2.06001  4  DG F "C1'" 
825 N N9    . DG D 3  ? 10.54107 6.25254 8.71776  -3.30358 -1.11320 2.33254  4  DG F N9    
826 C C8    . DG D 3  ? 10.76351 6.41365 8.19032  -3.00622 -1.32970 2.57270  4  DG F C8    
827 N N7    . DG D 3  ? 10.92053 6.71951 7.77817  -2.84208 -1.42423 2.69090  4  DG F N7    
828 C C5    . DG D 3  ? 10.84991 6.71825 8.02056  -3.10136 -1.28505 2.59828  4  DG F C5    
829 C C6    . DG D 3  ? 10.95623 6.99556 7.77610  -3.06751 -1.29722 2.65680  4  DG F C6    
830 O O6    . DG D 3  ? 11.11622 7.34131 7.33555  -2.75753 -1.41677 2.74540  4  DG F O6    
831 N N1    . DG D 3  ? 10.76577 6.87107 8.16344  -3.37803 -1.11394 2.48911  4  DG F N1    
832 C C2    . DG D 3  ? 10.45394 6.57706 8.74612  -3.60713 -0.92340 2.20766  4  DG F C2    
833 N N2    . DG D 3  ? 10.29850 6.61711 9.14208  -3.78671 -0.74857 1.99005  4  DG F N2    
834 N N3    . DG D 3  ? 10.40550 6.42131 9.04976  -3.59798 -0.89273 2.11359  4  DG F N3    
835 C C4    . DG D 3  ? 10.58103 6.42977 8.60455  -3.37416 -1.08867 2.34968  4  DG F C4    
836 P P     . DT D 4  ? 9.66733  5.57892 10.37032 -3.76148 -0.49527 1.05139  5  DT F P     
837 O OP1   . DT D 4  ? 9.70394  5.52213 10.88092 -3.73099 -0.31359 1.00808  5  DT F OP1   
838 O OP2   . DT D 4  ? 9.71315  5.51702 9.68168  -3.69445 -0.75393 1.19487  5  DT F OP2   
839 O "O5'" . DT D 4  ? 9.48597  5.72764 10.77887 -3.92126 -0.33120 0.62579  5  DT F "O5'" 
840 C "C5'" . DT D 4  ? 9.41888  5.79355 10.33009 -3.96052 -0.46256 0.57703  5  DT F "C5'" 
841 C "C4'" . DT D 4  ? 9.43223  5.86023 10.28781 -3.98958 -0.43928 0.67662  5  DT F "C4'" 
842 O "O4'" . DT D 4  ? 9.59515  5.80893 9.54909  -3.90891 -0.65911 1.07061  5  DT F "O4'" 
843 C "C3'" . DT D 4  ? 9.26723  5.97139 10.31814 -4.06363 -0.41287 0.41459  5  DT F "C3'" 
844 O "O3'" . DT D 4  ? 9.19774  6.03899 10.87754 -4.10246 -0.24660 0.32183  5  DT F "O3'" 
845 C "C2'" . DT D 4  ? 9.36776  5.97554 9.42457  -4.05596 -0.62347 0.63781  5  DT F "C2'" 
846 C "C1'" . DT D 4  ? 9.56449  5.90137 9.19126  -3.96982 -0.71123 1.05365  5  DT F "C1'" 
847 N N1    . DT D 4  ? 9.72138  5.85919 8.30967  -3.88688 -0.96419 1.37300  5  DT F N1    
848 C C2    . DT D 4  ? 9.76599  5.93918 7.85341  -3.89855 -1.03292 1.50847  5  DT F C2    
849 O O2    . DT D 4  ? 9.67319  6.03505 8.13037  -3.98863 -0.90474 1.37681  5  DT F O2    
850 N N3    . DT D 4  ? 9.91670  5.91893 7.05343  -3.75976 -1.25145 1.80241  5  DT F N3    
851 C C4    . DT D 4  ? 10.00628 5.82987 6.68580  -3.58905 -1.41290 1.95743  5  DT F C4    
852 O O4    . DT D 4  ? 10.06894 5.89004 5.98127  -3.34351 -1.58788 2.14907  5  DT F O4    
853 C C5    . DT D 4  ? 9.95554  5.72031 7.20598  -3.62878 -1.34323 1.81327  5  DT F C5    
854 C C7    . DT D 4  ? 10.02786 5.61591 6.88158  -3.45018 -1.50532 1.95649  5  DT F C7    
855 C C6    . DT D 4  ? 9.81923  5.74835 7.97585  -3.77340 -1.11868 1.53089  5  DT F C6    
# 
